data_1PFD
#
_entry.id   1PFD
#
_cell.length_a   1.000
_cell.length_b   1.000
_cell.length_c   1.000
_cell.angle_alpha   90.00
_cell.angle_beta   90.00
_cell.angle_gamma   90.00
#
_symmetry.space_group_name_H-M   'P 1'
#
loop_
_entity.id
_entity.type
_entity.pdbx_description
1 polymer FERREDOXIN
2 non-polymer 'FE2/S2 (INORGANIC) CLUSTER'
#
_entity_poly.entity_id   1
_entity_poly.type   'polypeptide(L)'
_entity_poly.pdbx_seq_one_letter_code
;ATYNVKLITPDGEVEFKCDDDVYVLDQAEEEGIDIPYSCRAGSCSSCAGKVVSGSIDQSDQSFLDDEQMDAGYVLTCHAY
PTSDVVIETHKEEEIV
;
_entity_poly.pdbx_strand_id   A
#
loop_
_chem_comp.id
_chem_comp.type
_chem_comp.name
_chem_comp.formula
FES non-polymer 'FE2/S2 (INORGANIC) CLUSTER' 'Fe2 S2'
#
# COMPACT_ATOMS: atom_id res chain seq x y z
N ALA A 1 6.57 14.30 4.78
CA ALA A 1 5.80 15.13 5.70
C ALA A 1 4.33 15.14 5.27
N THR A 2 3.60 14.07 5.61
CA THR A 2 2.15 13.99 5.41
C THR A 2 1.76 14.18 3.94
N TYR A 3 1.92 13.11 3.15
CA TYR A 3 1.76 13.17 1.70
C TYR A 3 0.39 12.70 1.24
N ASN A 4 0.05 13.13 0.02
CA ASN A 4 -1.19 12.82 -0.68
C ASN A 4 -1.07 11.46 -1.35
N VAL A 5 -1.46 10.41 -0.65
CA VAL A 5 -1.42 9.06 -1.21
C VAL A 5 -2.74 8.77 -1.90
N LYS A 6 -2.72 8.41 -3.19
CA LYS A 6 -3.88 7.83 -3.83
C LYS A 6 -3.88 6.31 -3.69
N LEU A 7 -5.02 5.77 -3.28
CA LEU A 7 -5.33 4.37 -3.36
C LEU A 7 -6.43 4.19 -4.38
N ILE A 8 -6.09 3.73 -5.59
CA ILE A 8 -7.07 3.35 -6.60
C ILE A 8 -7.72 2.08 -6.09
N THR A 9 -8.86 2.24 -5.42
CA THR A 9 -9.69 1.15 -4.97
C THR A 9 -10.75 0.86 -6.04
N PRO A 10 -11.30 -0.36 -6.07
CA PRO A 10 -12.38 -0.74 -6.96
C PRO A 10 -13.58 0.21 -6.88
N ASP A 11 -13.83 0.71 -5.65
CA ASP A 11 -14.86 1.68 -5.30
C ASP A 11 -14.73 2.95 -6.14
N GLY A 12 -13.50 3.26 -6.54
CA GLY A 12 -13.17 4.35 -7.42
C GLY A 12 -12.36 5.40 -6.68
N GLU A 13 -11.19 4.99 -6.17
CA GLU A 13 -10.13 5.81 -5.60
C GLU A 13 -10.46 6.37 -4.22
N VAL A 14 -9.45 6.42 -3.35
CA VAL A 14 -9.48 7.09 -2.07
C VAL A 14 -8.13 7.79 -1.85
N GLU A 15 -8.01 9.01 -2.36
CA GLU A 15 -6.91 9.90 -2.01
C GLU A 15 -7.00 10.30 -0.55
N PHE A 16 -5.89 10.20 0.16
CA PHE A 16 -5.83 10.45 1.59
C PHE A 16 -4.44 10.91 2.04
N LYS A 17 -4.33 11.42 3.26
CA LYS A 17 -3.08 11.91 3.79
C LYS A 17 -2.40 10.84 4.64
N CYS A 18 -1.17 10.49 4.25
CA CYS A 18 -0.39 9.49 4.94
C CYS A 18 0.97 10.02 5.32
N ASP A 19 1.29 9.96 6.62
CA ASP A 19 2.55 10.38 7.18
C ASP A 19 3.66 9.43 6.73
N ASP A 20 4.82 10.01 6.50
CA ASP A 20 6.08 9.37 6.18
C ASP A 20 6.47 8.37 7.27
N ASP A 21 5.98 8.59 8.48
CA ASP A 21 6.20 7.76 9.65
C ASP A 21 4.95 6.95 10.03
N VAL A 22 4.01 6.73 9.11
CA VAL A 22 2.86 5.86 9.38
C VAL A 22 2.62 4.91 8.21
N TYR A 23 1.94 3.80 8.47
CA TYR A 23 1.62 2.81 7.45
C TYR A 23 0.45 3.25 6.58
N VAL A 24 0.50 2.91 5.29
CA VAL A 24 -0.61 3.14 4.35
C VAL A 24 -1.78 2.17 4.61
N LEU A 25 -2.35 2.25 5.80
CA LEU A 25 -3.41 1.41 6.32
C LEU A 25 -3.88 2.08 7.61
N ASP A 26 -2.97 2.18 8.57
CA ASP A 26 -3.24 2.72 9.90
C ASP A 26 -3.97 4.07 9.78
N GLN A 27 -3.36 5.01 9.04
CA GLN A 27 -3.91 6.34 8.81
C GLN A 27 -5.03 6.33 7.75
N ALA A 28 -5.18 5.26 6.98
CA ALA A 28 -6.21 5.14 5.96
C ALA A 28 -7.54 4.87 6.65
N GLU A 29 -7.56 3.88 7.55
CA GLU A 29 -8.74 3.56 8.33
C GLU A 29 -9.25 4.82 9.05
N GLU A 30 -8.35 5.66 9.55
CA GLU A 30 -8.70 6.95 10.13
C GLU A 30 -9.57 7.82 9.21
N GLU A 31 -9.31 7.80 7.90
CA GLU A 31 -10.10 8.57 6.94
C GLU A 31 -11.36 7.78 6.57
N GLY A 32 -11.30 6.46 6.74
CA GLY A 32 -12.39 5.52 6.56
C GLY A 32 -12.04 4.45 5.53
N ILE A 33 -10.77 4.31 5.18
CA ILE A 33 -10.37 3.47 4.04
C ILE A 33 -10.32 1.99 4.42
N ASP A 34 -11.28 1.23 3.91
CA ASP A 34 -11.36 -0.21 4.08
C ASP A 34 -10.42 -0.91 3.08
N ILE A 35 -9.11 -0.85 3.31
CA ILE A 35 -8.16 -1.57 2.47
C ILE A 35 -8.33 -3.09 2.68
N PRO A 36 -7.94 -3.91 1.70
CA PRO A 36 -8.01 -5.36 1.78
C PRO A 36 -6.87 -5.88 2.66
N TYR A 37 -7.01 -5.62 3.97
CA TYR A 37 -6.12 -6.05 5.03
C TYR A 37 -6.65 -7.36 5.62
N SER A 38 -5.75 -8.20 6.15
CA SER A 38 -6.11 -9.41 6.89
C SER A 38 -5.40 -9.49 8.26
N CYS A 39 -4.27 -8.80 8.44
CA CYS A 39 -3.37 -8.90 9.58
C CYS A 39 -2.38 -7.74 9.49
N ARG A 40 -1.58 -7.51 10.54
CA ARG A 40 -0.40 -6.66 10.43
C ARG A 40 0.79 -7.33 11.14
N ALA A 41 1.47 -8.23 10.42
CA ALA A 41 2.67 -8.95 10.87
C ALA A 41 3.77 -8.92 9.80
N GLY A 42 3.42 -9.23 8.55
CA GLY A 42 4.32 -9.11 7.40
C GLY A 42 4.93 -10.45 7.01
N SER A 43 4.13 -11.51 6.93
CA SER A 43 4.57 -12.83 6.50
C SER A 43 3.36 -13.57 5.94
N CYS A 44 2.89 -13.07 4.79
CA CYS A 44 1.57 -13.36 4.25
C CYS A 44 1.68 -13.77 2.78
N SER A 45 0.54 -13.99 2.14
CA SER A 45 0.45 -14.25 0.72
C SER A 45 -0.84 -13.60 0.21
N SER A 46 -1.01 -12.32 0.57
CA SER A 46 -2.19 -11.52 0.28
C SER A 46 -1.76 -10.05 0.36
N CYS A 47 -2.71 -9.18 0.69
CA CYS A 47 -2.47 -7.80 1.11
C CYS A 47 -1.46 -7.04 0.25
N ALA A 48 -1.84 -6.70 -0.99
CA ALA A 48 -0.96 -5.94 -1.85
C ALA A 48 -1.73 -4.95 -2.72
N GLY A 49 -0.96 -4.02 -3.31
CA GLY A 49 -1.42 -3.03 -4.25
C GLY A 49 -0.37 -2.81 -5.34
N LYS A 50 -0.76 -2.17 -6.45
CA LYS A 50 0.10 -1.87 -7.58
C LYS A 50 0.59 -0.43 -7.51
N VAL A 51 1.88 -0.21 -7.25
CA VAL A 51 2.50 1.10 -7.33
C VAL A 51 2.31 1.65 -8.75
N VAL A 52 1.57 2.75 -8.89
CA VAL A 52 1.40 3.44 -10.16
C VAL A 52 2.51 4.49 -10.32
N SER A 53 2.75 5.30 -9.27
CA SER A 53 3.76 6.36 -9.32
C SER A 53 4.14 6.78 -7.91
N GLY A 54 5.15 7.66 -7.80
CA GLY A 54 5.80 8.00 -6.55
C GLY A 54 6.72 6.87 -6.09
N SER A 55 7.33 7.02 -4.91
CA SER A 55 8.17 6.01 -4.29
C SER A 55 7.78 5.93 -2.81
N ILE A 56 7.92 4.75 -2.22
CA ILE A 56 7.56 4.44 -0.85
C ILE A 56 8.53 3.37 -0.36
N ASP A 57 8.59 3.16 0.96
CA ASP A 57 9.46 2.19 1.58
C ASP A 57 8.60 1.16 2.31
N GLN A 58 8.63 -0.08 1.84
CA GLN A 58 8.04 -1.23 2.53
C GLN A 58 9.13 -2.18 3.03
N SER A 59 10.33 -1.72 3.42
CA SER A 59 11.41 -2.61 3.89
C SER A 59 11.13 -3.12 5.31
N ASP A 60 10.06 -3.90 5.44
CA ASP A 60 9.45 -4.26 6.72
C ASP A 60 8.70 -5.59 6.62
N GLN A 61 7.96 -5.81 5.53
CA GLN A 61 7.27 -7.05 5.24
C GLN A 61 8.23 -8.22 4.96
N SER A 62 7.65 -9.40 4.72
CA SER A 62 8.33 -10.52 4.13
C SER A 62 7.31 -11.27 3.25
N PHE A 63 7.12 -10.80 2.02
CA PHE A 63 6.28 -11.49 1.04
C PHE A 63 6.69 -11.08 -0.38
N LEU A 64 6.36 -9.84 -0.82
CA LEU A 64 6.49 -9.54 -2.23
C LEU A 64 7.90 -9.79 -2.74
N ASP A 65 7.99 -10.36 -3.94
CA ASP A 65 9.27 -10.67 -4.54
C ASP A 65 9.83 -9.44 -5.24
N ASP A 66 11.12 -9.49 -5.59
CA ASP A 66 11.78 -8.46 -6.37
C ASP A 66 10.97 -8.23 -7.64
N GLU A 67 10.55 -9.33 -8.27
CA GLU A 67 9.76 -9.33 -9.49
C GLU A 67 8.54 -8.43 -9.29
N GLN A 68 7.68 -8.78 -8.33
CA GLN A 68 6.48 -8.04 -8.05
C GLN A 68 6.78 -6.55 -7.77
N MET A 69 7.74 -6.27 -6.88
CA MET A 69 8.12 -4.88 -6.63
C MET A 69 8.45 -4.16 -7.94
N ASP A 70 9.44 -4.65 -8.69
CA ASP A 70 9.90 -4.06 -9.94
C ASP A 70 8.75 -3.92 -10.94
N ALA A 71 7.92 -4.95 -11.00
CA ALA A 71 6.76 -5.06 -11.85
C ALA A 71 5.71 -4.00 -11.52
N GLY A 72 5.76 -3.45 -10.32
CA GLY A 72 4.95 -2.31 -9.93
C GLY A 72 4.06 -2.65 -8.75
N TYR A 73 4.47 -3.51 -7.81
CA TYR A 73 3.62 -3.90 -6.67
C TYR A 73 4.22 -3.53 -5.31
N VAL A 74 3.39 -3.52 -4.28
CA VAL A 74 3.76 -3.20 -2.90
C VAL A 74 2.80 -3.94 -1.96
N LEU A 75 3.27 -4.34 -0.78
CA LEU A 75 2.39 -4.81 0.30
C LEU A 75 1.51 -3.63 0.75
N THR A 76 0.32 -3.89 1.32
CA THR A 76 -0.60 -2.82 1.75
C THR A 76 -0.85 -2.79 3.27
N CYS A 77 0.03 -3.42 4.06
CA CYS A 77 -0.01 -3.43 5.52
C CYS A 77 1.17 -2.63 6.09
N HIS A 78 2.38 -2.90 5.57
CA HIS A 78 3.64 -2.32 6.00
C HIS A 78 4.23 -1.54 4.82
N ALA A 79 3.89 -0.26 4.70
CA ALA A 79 4.45 0.61 3.69
C ALA A 79 4.43 2.04 4.22
N TYR A 80 5.56 2.76 4.09
CA TYR A 80 5.72 4.15 4.51
C TYR A 80 5.82 5.02 3.26
N PRO A 81 4.94 6.02 3.11
CA PRO A 81 4.92 6.90 1.96
C PRO A 81 6.05 7.93 2.02
N THR A 82 7.03 7.88 1.12
CA THR A 82 8.16 8.80 1.16
C THR A 82 7.88 10.08 0.37
N SER A 83 6.82 10.09 -0.43
CA SER A 83 6.34 11.24 -1.18
C SER A 83 4.87 10.99 -1.52
N ASP A 84 4.24 11.91 -2.24
CA ASP A 84 3.00 11.68 -2.95
C ASP A 84 3.18 10.45 -3.85
N VAL A 85 2.46 9.38 -3.53
CA VAL A 85 2.48 8.11 -4.24
C VAL A 85 1.07 7.82 -4.74
N VAL A 86 1.00 7.18 -5.91
CA VAL A 86 -0.23 6.65 -6.45
C VAL A 86 -0.04 5.14 -6.49
N ILE A 87 -0.97 4.40 -5.88
CA ILE A 87 -0.99 2.96 -5.88
C ILE A 87 -2.43 2.50 -6.09
N GLU A 88 -2.63 1.29 -6.62
CA GLU A 88 -3.94 0.64 -6.68
C GLU A 88 -4.01 -0.42 -5.58
N THR A 89 -5.04 -0.45 -4.74
CA THR A 89 -5.17 -1.50 -3.71
C THR A 89 -5.88 -2.72 -4.31
N HIS A 90 -6.06 -3.78 -3.54
CA HIS A 90 -6.80 -4.99 -3.94
C HIS A 90 -6.03 -5.78 -5.00
N LYS A 91 -4.75 -6.06 -4.75
CA LYS A 91 -3.86 -6.72 -5.70
C LYS A 91 -3.19 -7.93 -5.10
N GLU A 92 -3.92 -8.68 -4.26
CA GLU A 92 -3.52 -10.01 -3.86
C GLU A 92 -3.54 -10.89 -5.13
N GLU A 93 -4.72 -11.19 -5.66
CA GLU A 93 -4.83 -11.96 -6.90
C GLU A 93 -4.44 -11.17 -8.18
N GLU A 94 -3.47 -10.24 -8.09
CA GLU A 94 -2.73 -9.75 -9.25
C GLU A 94 -1.21 -9.98 -9.09
N ILE A 95 -0.72 -10.49 -7.95
CA ILE A 95 0.72 -10.67 -7.75
C ILE A 95 1.09 -12.15 -7.69
N VAL A 96 0.26 -12.97 -7.06
CA VAL A 96 0.47 -14.40 -7.02
C VAL A 96 -0.03 -15.02 -8.33
FE1 FES B . -0.60 -10.09 6.93
FE2 FES B . -0.90 -8.05 5.39
S1 FES B . 0.90 -8.54 6.51
S2 FES B . -2.46 -9.45 6.00
N ALA A 1 5.84 14.59 7.63
CA ALA A 1 5.79 15.37 6.37
C ALA A 1 4.45 15.27 5.64
N THR A 2 3.84 14.09 5.56
CA THR A 2 2.41 13.91 5.32
C THR A 2 2.04 14.10 3.86
N TYR A 3 2.08 13.01 3.09
CA TYR A 3 2.01 13.06 1.63
C TYR A 3 0.64 12.64 1.10
N ASN A 4 0.34 13.12 -0.10
CA ASN A 4 -0.80 12.79 -0.93
C ASN A 4 -0.63 11.36 -1.42
N VAL A 5 -1.39 10.44 -0.82
CA VAL A 5 -1.43 9.05 -1.26
C VAL A 5 -2.77 8.76 -1.92
N LYS A 6 -2.76 8.40 -3.20
CA LYS A 6 -3.94 7.84 -3.85
C LYS A 6 -3.99 6.34 -3.69
N LEU A 7 -5.16 5.85 -3.27
CA LEU A 7 -5.52 4.45 -3.31
C LEU A 7 -6.57 4.22 -4.37
N ILE A 8 -6.18 3.66 -5.53
CA ILE A 8 -7.14 3.25 -6.54
C ILE A 8 -7.75 1.95 -6.05
N THR A 9 -8.94 2.06 -5.48
CA THR A 9 -9.76 0.95 -5.09
C THR A 9 -10.67 0.54 -6.26
N PRO A 10 -11.30 -0.64 -6.16
CA PRO A 10 -12.38 -1.01 -7.03
C PRO A 10 -13.65 -0.18 -6.76
N ASP A 11 -13.78 0.34 -5.53
CA ASP A 11 -14.84 1.26 -5.14
C ASP A 11 -14.81 2.48 -6.06
N GLY A 12 -13.61 3.01 -6.28
CA GLY A 12 -13.36 4.04 -7.28
C GLY A 12 -12.53 5.17 -6.69
N GLU A 13 -11.28 4.86 -6.32
CA GLU A 13 -10.28 5.76 -5.79
C GLU A 13 -10.61 6.31 -4.41
N VAL A 14 -9.55 6.54 -3.63
CA VAL A 14 -9.60 7.33 -2.42
C VAL A 14 -8.21 7.90 -2.17
N GLU A 15 -8.05 9.20 -2.44
CA GLU A 15 -6.91 9.95 -1.98
C GLU A 15 -7.03 10.27 -0.51
N PHE A 16 -5.90 10.21 0.18
CA PHE A 16 -5.79 10.54 1.60
C PHE A 16 -4.39 11.04 1.92
N LYS A 17 -4.20 11.59 3.12
CA LYS A 17 -2.90 12.07 3.56
C LYS A 17 -2.29 11.00 4.46
N CYS A 18 -1.10 10.54 4.10
CA CYS A 18 -0.39 9.54 4.87
C CYS A 18 0.89 10.13 5.42
N ASP A 19 1.08 10.06 6.73
CA ASP A 19 2.34 10.42 7.34
C ASP A 19 3.42 9.45 6.87
N ASP A 20 4.61 9.97 6.85
CA ASP A 20 5.87 9.38 6.41
C ASP A 20 6.40 8.43 7.49
N ASP A 21 5.86 8.52 8.70
CA ASP A 21 6.15 7.67 9.85
C ASP A 21 4.92 6.84 10.22
N VAL A 22 3.95 6.65 9.32
CA VAL A 22 2.77 5.82 9.57
C VAL A 22 2.52 4.91 8.38
N TYR A 23 1.96 3.72 8.63
CA TYR A 23 1.66 2.81 7.53
C TYR A 23 0.54 3.38 6.68
N VAL A 24 0.60 3.11 5.36
CA VAL A 24 -0.48 3.49 4.45
C VAL A 24 -1.82 2.99 5.00
N LEU A 25 -1.90 1.70 5.35
CA LEU A 25 -3.09 1.11 5.95
C LEU A 25 -3.54 1.85 7.21
N ASP A 26 -2.69 1.99 8.22
CA ASP A 26 -3.06 2.58 9.51
C ASP A 26 -3.85 3.88 9.29
N GLN A 27 -3.20 4.86 8.68
CA GLN A 27 -3.80 6.18 8.53
C GLN A 27 -4.96 6.15 7.53
N ALA A 28 -4.88 5.32 6.49
CA ALA A 28 -6.03 5.09 5.62
C ALA A 28 -7.27 4.71 6.43
N GLU A 29 -7.18 3.64 7.23
CA GLU A 29 -8.27 3.21 8.08
C GLU A 29 -8.72 4.38 8.96
N GLU A 30 -7.78 5.15 9.52
CA GLU A 30 -8.10 6.36 10.28
C GLU A 30 -8.96 7.35 9.50
N GLU A 31 -8.72 7.51 8.20
CA GLU A 31 -9.53 8.42 7.39
C GLU A 31 -10.89 7.78 7.11
N GLY A 32 -10.92 6.46 7.13
CA GLY A 32 -12.10 5.62 6.98
C GLY A 32 -11.97 4.72 5.76
N ILE A 33 -10.78 4.58 5.21
CA ILE A 33 -10.56 3.77 4.02
C ILE A 33 -10.58 2.29 4.38
N ASP A 34 -11.49 1.56 3.76
CA ASP A 34 -11.55 0.11 3.86
C ASP A 34 -10.61 -0.50 2.82
N ILE A 35 -9.32 -0.55 3.13
CA ILE A 35 -8.39 -1.31 2.30
C ILE A 35 -8.60 -2.80 2.60
N PRO A 36 -8.24 -3.69 1.65
CA PRO A 36 -8.28 -5.12 1.89
C PRO A 36 -7.24 -5.42 2.96
N TYR A 37 -7.60 -6.22 3.96
CA TYR A 37 -6.80 -6.39 5.15
C TYR A 37 -7.37 -7.56 5.95
N SER A 38 -6.54 -8.18 6.80
CA SER A 38 -6.97 -9.21 7.74
C SER A 38 -5.86 -9.51 8.74
N CYS A 39 -4.68 -9.78 8.20
CA CYS A 39 -3.48 -10.26 8.88
C CYS A 39 -2.56 -9.07 9.26
N ARG A 40 -1.24 -9.24 9.33
CA ARG A 40 -0.21 -8.19 9.52
C ARG A 40 1.13 -8.87 9.83
N ALA A 41 2.18 -8.05 9.95
CA ALA A 41 3.57 -8.40 10.24
C ALA A 41 4.43 -8.33 8.98
N GLY A 42 3.90 -8.85 7.86
CA GLY A 42 4.51 -8.66 6.55
C GLY A 42 4.85 -9.98 5.86
N SER A 43 5.00 -11.06 6.64
CA SER A 43 5.09 -12.44 6.18
C SER A 43 3.75 -13.11 6.46
N CYS A 44 2.68 -12.54 5.88
CA CYS A 44 1.31 -12.96 6.11
C CYS A 44 0.69 -13.41 4.78
N SER A 45 -0.55 -13.06 4.46
CA SER A 45 -1.27 -13.60 3.30
C SER A 45 -0.71 -13.02 1.99
N SER A 46 -1.29 -11.94 1.47
CA SER A 46 -0.76 -11.27 0.29
C SER A 46 -1.19 -9.80 0.22
N CYS A 47 -2.50 -9.55 0.23
CA CYS A 47 -3.21 -8.27 0.32
C CYS A 47 -2.47 -7.00 -0.20
N ALA A 48 -1.82 -7.14 -1.36
CA ALA A 48 -0.97 -6.12 -1.95
C ALA A 48 -1.74 -5.07 -2.73
N GLY A 49 -1.00 -4.08 -3.26
CA GLY A 49 -1.45 -3.05 -4.16
C GLY A 49 -0.41 -2.80 -5.26
N LYS A 50 -0.79 -2.10 -6.33
CA LYS A 50 0.02 -1.82 -7.50
C LYS A 50 0.55 -0.38 -7.47
N VAL A 51 1.85 -0.19 -7.28
CA VAL A 51 2.47 1.12 -7.37
C VAL A 51 2.28 1.69 -8.79
N VAL A 52 1.57 2.81 -8.90
CA VAL A 52 1.38 3.54 -10.16
C VAL A 52 2.48 4.58 -10.29
N SER A 53 2.74 5.37 -9.23
CA SER A 53 3.78 6.39 -9.26
C SER A 53 4.16 6.79 -7.84
N GLY A 54 5.17 7.66 -7.74
CA GLY A 54 5.85 8.00 -6.49
C GLY A 54 6.78 6.86 -6.06
N SER A 55 7.16 6.85 -4.78
CA SER A 55 7.83 5.73 -4.14
C SER A 55 7.47 5.75 -2.67
N ILE A 56 7.85 4.66 -2.01
CA ILE A 56 7.43 4.26 -0.67
C ILE A 56 8.45 3.25 -0.16
N ASP A 57 8.51 3.05 1.17
CA ASP A 57 9.39 2.08 1.79
C ASP A 57 8.52 1.02 2.45
N GLN A 58 8.52 -0.20 1.91
CA GLN A 58 7.91 -1.37 2.52
C GLN A 58 8.96 -2.32 3.10
N SER A 59 10.06 -1.81 3.67
CA SER A 59 11.04 -2.61 4.39
C SER A 59 10.35 -3.61 5.33
N ASP A 60 9.28 -3.17 6.00
CA ASP A 60 8.46 -3.93 6.93
C ASP A 60 7.76 -5.14 6.30
N GLN A 61 7.90 -5.36 4.99
CA GLN A 61 7.40 -6.55 4.31
C GLN A 61 8.21 -7.79 4.71
N SER A 62 7.66 -8.97 4.45
CA SER A 62 8.43 -10.20 4.37
C SER A 62 7.69 -11.16 3.45
N PHE A 63 7.37 -10.69 2.23
CA PHE A 63 6.64 -11.48 1.24
C PHE A 63 6.99 -11.06 -0.19
N LEU A 64 6.67 -9.82 -0.63
CA LEU A 64 6.72 -9.54 -2.06
C LEU A 64 8.12 -9.75 -2.61
N ASP A 65 8.18 -10.30 -3.83
CA ASP A 65 9.43 -10.59 -4.49
C ASP A 65 9.92 -9.35 -5.24
N ASP A 66 11.19 -9.40 -5.65
CA ASP A 66 11.81 -8.38 -6.48
C ASP A 66 10.95 -8.17 -7.72
N GLU A 67 10.50 -9.29 -8.31
CA GLU A 67 9.66 -9.31 -9.48
C GLU A 67 8.45 -8.41 -9.27
N GLN A 68 7.64 -8.73 -8.27
CA GLN A 68 6.44 -7.98 -7.96
C GLN A 68 6.75 -6.49 -7.75
N MET A 69 7.73 -6.18 -6.90
CA MET A 69 8.11 -4.79 -6.69
C MET A 69 8.43 -4.08 -8.00
N ASP A 70 9.40 -4.61 -8.75
CA ASP A 70 9.85 -4.07 -10.03
C ASP A 70 8.67 -3.92 -10.99
N ALA A 71 7.83 -4.96 -11.01
CA ALA A 71 6.66 -5.10 -11.86
C ALA A 71 5.61 -4.04 -11.56
N GLY A 72 5.64 -3.45 -10.36
CA GLY A 72 4.79 -2.34 -10.00
C GLY A 72 3.92 -2.66 -8.79
N TYR A 73 4.37 -3.48 -7.83
CA TYR A 73 3.54 -3.87 -6.68
C TYR A 73 4.14 -3.48 -5.34
N VAL A 74 3.31 -3.50 -4.28
CA VAL A 74 3.72 -3.14 -2.94
C VAL A 74 2.76 -3.79 -1.94
N LEU A 75 3.30 -4.22 -0.81
CA LEU A 75 2.54 -4.78 0.29
C LEU A 75 1.37 -3.88 0.69
N THR A 76 1.62 -2.57 0.82
CA THR A 76 0.60 -1.58 1.20
C THR A 76 0.26 -1.69 2.69
N CYS A 77 -0.17 -2.86 3.15
CA CYS A 77 -0.53 -3.12 4.53
C CYS A 77 0.62 -2.88 5.52
N HIS A 78 1.86 -2.97 5.02
CA HIS A 78 3.08 -2.64 5.74
C HIS A 78 3.97 -1.82 4.78
N ALA A 79 3.72 -0.51 4.67
CA ALA A 79 4.51 0.40 3.85
C ALA A 79 4.40 1.84 4.38
N TYR A 80 5.49 2.59 4.32
CA TYR A 80 5.59 4.01 4.68
C TYR A 80 5.71 4.86 3.41
N PRO A 81 4.91 5.92 3.26
CA PRO A 81 5.00 6.82 2.13
C PRO A 81 6.18 7.79 2.26
N THR A 82 7.12 7.78 1.30
CA THR A 82 8.30 8.64 1.36
C THR A 82 8.13 9.91 0.54
N SER A 83 7.10 10.00 -0.31
CA SER A 83 6.68 11.20 -1.01
C SER A 83 5.21 11.00 -1.37
N ASP A 84 4.63 11.94 -2.12
CA ASP A 84 3.36 11.74 -2.80
C ASP A 84 3.48 10.50 -3.69
N VAL A 85 2.41 9.70 -3.72
CA VAL A 85 2.46 8.37 -4.32
C VAL A 85 1.05 7.94 -4.75
N VAL A 86 0.98 7.18 -5.84
CA VAL A 86 -0.24 6.65 -6.40
C VAL A 86 -0.11 5.14 -6.42
N ILE A 87 -1.08 4.42 -5.83
CA ILE A 87 -1.05 2.96 -5.73
C ILE A 87 -2.48 2.43 -5.90
N GLU A 88 -2.64 1.23 -6.47
CA GLU A 88 -3.95 0.58 -6.65
C GLU A 88 -4.13 -0.55 -5.62
N THR A 89 -5.11 -0.46 -4.73
CA THR A 89 -5.30 -1.48 -3.70
C THR A 89 -6.01 -2.70 -4.30
N HIS A 90 -6.21 -3.76 -3.52
CA HIS A 90 -6.93 -4.97 -3.92
C HIS A 90 -6.16 -5.73 -5.01
N LYS A 91 -4.88 -6.04 -4.76
CA LYS A 91 -4.00 -6.69 -5.72
C LYS A 91 -3.41 -7.96 -5.14
N GLU A 92 -4.25 -8.75 -4.47
CA GLU A 92 -3.89 -10.08 -4.02
C GLU A 92 -3.69 -10.96 -5.26
N GLU A 93 -4.78 -11.31 -5.95
CA GLU A 93 -4.73 -12.11 -7.17
C GLU A 93 -4.36 -11.27 -8.40
N GLU A 94 -3.27 -10.50 -8.26
CA GLU A 94 -2.52 -9.84 -9.31
C GLU A 94 -1.01 -10.07 -9.15
N ILE A 95 -0.50 -10.28 -7.92
CA ILE A 95 0.91 -10.42 -7.67
C ILE A 95 1.37 -11.87 -7.71
N VAL A 96 0.59 -12.79 -7.14
CA VAL A 96 0.95 -14.19 -7.06
C VAL A 96 0.60 -14.87 -8.40
FE1 FES B . -1.34 -9.66 5.65
FE2 FES B . -1.77 -7.60 4.17
S1 FES B . -1.08 -9.56 3.51
S2 FES B . -2.23 -7.79 6.30
N ALA A 1 5.98 14.20 8.22
CA ALA A 1 5.74 15.07 7.05
C ALA A 1 4.32 15.00 6.49
N THR A 2 3.84 13.79 6.16
CA THR A 2 2.50 13.48 5.69
C THR A 2 2.35 13.78 4.20
N TYR A 3 1.94 12.78 3.41
CA TYR A 3 1.93 12.86 1.95
C TYR A 3 0.58 12.45 1.40
N ASN A 4 0.29 12.95 0.20
CA ASN A 4 -0.83 12.64 -0.65
C ASN A 4 -0.66 11.22 -1.20
N VAL A 5 -1.37 10.27 -0.62
CA VAL A 5 -1.40 8.91 -1.12
C VAL A 5 -2.73 8.69 -1.82
N LYS A 6 -2.69 8.33 -3.10
CA LYS A 6 -3.86 7.82 -3.79
C LYS A 6 -3.93 6.30 -3.67
N LEU A 7 -5.12 5.81 -3.31
CA LEU A 7 -5.49 4.41 -3.40
C LEU A 7 -6.52 4.26 -4.50
N ILE A 8 -6.13 3.76 -5.67
CA ILE A 8 -7.06 3.42 -6.75
C ILE A 8 -7.77 2.15 -6.32
N THR A 9 -8.88 2.32 -5.62
CA THR A 9 -9.76 1.24 -5.21
C THR A 9 -10.79 0.98 -6.31
N PRO A 10 -11.34 -0.23 -6.42
CA PRO A 10 -12.36 -0.59 -7.40
C PRO A 10 -13.59 0.31 -7.29
N ASP A 11 -13.89 0.75 -6.06
CA ASP A 11 -14.92 1.70 -5.70
C ASP A 11 -14.81 2.98 -6.53
N GLY A 12 -13.58 3.34 -6.87
CA GLY A 12 -13.24 4.42 -7.75
C GLY A 12 -12.40 5.46 -7.01
N GLU A 13 -11.23 5.03 -6.55
CA GLU A 13 -10.18 5.82 -5.91
C GLU A 13 -10.57 6.34 -4.53
N VAL A 14 -9.53 6.56 -3.72
CA VAL A 14 -9.62 7.26 -2.45
C VAL A 14 -8.24 7.81 -2.10
N GLU A 15 -8.04 9.11 -2.39
CA GLU A 15 -6.89 9.85 -1.90
C GLU A 15 -7.02 10.15 -0.42
N PHE A 16 -5.86 10.15 0.26
CA PHE A 16 -5.77 10.47 1.67
C PHE A 16 -4.37 10.93 2.08
N LYS A 17 -4.22 11.38 3.33
CA LYS A 17 -2.95 11.87 3.86
C LYS A 17 -2.36 10.78 4.74
N CYS A 18 -1.14 10.34 4.41
CA CYS A 18 -0.49 9.27 5.14
C CYS A 18 0.84 9.75 5.68
N ASP A 19 1.08 9.57 6.98
CA ASP A 19 2.33 9.95 7.58
C ASP A 19 3.44 9.03 7.09
N ASP A 20 4.59 9.64 6.88
CA ASP A 20 5.89 9.10 6.54
C ASP A 20 6.38 8.11 7.59
N ASP A 21 5.82 8.21 8.79
CA ASP A 21 6.14 7.38 9.94
C ASP A 21 4.98 6.43 10.24
N VAL A 22 4.01 6.27 9.33
CA VAL A 22 2.88 5.37 9.55
C VAL A 22 2.59 4.56 8.28
N TYR A 23 1.93 3.42 8.45
CA TYR A 23 1.63 2.50 7.38
C TYR A 23 0.47 3.03 6.52
N VAL A 24 0.45 2.72 5.23
CA VAL A 24 -0.67 3.04 4.35
C VAL A 24 -1.88 2.13 4.65
N LEU A 25 -2.44 2.29 5.83
CA LEU A 25 -3.72 1.74 6.24
C LEU A 25 -4.20 2.48 7.48
N ASP A 26 -3.29 2.72 8.42
CA ASP A 26 -3.61 3.25 9.74
C ASP A 26 -4.35 4.57 9.58
N GLN A 27 -3.68 5.52 8.91
CA GLN A 27 -4.29 6.80 8.60
C GLN A 27 -5.49 6.61 7.68
N ALA A 28 -5.45 5.65 6.77
CA ALA A 28 -6.55 5.41 5.86
C ALA A 28 -7.83 5.16 6.65
N GLU A 29 -7.80 4.15 7.52
CA GLU A 29 -8.90 3.81 8.40
C GLU A 29 -9.29 5.03 9.25
N GLU A 30 -8.32 5.82 9.74
CA GLU A 30 -8.61 7.11 10.38
C GLU A 30 -9.50 8.00 9.51
N GLU A 31 -9.24 8.08 8.21
CA GLU A 31 -10.03 8.91 7.32
C GLU A 31 -11.38 8.23 7.03
N GLY A 32 -11.41 6.91 7.19
CA GLY A 32 -12.59 6.06 7.08
C GLY A 32 -12.43 5.04 5.95
N ILE A 33 -11.21 4.87 5.44
CA ILE A 33 -10.95 4.03 4.29
C ILE A 33 -10.87 2.56 4.68
N ASP A 34 -11.62 1.71 3.97
CA ASP A 34 -11.44 0.27 3.99
C ASP A 34 -10.52 -0.12 2.83
N ILE A 35 -9.47 -0.87 3.13
CA ILE A 35 -8.65 -1.56 2.15
C ILE A 35 -8.29 -2.94 2.73
N PRO A 36 -8.04 -3.94 1.86
CA PRO A 36 -7.70 -5.28 2.29
C PRO A 36 -6.33 -5.30 2.98
N TYR A 37 -6.33 -5.14 4.31
CA TYR A 37 -5.14 -5.30 5.14
C TYR A 37 -4.94 -6.75 5.55
N SER A 38 -5.99 -7.40 6.05
CA SER A 38 -5.92 -8.75 6.60
C SER A 38 -4.88 -8.86 7.74
N CYS A 39 -4.49 -10.12 8.01
CA CYS A 39 -3.38 -10.57 8.83
C CYS A 39 -3.09 -9.65 10.04
N ARG A 40 -1.80 -9.33 10.29
CA ARG A 40 -1.29 -8.18 11.01
C ARG A 40 0.24 -8.30 11.06
N ALA A 41 0.95 -7.18 10.84
CA ALA A 41 2.40 -7.06 11.06
C ALA A 41 3.25 -7.82 10.03
N GLY A 42 3.47 -7.19 8.87
CA GLY A 42 4.39 -7.57 7.79
C GLY A 42 5.33 -8.74 8.07
N SER A 43 4.81 -9.97 7.93
CA SER A 43 5.49 -11.22 8.19
C SER A 43 4.60 -12.36 7.68
N CYS A 44 4.01 -12.14 6.50
CA CYS A 44 2.83 -12.83 6.02
C CYS A 44 2.75 -12.62 4.50
N SER A 45 1.87 -13.37 3.82
CA SER A 45 1.87 -13.46 2.36
C SER A 45 0.45 -13.49 1.81
N SER A 46 -0.09 -12.32 1.50
CA SER A 46 -1.38 -12.07 0.86
C SER A 46 -1.38 -10.58 0.49
N CYS A 47 -2.57 -9.98 0.35
CA CYS A 47 -2.84 -8.54 0.36
C CYS A 47 -1.76 -7.59 -0.20
N ALA A 48 -2.03 -6.96 -1.34
CA ALA A 48 -1.07 -6.13 -2.07
C ALA A 48 -1.78 -5.05 -2.87
N GLY A 49 -0.98 -4.15 -3.46
CA GLY A 49 -1.41 -3.08 -4.35
C GLY A 49 -0.40 -2.87 -5.48
N LYS A 50 -0.78 -2.13 -6.53
CA LYS A 50 0.00 -1.82 -7.71
C LYS A 50 0.55 -0.40 -7.65
N VAL A 51 1.86 -0.22 -7.46
CA VAL A 51 2.50 1.09 -7.52
C VAL A 51 2.29 1.71 -8.90
N VAL A 52 1.53 2.80 -8.97
CA VAL A 52 1.36 3.57 -10.20
C VAL A 52 2.48 4.60 -10.31
N SER A 53 2.78 5.31 -9.22
CA SER A 53 3.81 6.34 -9.20
C SER A 53 4.22 6.62 -7.76
N GLY A 54 5.20 7.50 -7.57
CA GLY A 54 5.86 7.72 -6.29
C GLY A 54 6.70 6.51 -5.90
N SER A 55 7.18 6.50 -4.64
CA SER A 55 7.88 5.38 -4.05
C SER A 55 7.43 5.32 -2.59
N ILE A 56 7.43 4.12 -1.99
CA ILE A 56 7.14 3.91 -0.59
C ILE A 56 8.08 2.80 -0.11
N ASP A 57 8.33 2.74 1.19
CA ASP A 57 9.23 1.77 1.81
C ASP A 57 8.36 0.67 2.40
N GLN A 58 8.38 -0.50 1.76
CA GLN A 58 7.77 -1.71 2.29
C GLN A 58 8.83 -2.68 2.82
N SER A 59 9.90 -2.21 3.47
CA SER A 59 10.88 -3.10 4.09
C SER A 59 10.20 -4.20 4.94
N ASP A 60 9.13 -3.83 5.65
CA ASP A 60 8.31 -4.76 6.44
C ASP A 60 7.39 -5.58 5.52
N GLN A 61 7.95 -6.20 4.47
CA GLN A 61 7.26 -7.08 3.56
C GLN A 61 7.52 -8.55 3.90
N SER A 62 8.77 -8.99 3.74
CA SER A 62 9.14 -10.40 3.78
C SER A 62 8.16 -11.25 2.97
N PHE A 63 7.81 -10.78 1.76
CA PHE A 63 6.86 -11.47 0.90
C PHE A 63 7.09 -11.11 -0.57
N LEU A 64 6.77 -9.89 -1.01
CA LEU A 64 6.75 -9.62 -2.43
C LEU A 64 8.13 -9.84 -3.04
N ASP A 65 8.16 -10.35 -4.27
CA ASP A 65 9.40 -10.62 -4.97
C ASP A 65 9.86 -9.39 -5.73
N ASP A 66 11.12 -9.40 -6.16
CA ASP A 66 11.71 -8.37 -6.98
C ASP A 66 10.85 -8.16 -8.21
N GLU A 67 10.40 -9.27 -8.80
CA GLU A 67 9.55 -9.29 -9.96
C GLU A 67 8.33 -8.42 -9.71
N GLN A 68 7.52 -8.76 -8.71
CA GLN A 68 6.35 -8.00 -8.35
C GLN A 68 6.67 -6.52 -8.13
N MET A 69 7.67 -6.22 -7.31
CA MET A 69 8.05 -4.83 -7.08
C MET A 69 8.31 -4.10 -8.40
N ASP A 70 9.28 -4.60 -9.19
CA ASP A 70 9.69 -4.03 -10.47
C ASP A 70 8.49 -3.89 -11.40
N ALA A 71 7.68 -4.94 -11.43
CA ALA A 71 6.49 -5.07 -12.25
C ALA A 71 5.44 -4.01 -11.90
N GLY A 72 5.52 -3.43 -10.70
CA GLY A 72 4.71 -2.31 -10.29
C GLY A 72 3.82 -2.68 -9.12
N TYR A 73 4.26 -3.56 -8.21
CA TYR A 73 3.46 -3.99 -7.06
C TYR A 73 4.09 -3.62 -5.72
N VAL A 74 3.32 -3.72 -4.64
CA VAL A 74 3.75 -3.33 -3.31
C VAL A 74 2.82 -3.96 -2.27
N LEU A 75 3.35 -4.25 -1.09
CA LEU A 75 2.60 -4.78 0.03
C LEU A 75 1.45 -3.85 0.39
N THR A 76 1.75 -2.57 0.60
CA THR A 76 0.82 -1.58 1.15
C THR A 76 0.62 -1.82 2.65
N CYS A 77 0.21 -3.05 3.02
CA CYS A 77 -0.12 -3.51 4.37
C CYS A 77 0.70 -2.78 5.44
N HIS A 78 2.01 -2.99 5.39
CA HIS A 78 3.02 -2.34 6.20
C HIS A 78 4.00 -1.61 5.27
N ALA A 79 3.50 -0.66 4.48
CA ALA A 79 4.34 0.22 3.67
C ALA A 79 4.27 1.64 4.21
N TYR A 80 5.41 2.33 4.27
CA TYR A 80 5.52 3.72 4.70
C TYR A 80 5.65 4.63 3.47
N PRO A 81 4.79 5.65 3.34
CA PRO A 81 4.85 6.58 2.22
C PRO A 81 6.02 7.55 2.37
N THR A 82 7.02 7.50 1.48
CA THR A 82 8.19 8.36 1.60
C THR A 82 8.05 9.64 0.78
N SER A 83 7.04 9.75 -0.07
CA SER A 83 6.64 10.96 -0.77
C SER A 83 5.16 10.81 -1.15
N ASP A 84 4.61 11.80 -1.84
CA ASP A 84 3.35 11.65 -2.55
C ASP A 84 3.48 10.47 -3.51
N VAL A 85 2.41 9.67 -3.59
CA VAL A 85 2.48 8.35 -4.20
C VAL A 85 1.09 7.90 -4.66
N VAL A 86 1.06 7.15 -5.76
CA VAL A 86 -0.16 6.63 -6.35
C VAL A 86 -0.02 5.13 -6.41
N ILE A 87 -0.97 4.40 -5.83
CA ILE A 87 -1.01 2.96 -5.84
C ILE A 87 -2.45 2.49 -6.06
N GLU A 88 -2.64 1.31 -6.65
CA GLU A 88 -3.94 0.66 -6.78
C GLU A 88 -4.07 -0.47 -5.77
N THR A 89 -5.00 -0.40 -4.84
CA THR A 89 -5.18 -1.44 -3.84
C THR A 89 -5.98 -2.63 -4.41
N HIS A 90 -6.13 -3.70 -3.62
CA HIS A 90 -6.86 -4.91 -3.95
C HIS A 90 -6.15 -5.72 -5.04
N LYS A 91 -4.87 -6.08 -4.81
CA LYS A 91 -4.03 -6.74 -5.81
C LYS A 91 -3.42 -8.03 -5.29
N GLU A 92 -4.08 -8.64 -4.30
CA GLU A 92 -3.74 -9.95 -3.78
C GLU A 92 -3.65 -10.94 -4.95
N GLU A 93 -4.79 -11.29 -5.56
CA GLU A 93 -4.81 -12.23 -6.69
C GLU A 93 -4.43 -11.54 -8.01
N GLU A 94 -3.44 -10.64 -7.98
CA GLU A 94 -2.69 -10.19 -9.15
C GLU A 94 -1.23 -10.62 -9.01
N ILE A 95 -0.63 -10.47 -7.81
CA ILE A 95 0.80 -10.59 -7.65
C ILE A 95 1.27 -12.04 -7.67
N VAL A 96 0.53 -12.95 -7.01
CA VAL A 96 0.88 -14.35 -6.90
C VAL A 96 0.35 -15.10 -8.13
FE1 FES B . -0.32 -9.92 5.68
FE2 FES B . -1.04 -8.16 4.03
S1 FES B . -0.87 -7.91 6.21
S2 FES B . 0.37 -9.77 3.60
N ALA A 1 6.21 14.72 7.35
CA ALA A 1 6.08 15.27 5.98
C ALA A 1 4.64 15.21 5.46
N THR A 2 4.02 14.03 5.49
CA THR A 2 2.56 13.90 5.35
C THR A 2 2.10 14.05 3.90
N TYR A 3 2.16 12.95 3.13
CA TYR A 3 2.00 12.98 1.69
C TYR A 3 0.62 12.52 1.25
N ASN A 4 0.24 12.96 0.04
CA ASN A 4 -1.04 12.70 -0.60
C ASN A 4 -1.00 11.34 -1.29
N VAL A 5 -1.37 10.28 -0.56
CA VAL A 5 -1.38 8.93 -1.12
C VAL A 5 -2.72 8.69 -1.80
N LYS A 6 -2.71 8.25 -3.06
CA LYS A 6 -3.90 7.72 -3.68
C LYS A 6 -3.95 6.20 -3.61
N LEU A 7 -5.09 5.67 -3.17
CA LEU A 7 -5.43 4.27 -3.29
C LEU A 7 -6.52 4.12 -4.34
N ILE A 8 -6.19 3.64 -5.54
CA ILE A 8 -7.19 3.34 -6.55
C ILE A 8 -7.84 2.03 -6.12
N THR A 9 -8.96 2.17 -5.41
CA THR A 9 -9.79 1.07 -4.99
C THR A 9 -10.88 0.84 -6.02
N PRO A 10 -11.44 -0.36 -6.13
CA PRO A 10 -12.56 -0.68 -7.02
C PRO A 10 -13.77 0.23 -6.77
N ASP A 11 -13.96 0.62 -5.50
CA ASP A 11 -14.97 1.56 -5.03
C ASP A 11 -14.89 2.89 -5.79
N GLY A 12 -13.67 3.22 -6.26
CA GLY A 12 -13.41 4.33 -7.15
C GLY A 12 -12.54 5.37 -6.46
N GLU A 13 -11.34 4.95 -6.06
CA GLU A 13 -10.27 5.76 -5.48
C GLU A 13 -10.58 6.32 -4.09
N VAL A 14 -9.56 6.33 -3.25
CA VAL A 14 -9.54 7.02 -1.97
C VAL A 14 -8.15 7.66 -1.79
N GLU A 15 -8.10 8.96 -2.09
CA GLU A 15 -6.95 9.83 -1.85
C GLU A 15 -6.96 10.31 -0.40
N PHE A 16 -5.82 10.25 0.28
CA PHE A 16 -5.72 10.60 1.68
C PHE A 16 -4.29 10.99 2.09
N LYS A 17 -4.11 11.48 3.32
CA LYS A 17 -2.82 11.93 3.81
C LYS A 17 -2.20 10.87 4.71
N CYS A 18 -0.98 10.45 4.36
CA CYS A 18 -0.22 9.50 5.15
C CYS A 18 1.14 10.05 5.52
N ASP A 19 1.46 10.01 6.81
CA ASP A 19 2.75 10.43 7.31
C ASP A 19 3.82 9.43 6.91
N ASP A 20 4.95 10.00 6.57
CA ASP A 20 6.23 9.40 6.26
C ASP A 20 6.72 8.50 7.41
N ASP A 21 6.23 8.78 8.62
CA ASP A 21 6.53 8.05 9.84
C ASP A 21 5.38 7.13 10.27
N VAL A 22 4.32 6.97 9.45
CA VAL A 22 3.19 6.10 9.77
C VAL A 22 2.87 5.18 8.60
N TYR A 23 2.21 4.06 8.88
CA TYR A 23 1.87 3.11 7.84
C TYR A 23 0.70 3.62 6.99
N VAL A 24 0.70 3.28 5.70
CA VAL A 24 -0.39 3.60 4.79
C VAL A 24 -1.72 3.11 5.37
N LEU A 25 -1.81 1.80 5.66
CA LEU A 25 -3.03 1.18 6.17
C LEU A 25 -3.55 1.91 7.41
N ASP A 26 -2.68 2.15 8.41
CA ASP A 26 -3.05 2.81 9.64
C ASP A 26 -3.81 4.10 9.35
N GLN A 27 -3.14 5.08 8.73
CA GLN A 27 -3.79 6.35 8.41
C GLN A 27 -5.03 6.11 7.56
N ALA A 28 -4.96 5.22 6.57
CA ALA A 28 -6.09 4.94 5.71
C ALA A 28 -7.33 4.57 6.52
N GLU A 29 -7.25 3.50 7.33
CA GLU A 29 -8.37 3.11 8.16
C GLU A 29 -8.75 4.25 9.11
N GLU A 30 -7.78 5.01 9.62
CA GLU A 30 -8.07 6.23 10.39
C GLU A 30 -8.97 7.21 9.64
N GLU A 31 -8.78 7.35 8.33
CA GLU A 31 -9.63 8.22 7.53
C GLU A 31 -10.97 7.52 7.25
N GLY A 32 -10.94 6.19 7.26
CA GLY A 32 -12.09 5.32 7.07
C GLY A 32 -11.94 4.48 5.81
N ILE A 33 -10.74 4.44 5.23
CA ILE A 33 -10.49 3.67 4.02
C ILE A 33 -10.41 2.18 4.34
N ASP A 34 -11.22 1.38 3.63
CA ASP A 34 -11.12 -0.07 3.59
C ASP A 34 -10.20 -0.48 2.45
N ILE A 35 -9.11 -1.17 2.77
CA ILE A 35 -8.26 -1.84 1.79
C ILE A 35 -7.88 -3.21 2.37
N PRO A 36 -7.53 -4.20 1.53
CA PRO A 36 -7.31 -5.56 2.01
C PRO A 36 -6.09 -5.59 2.91
N TYR A 37 -6.26 -6.11 4.13
CA TYR A 37 -5.22 -6.20 5.14
C TYR A 37 -5.47 -7.44 6.01
N SER A 38 -5.37 -8.62 5.39
CA SER A 38 -5.63 -9.88 6.07
C SER A 38 -4.70 -10.11 7.26
N CYS A 39 -3.53 -9.47 7.27
CA CYS A 39 -2.60 -9.37 8.39
C CYS A 39 -2.40 -7.89 8.73
N ARG A 40 -1.77 -7.64 9.88
CA ARG A 40 -1.51 -6.31 10.39
C ARG A 40 -0.29 -6.41 11.32
N ALA A 41 0.85 -6.72 10.72
CA ALA A 41 2.14 -6.90 11.37
C ALA A 41 3.23 -6.91 10.31
N GLY A 42 3.20 -7.89 9.41
CA GLY A 42 4.19 -8.06 8.34
C GLY A 42 4.61 -9.52 8.18
N SER A 43 3.64 -10.42 7.97
CA SER A 43 3.89 -11.84 7.78
C SER A 43 2.62 -12.52 7.26
N CYS A 44 2.41 -12.50 5.94
CA CYS A 44 1.36 -13.23 5.26
C CYS A 44 1.85 -13.65 3.88
N SER A 45 0.95 -14.13 3.02
CA SER A 45 1.22 -14.41 1.62
C SER A 45 -0.10 -14.25 0.86
N SER A 46 -0.62 -13.03 0.87
CA SER A 46 -1.86 -12.57 0.26
C SER A 46 -1.74 -11.05 0.23
N CYS A 47 -2.77 -10.33 -0.24
CA CYS A 47 -2.83 -8.86 -0.29
C CYS A 47 -1.97 -8.28 -1.42
N ALA A 48 -2.01 -6.96 -1.59
CA ALA A 48 -1.15 -6.10 -2.40
C ALA A 48 -1.90 -4.99 -3.12
N GLY A 49 -1.14 -4.03 -3.65
CA GLY A 49 -1.58 -3.03 -4.61
C GLY A 49 -0.49 -2.74 -5.63
N LYS A 50 -0.87 -2.14 -6.77
CA LYS A 50 -0.03 -1.82 -7.90
C LYS A 50 0.45 -0.36 -7.83
N VAL A 51 1.74 -0.14 -7.60
CA VAL A 51 2.38 1.17 -7.60
C VAL A 51 2.22 1.80 -8.98
N VAL A 52 1.41 2.86 -9.09
CA VAL A 52 1.22 3.61 -10.32
C VAL A 52 2.34 4.64 -10.46
N SER A 53 2.62 5.39 -9.39
CA SER A 53 3.67 6.39 -9.40
C SER A 53 4.07 6.75 -7.97
N GLY A 54 5.12 7.55 -7.82
CA GLY A 54 5.77 7.82 -6.55
C GLY A 54 6.48 6.58 -6.02
N SER A 55 6.81 6.56 -4.72
CA SER A 55 7.45 5.43 -4.08
C SER A 55 7.15 5.47 -2.59
N ILE A 56 7.21 4.30 -1.96
CA ILE A 56 7.08 4.09 -0.53
C ILE A 56 8.18 3.13 -0.10
N ASP A 57 8.42 3.02 1.20
CA ASP A 57 9.32 2.05 1.78
C ASP A 57 8.45 0.99 2.44
N GLN A 58 8.45 -0.21 1.88
CA GLN A 58 7.81 -1.36 2.50
C GLN A 58 8.85 -2.35 3.06
N SER A 59 10.02 -1.90 3.52
CA SER A 59 11.08 -2.77 4.05
C SER A 59 10.75 -3.29 5.46
N ASP A 60 9.62 -3.96 5.60
CA ASP A 60 9.04 -4.42 6.86
C ASP A 60 8.41 -5.82 6.71
N GLN A 61 7.73 -6.08 5.58
CA GLN A 61 7.01 -7.32 5.32
C GLN A 61 7.96 -8.47 4.99
N SER A 62 7.38 -9.64 4.69
CA SER A 62 8.09 -10.78 4.14
C SER A 62 7.15 -11.52 3.20
N PHE A 63 6.92 -10.98 2.01
CA PHE A 63 6.08 -11.60 1.00
C PHE A 63 6.48 -11.15 -0.41
N LEU A 64 6.11 -9.92 -0.83
CA LEU A 64 6.23 -9.56 -2.24
C LEU A 64 7.66 -9.76 -2.72
N ASP A 65 7.81 -10.32 -3.91
CA ASP A 65 9.11 -10.62 -4.47
C ASP A 65 9.66 -9.40 -5.19
N ASP A 66 10.97 -9.42 -5.47
CA ASP A 66 11.67 -8.38 -6.21
C ASP A 66 10.94 -8.12 -7.50
N GLU A 67 10.55 -9.22 -8.16
CA GLU A 67 9.81 -9.21 -9.40
C GLU A 67 8.58 -8.32 -9.25
N GLN A 68 7.67 -8.68 -8.34
CA GLN A 68 6.46 -7.93 -8.09
C GLN A 68 6.77 -6.46 -7.80
N MET A 69 7.68 -6.18 -6.88
CA MET A 69 8.06 -4.81 -6.58
C MET A 69 8.44 -4.05 -7.86
N ASP A 70 9.48 -4.54 -8.56
CA ASP A 70 10.01 -3.94 -9.78
C ASP A 70 8.89 -3.76 -10.83
N ALA A 71 8.07 -4.81 -10.94
CA ALA A 71 6.95 -4.91 -11.86
C ALA A 71 5.89 -3.84 -11.58
N GLY A 72 5.86 -3.29 -10.37
CA GLY A 72 5.01 -2.18 -10.02
C GLY A 72 4.03 -2.57 -8.94
N TYR A 73 4.38 -3.46 -8.00
CA TYR A 73 3.51 -3.86 -6.90
C TYR A 73 4.08 -3.53 -5.53
N VAL A 74 3.24 -3.60 -4.50
CA VAL A 74 3.60 -3.23 -3.14
C VAL A 74 2.55 -3.85 -2.21
N LEU A 75 2.85 -4.05 -0.91
CA LEU A 75 1.81 -4.53 0.00
C LEU A 75 0.73 -3.45 0.27
N THR A 76 1.15 -2.25 0.68
CA THR A 76 0.26 -1.19 1.17
C THR A 76 -0.51 -1.67 2.40
N CYS A 77 0.29 -2.07 3.40
CA CYS A 77 -0.10 -2.42 4.75
C CYS A 77 0.95 -1.70 5.60
N HIS A 78 2.03 -2.40 5.95
CA HIS A 78 3.12 -1.90 6.79
C HIS A 78 4.13 -1.11 5.94
N ALA A 79 3.66 -0.18 5.12
CA ALA A 79 4.51 0.60 4.24
C ALA A 79 4.47 2.07 4.62
N TYR A 80 5.59 2.77 4.45
CA TYR A 80 5.73 4.18 4.78
C TYR A 80 5.82 5.00 3.49
N PRO A 81 4.94 5.97 3.29
CA PRO A 81 4.95 6.81 2.11
C PRO A 81 6.14 7.77 2.12
N THR A 82 7.02 7.67 1.12
CA THR A 82 8.20 8.52 1.07
C THR A 82 7.96 9.78 0.23
N SER A 83 6.87 9.81 -0.55
CA SER A 83 6.39 10.97 -1.29
C SER A 83 4.90 10.73 -1.59
N ASP A 84 4.26 11.65 -2.31
CA ASP A 84 2.94 11.50 -2.89
C ASP A 84 2.96 10.34 -3.89
N VAL A 85 2.55 9.17 -3.41
CA VAL A 85 2.49 7.94 -4.18
C VAL A 85 1.06 7.68 -4.66
N VAL A 86 0.95 7.04 -5.83
CA VAL A 86 -0.31 6.60 -6.40
C VAL A 86 -0.20 5.09 -6.52
N ILE A 87 -1.14 4.33 -5.97
CA ILE A 87 -1.12 2.88 -5.95
C ILE A 87 -2.55 2.35 -6.08
N GLU A 88 -2.76 1.22 -6.77
CA GLU A 88 -4.06 0.58 -6.91
C GLU A 88 -4.17 -0.60 -5.95
N THR A 89 -5.03 -0.55 -4.95
CA THR A 89 -5.14 -1.63 -3.98
C THR A 89 -5.97 -2.80 -4.53
N HIS A 90 -6.08 -3.90 -3.78
CA HIS A 90 -6.86 -5.08 -4.12
C HIS A 90 -6.20 -5.87 -5.25
N LYS A 91 -4.92 -6.22 -5.10
CA LYS A 91 -4.11 -6.85 -6.15
C LYS A 91 -3.49 -8.17 -5.71
N GLU A 92 -4.12 -8.82 -4.72
CA GLU A 92 -3.77 -10.15 -4.26
C GLU A 92 -3.67 -11.09 -5.47
N GLU A 93 -4.81 -11.42 -6.10
CA GLU A 93 -4.82 -12.22 -7.31
C GLU A 93 -4.44 -11.37 -8.57
N GLU A 94 -3.42 -10.51 -8.45
CA GLU A 94 -2.71 -9.90 -9.57
C GLU A 94 -1.19 -10.03 -9.40
N ILE A 95 -0.67 -10.12 -8.17
CA ILE A 95 0.75 -10.34 -7.94
C ILE A 95 1.16 -11.81 -8.04
N VAL A 96 0.36 -12.73 -7.47
CA VAL A 96 0.71 -14.14 -7.44
C VAL A 96 0.33 -14.79 -8.77
FE1 FES B . -0.28 -9.14 5.04
FE2 FES B . -0.76 -7.07 3.51
S1 FES B . 1.19 -7.73 4.29
S2 FES B . -2.23 -8.29 4.52
N ALA A 1 6.62 14.02 5.17
CA ALA A 1 5.77 15.00 5.85
C ALA A 1 4.37 14.94 5.28
N THR A 2 3.61 13.92 5.70
CA THR A 2 2.17 13.83 5.49
C THR A 2 1.75 14.00 4.03
N TYR A 3 1.97 12.96 3.23
CA TYR A 3 1.85 13.02 1.79
C TYR A 3 0.49 12.53 1.30
N ASN A 4 0.12 12.98 0.09
CA ASN A 4 -1.13 12.68 -0.57
C ASN A 4 -1.05 11.33 -1.23
N VAL A 5 -1.40 10.26 -0.51
CA VAL A 5 -1.36 8.92 -1.07
C VAL A 5 -2.68 8.64 -1.76
N LYS A 6 -2.65 8.29 -3.05
CA LYS A 6 -3.83 7.81 -3.74
C LYS A 6 -3.89 6.29 -3.73
N LEU A 7 -5.07 5.77 -3.37
CA LEU A 7 -5.44 4.37 -3.49
C LEU A 7 -6.53 4.26 -4.54
N ILE A 8 -6.19 3.77 -5.74
CA ILE A 8 -7.15 3.46 -6.79
C ILE A 8 -7.84 2.16 -6.39
N THR A 9 -8.90 2.30 -5.61
CA THR A 9 -9.77 1.23 -5.20
C THR A 9 -10.80 0.98 -6.32
N PRO A 10 -11.37 -0.24 -6.43
CA PRO A 10 -12.35 -0.58 -7.44
C PRO A 10 -13.64 0.26 -7.31
N ASP A 11 -13.93 0.71 -6.09
CA ASP A 11 -14.99 1.66 -5.77
C ASP A 11 -14.84 2.94 -6.60
N GLY A 12 -13.59 3.28 -6.91
CA GLY A 12 -13.23 4.38 -7.79
C GLY A 12 -12.41 5.42 -7.02
N GLU A 13 -11.25 5.00 -6.51
CA GLU A 13 -10.27 5.81 -5.79
C GLU A 13 -10.79 6.32 -4.45
N VAL A 14 -9.88 6.77 -3.59
CA VAL A 14 -10.16 7.48 -2.35
C VAL A 14 -9.30 8.73 -2.21
N GLU A 15 -7.99 8.55 -2.03
CA GLU A 15 -6.98 9.59 -1.85
C GLU A 15 -7.03 10.19 -0.45
N PHE A 16 -5.88 10.24 0.23
CA PHE A 16 -5.82 10.60 1.64
C PHE A 16 -4.40 11.00 2.05
N LYS A 17 -4.24 11.50 3.28
CA LYS A 17 -2.94 11.94 3.78
C LYS A 17 -2.32 10.85 4.65
N CYS A 18 -1.09 10.47 4.35
CA CYS A 18 -0.33 9.51 5.13
C CYS A 18 1.01 10.07 5.57
N ASP A 19 1.29 10.06 6.88
CA ASP A 19 2.57 10.47 7.43
C ASP A 19 3.68 9.54 6.95
N ASP A 20 4.87 10.10 6.79
CA ASP A 20 6.09 9.37 6.45
C ASP A 20 6.51 8.40 7.56
N ASP A 21 5.94 8.56 8.76
CA ASP A 21 6.24 7.82 9.97
C ASP A 21 5.12 6.82 10.32
N VAL A 22 4.06 6.72 9.50
CA VAL A 22 2.90 5.88 9.80
C VAL A 22 2.59 5.00 8.58
N TYR A 23 1.92 3.86 8.75
CA TYR A 23 1.66 3.03 7.58
C TYR A 23 0.54 3.64 6.74
N VAL A 24 0.56 3.32 5.44
CA VAL A 24 -0.52 3.69 4.54
C VAL A 24 -1.85 3.19 5.12
N LEU A 25 -1.91 1.90 5.43
CA LEU A 25 -3.13 1.27 5.91
C LEU A 25 -3.63 1.95 7.19
N ASP A 26 -2.72 2.26 8.12
CA ASP A 26 -3.06 2.84 9.41
C ASP A 26 -3.94 4.05 9.16
N GLN A 27 -3.32 5.05 8.54
CA GLN A 27 -3.91 6.35 8.43
C GLN A 27 -5.10 6.29 7.47
N ALA A 28 -5.03 5.45 6.44
CA ALA A 28 -6.18 5.18 5.57
C ALA A 28 -7.41 4.76 6.39
N GLU A 29 -7.30 3.66 7.15
CA GLU A 29 -8.40 3.21 7.98
C GLU A 29 -8.80 4.34 8.95
N GLU A 30 -7.84 5.09 9.49
CA GLU A 30 -8.14 6.26 10.31
C GLU A 30 -9.04 7.27 9.60
N GLU A 31 -8.83 7.50 8.30
CA GLU A 31 -9.67 8.42 7.54
C GLU A 31 -11.02 7.78 7.28
N GLY A 32 -11.03 6.44 7.24
CA GLY A 32 -12.21 5.60 7.08
C GLY A 32 -12.13 4.78 5.80
N ILE A 33 -10.94 4.72 5.19
CA ILE A 33 -10.77 3.96 3.95
C ILE A 33 -10.71 2.47 4.26
N ASP A 34 -11.52 1.69 3.55
CA ASP A 34 -11.49 0.23 3.53
C ASP A 34 -10.57 -0.22 2.39
N ILE A 35 -9.50 -0.95 2.73
CA ILE A 35 -8.60 -1.58 1.76
C ILE A 35 -8.25 -2.98 2.28
N PRO A 36 -7.78 -3.90 1.42
CA PRO A 36 -7.50 -5.25 1.82
C PRO A 36 -6.28 -5.26 2.72
N TYR A 37 -6.50 -5.49 4.01
CA TYR A 37 -5.49 -5.67 5.03
C TYR A 37 -5.91 -6.88 5.85
N SER A 38 -5.37 -8.06 5.51
CA SER A 38 -5.38 -9.18 6.43
C SER A 38 -4.22 -9.01 7.42
N CYS A 39 -3.87 -10.11 8.11
CA CYS A 39 -2.92 -10.18 9.22
C CYS A 39 -2.90 -8.89 10.09
N ARG A 40 -1.71 -8.50 10.56
CA ARG A 40 -1.33 -7.16 11.00
C ARG A 40 0.12 -7.20 11.52
N ALA A 41 1.00 -7.91 10.79
CA ALA A 41 2.32 -8.26 11.24
C ALA A 41 3.08 -8.86 10.07
N GLY A 42 3.83 -8.03 9.33
CA GLY A 42 4.60 -8.38 8.14
C GLY A 42 5.24 -9.77 8.23
N SER A 43 4.54 -10.78 7.69
CA SER A 43 4.89 -12.18 7.86
C SER A 43 3.98 -13.06 6.98
N CYS A 44 2.68 -12.74 6.91
CA CYS A 44 1.78 -13.46 6.02
C CYS A 44 2.13 -13.20 4.55
N SER A 45 1.42 -13.87 3.64
CA SER A 45 1.60 -13.69 2.21
C SER A 45 0.24 -13.50 1.52
N SER A 46 -0.39 -12.35 1.77
CA SER A 46 -1.53 -11.86 1.01
C SER A 46 -1.52 -10.33 1.16
N CYS A 47 -2.50 -9.64 0.56
CA CYS A 47 -2.60 -8.19 0.38
C CYS A 47 -1.60 -7.66 -0.65
N ALA A 48 -2.01 -6.61 -1.37
CA ALA A 48 -1.14 -5.84 -2.25
C ALA A 48 -1.93 -4.80 -3.04
N GLY A 49 -1.18 -3.89 -3.64
CA GLY A 49 -1.62 -2.93 -4.61
C GLY A 49 -0.56 -2.74 -5.70
N LYS A 50 -0.91 -2.02 -6.76
CA LYS A 50 -0.07 -1.72 -7.92
C LYS A 50 0.45 -0.29 -7.81
N VAL A 51 1.76 -0.11 -7.60
CA VAL A 51 2.40 1.20 -7.59
C VAL A 51 2.24 1.84 -8.96
N VAL A 52 1.44 2.91 -9.06
CA VAL A 52 1.31 3.68 -10.28
C VAL A 52 2.45 4.69 -10.37
N SER A 53 2.72 5.43 -9.28
CA SER A 53 3.78 6.43 -9.27
C SER A 53 4.17 6.80 -7.84
N GLY A 54 5.18 7.64 -7.70
CA GLY A 54 5.85 7.93 -6.43
C GLY A 54 6.70 6.74 -6.00
N SER A 55 7.02 6.67 -4.71
CA SER A 55 7.70 5.53 -4.11
C SER A 55 7.34 5.53 -2.62
N ILE A 56 7.43 4.35 -1.99
CA ILE A 56 7.23 4.14 -0.58
C ILE A 56 8.27 3.13 -0.11
N ASP A 57 8.45 3.00 1.20
CA ASP A 57 9.33 2.01 1.80
C ASP A 57 8.44 0.91 2.38
N GLN A 58 8.46 -0.27 1.74
CA GLN A 58 7.95 -1.49 2.31
C GLN A 58 9.12 -2.46 2.55
N SER A 59 10.10 -2.05 3.35
CA SER A 59 11.20 -2.92 3.78
C SER A 59 10.88 -3.55 5.13
N ASP A 60 9.68 -4.15 5.25
CA ASP A 60 9.19 -4.73 6.50
C ASP A 60 8.73 -6.16 6.25
N GLN A 61 7.82 -6.34 5.29
CA GLN A 61 7.38 -7.66 4.85
C GLN A 61 8.56 -8.39 4.19
N SER A 62 8.42 -9.70 4.04
CA SER A 62 9.19 -10.47 3.07
C SER A 62 8.22 -11.28 2.19
N PHE A 63 7.00 -10.76 1.99
CA PHE A 63 6.04 -11.36 1.08
C PHE A 63 6.38 -11.01 -0.37
N LEU A 64 6.18 -9.76 -0.82
CA LEU A 64 6.37 -9.48 -2.23
C LEU A 64 7.81 -9.76 -2.62
N ASP A 65 7.96 -10.29 -3.83
CA ASP A 65 9.26 -10.57 -4.44
C ASP A 65 9.70 -9.38 -5.28
N ASP A 66 10.97 -9.40 -5.67
CA ASP A 66 11.61 -8.37 -6.47
C ASP A 66 10.80 -8.18 -7.75
N GLU A 67 10.39 -9.29 -8.35
CA GLU A 67 9.60 -9.31 -9.56
C GLU A 67 8.39 -8.40 -9.40
N GLN A 68 7.53 -8.73 -8.43
CA GLN A 68 6.33 -7.98 -8.17
C GLN A 68 6.63 -6.50 -7.92
N MET A 69 7.57 -6.20 -7.02
CA MET A 69 7.98 -4.83 -6.78
C MET A 69 8.31 -4.11 -8.09
N ASP A 70 9.32 -4.61 -8.81
CA ASP A 70 9.81 -4.03 -10.06
C ASP A 70 8.66 -3.89 -11.07
N ALA A 71 7.85 -4.93 -11.15
CA ALA A 71 6.71 -5.06 -12.04
C ALA A 71 5.65 -4.00 -11.78
N GLY A 72 5.63 -3.42 -10.56
CA GLY A 72 4.75 -2.31 -10.24
C GLY A 72 3.84 -2.65 -9.07
N TYR A 73 4.24 -3.52 -8.13
CA TYR A 73 3.38 -3.91 -7.02
C TYR A 73 3.97 -3.53 -5.66
N VAL A 74 3.15 -3.56 -4.62
CA VAL A 74 3.51 -3.16 -3.27
C VAL A 74 2.54 -3.80 -2.27
N LEU A 75 3.02 -4.16 -1.07
CA LEU A 75 2.17 -4.66 0.00
C LEU A 75 1.53 -3.48 0.74
N THR A 76 0.28 -3.66 1.20
CA THR A 76 -0.52 -2.64 1.86
C THR A 76 -0.79 -3.01 3.33
N CYS A 77 0.19 -3.66 3.97
CA CYS A 77 0.29 -3.81 5.42
C CYS A 77 1.26 -2.72 5.89
N HIS A 78 2.51 -3.10 6.11
CA HIS A 78 3.56 -2.25 6.64
C HIS A 78 4.31 -1.61 5.49
N ALA A 79 3.86 -0.43 5.07
CA ALA A 79 4.56 0.39 4.10
C ALA A 79 4.43 1.86 4.49
N TYR A 80 5.52 2.62 4.37
CA TYR A 80 5.61 4.03 4.73
C TYR A 80 5.72 4.89 3.48
N PRO A 81 4.85 5.89 3.31
CA PRO A 81 4.88 6.77 2.15
C PRO A 81 6.06 7.74 2.23
N THR A 82 7.00 7.68 1.28
CA THR A 82 8.18 8.52 1.30
C THR A 82 7.94 9.85 0.55
N SER A 83 6.92 9.89 -0.31
CA SER A 83 6.44 11.06 -1.02
C SER A 83 4.96 10.84 -1.33
N ASP A 84 4.35 11.76 -2.07
CA ASP A 84 3.07 11.56 -2.75
C ASP A 84 3.22 10.37 -3.70
N VAL A 85 2.50 9.29 -3.39
CA VAL A 85 2.49 8.03 -4.14
C VAL A 85 1.07 7.75 -4.63
N VAL A 86 0.98 7.18 -5.83
CA VAL A 86 -0.27 6.68 -6.38
C VAL A 86 -0.11 5.19 -6.52
N ILE A 87 -1.05 4.44 -5.96
CA ILE A 87 -1.08 3.00 -6.00
C ILE A 87 -2.53 2.56 -6.25
N GLU A 88 -2.73 1.37 -6.80
CA GLU A 88 -4.04 0.73 -6.94
C GLU A 88 -4.17 -0.40 -5.93
N THR A 89 -5.05 -0.30 -4.96
CA THR A 89 -5.24 -1.36 -3.99
C THR A 89 -6.01 -2.55 -4.60
N HIS A 90 -6.19 -3.64 -3.83
CA HIS A 90 -6.95 -4.82 -4.22
C HIS A 90 -6.22 -5.60 -5.32
N LYS A 91 -4.95 -5.93 -5.08
CA LYS A 91 -4.10 -6.61 -6.06
C LYS A 91 -3.47 -7.88 -5.48
N GLU A 92 -4.14 -8.50 -4.51
CA GLU A 92 -3.71 -9.77 -3.95
C GLU A 92 -3.59 -10.79 -5.10
N GLU A 93 -4.71 -11.12 -5.72
CA GLU A 93 -4.74 -12.09 -6.80
C GLU A 93 -4.16 -11.57 -8.14
N GLU A 94 -3.45 -10.43 -8.12
CA GLU A 94 -2.76 -9.87 -9.27
C GLU A 94 -1.25 -10.12 -9.14
N ILE A 95 -0.76 -10.43 -7.93
CA ILE A 95 0.66 -10.57 -7.69
C ILE A 95 1.07 -12.04 -7.66
N VAL A 96 0.25 -12.88 -7.04
CA VAL A 96 0.52 -14.31 -6.94
C VAL A 96 0.07 -15.03 -8.21
FE1 FES B . -0.60 -10.10 5.62
FE2 FES B . -0.62 -7.92 4.35
S1 FES B . -2.33 -9.15 4.74
S2 FES B . 1.10 -9.32 4.49
N ALA A 1 6.55 14.49 7.62
CA ALA A 1 6.30 15.12 6.30
C ALA A 1 4.83 15.18 5.89
N THR A 2 4.16 14.03 5.77
CA THR A 2 2.74 13.89 5.43
C THR A 2 2.49 14.12 3.94
N TYR A 3 1.99 13.09 3.24
CA TYR A 3 1.86 13.11 1.78
C TYR A 3 0.50 12.58 1.34
N ASN A 4 0.11 12.92 0.11
CA ASN A 4 -1.17 12.62 -0.50
C ASN A 4 -1.11 11.25 -1.17
N VAL A 5 -1.38 10.19 -0.42
CA VAL A 5 -1.33 8.84 -0.95
C VAL A 5 -2.65 8.54 -1.63
N LYS A 6 -2.63 8.18 -2.92
CA LYS A 6 -3.80 7.64 -3.58
C LYS A 6 -3.82 6.12 -3.53
N LEU A 7 -5.00 5.59 -3.19
CA LEU A 7 -5.33 4.19 -3.29
C LEU A 7 -6.41 4.04 -4.34
N ILE A 8 -6.06 3.53 -5.52
CA ILE A 8 -7.02 3.15 -6.53
C ILE A 8 -7.64 1.84 -6.04
N THR A 9 -8.76 1.98 -5.33
CA THR A 9 -9.57 0.89 -4.85
C THR A 9 -10.64 0.58 -5.92
N PRO A 10 -11.17 -0.65 -5.96
CA PRO A 10 -12.15 -1.06 -6.95
C PRO A 10 -13.42 -0.20 -6.91
N ASP A 11 -13.75 0.31 -5.72
CA ASP A 11 -14.83 1.25 -5.45
C ASP A 11 -14.70 2.50 -6.33
N GLY A 12 -13.45 2.86 -6.64
CA GLY A 12 -13.10 3.93 -7.55
C GLY A 12 -12.32 5.02 -6.82
N GLU A 13 -11.16 4.64 -6.28
CA GLU A 13 -10.19 5.49 -5.59
C GLU A 13 -10.74 6.04 -4.27
N VAL A 14 -9.83 6.51 -3.40
CA VAL A 14 -10.19 7.20 -2.15
C VAL A 14 -9.33 8.44 -1.94
N GLU A 15 -8.02 8.25 -1.79
CA GLU A 15 -7.00 9.30 -1.62
C GLU A 15 -7.01 9.88 -0.20
N PHE A 16 -5.83 10.01 0.42
CA PHE A 16 -5.73 10.44 1.81
C PHE A 16 -4.34 10.92 2.19
N LYS A 17 -4.20 11.46 3.41
CA LYS A 17 -2.94 11.95 3.92
C LYS A 17 -2.29 10.87 4.76
N CYS A 18 -1.04 10.53 4.45
CA CYS A 18 -0.30 9.53 5.20
C CYS A 18 1.05 10.08 5.60
N ASP A 19 1.41 9.93 6.88
CA ASP A 19 2.70 10.35 7.39
C ASP A 19 3.75 9.34 6.96
N ASP A 20 4.88 9.89 6.58
CA ASP A 20 6.15 9.27 6.24
C ASP A 20 6.61 8.31 7.33
N ASP A 21 6.19 8.57 8.55
CA ASP A 21 6.54 7.81 9.74
C ASP A 21 5.42 6.86 10.16
N VAL A 22 4.35 6.70 9.36
CA VAL A 22 3.24 5.81 9.68
C VAL A 22 2.89 4.93 8.49
N TYR A 23 2.23 3.80 8.77
CA TYR A 23 1.85 2.87 7.72
C TYR A 23 0.64 3.40 6.94
N VAL A 24 0.59 3.08 5.64
CA VAL A 24 -0.57 3.44 4.82
C VAL A 24 -1.85 2.90 5.45
N LEU A 25 -1.90 1.59 5.71
CA LEU A 25 -3.06 0.89 6.26
C LEU A 25 -3.18 1.09 7.78
N ASP A 26 -3.02 2.35 8.22
CA ASP A 26 -3.23 2.80 9.58
C ASP A 26 -3.96 4.13 9.52
N GLN A 27 -3.27 5.16 9.02
CA GLN A 27 -3.84 6.48 8.89
C GLN A 27 -4.95 6.53 7.83
N ALA A 28 -5.13 5.47 7.03
CA ALA A 28 -6.21 5.39 6.07
C ALA A 28 -7.55 5.06 6.72
N GLU A 29 -7.60 3.96 7.49
CA GLU A 29 -8.84 3.55 8.13
C GLU A 29 -9.40 4.68 8.97
N GLU A 30 -8.55 5.46 9.66
CA GLU A 30 -9.03 6.59 10.44
C GLU A 30 -9.80 7.62 9.62
N GLU A 31 -9.46 7.77 8.32
CA GLU A 31 -10.19 8.67 7.45
C GLU A 31 -11.48 8.00 6.99
N GLY A 32 -11.47 6.66 6.94
CA GLY A 32 -12.60 5.84 6.58
C GLY A 32 -12.26 4.94 5.39
N ILE A 33 -10.98 4.82 5.01
CA ILE A 33 -10.59 3.99 3.89
C ILE A 33 -10.68 2.51 4.29
N ASP A 34 -11.46 1.74 3.53
CA ASP A 34 -11.47 0.29 3.61
C ASP A 34 -10.42 -0.25 2.64
N ILE A 35 -9.37 -0.90 3.15
CA ILE A 35 -8.38 -1.61 2.36
C ILE A 35 -8.16 -3.01 2.96
N PRO A 36 -7.61 -3.97 2.17
CA PRO A 36 -7.54 -5.36 2.58
C PRO A 36 -6.65 -5.49 3.81
N TYR A 37 -7.25 -5.63 5.00
CA TYR A 37 -6.52 -5.64 6.24
C TYR A 37 -5.76 -6.96 6.42
N SER A 38 -6.48 -8.08 6.26
CA SER A 38 -6.09 -9.50 6.22
C SER A 38 -5.04 -10.05 7.22
N CYS A 39 -4.34 -9.22 7.99
CA CYS A 39 -3.37 -9.54 9.03
C CYS A 39 -3.09 -8.20 9.73
N ARG A 40 -1.89 -8.02 10.30
CA ARG A 40 -1.23 -6.72 10.36
C ARG A 40 0.23 -6.96 10.77
N ALA A 41 1.03 -7.51 9.86
CA ALA A 41 2.43 -7.86 10.03
C ALA A 41 2.86 -8.73 8.84
N GLY A 42 3.68 -8.16 7.95
CA GLY A 42 4.35 -8.81 6.82
C GLY A 42 4.64 -10.31 6.98
N SER A 43 3.65 -11.16 6.69
CA SER A 43 3.74 -12.59 6.96
C SER A 43 2.65 -13.32 6.17
N CYS A 44 1.40 -12.92 6.37
CA CYS A 44 0.21 -13.54 5.76
C CYS A 44 0.40 -13.77 4.26
N SER A 45 1.03 -12.77 3.61
CA SER A 45 1.31 -12.73 2.20
C SER A 45 0.03 -12.54 1.38
N SER A 46 -0.65 -11.40 1.55
CA SER A 46 -1.80 -11.02 0.74
C SER A 46 -1.82 -9.51 0.45
N CYS A 47 -3.00 -8.88 0.54
CA CYS A 47 -3.34 -7.50 0.19
C CYS A 47 -2.78 -7.01 -1.16
N ALA A 48 -1.48 -6.73 -1.17
CA ALA A 48 -0.69 -6.10 -2.22
C ALA A 48 -1.32 -4.83 -2.80
N GLY A 49 -0.59 -4.20 -3.71
CA GLY A 49 -1.08 -3.11 -4.51
C GLY A 49 -0.11 -2.82 -5.64
N LYS A 50 -0.56 -2.14 -6.70
CA LYS A 50 0.22 -1.78 -7.85
C LYS A 50 0.70 -0.33 -7.76
N VAL A 51 2.00 -0.11 -7.56
CA VAL A 51 2.61 1.22 -7.58
C VAL A 51 2.35 1.86 -8.95
N VAL A 52 1.50 2.87 -9.01
CA VAL A 52 1.29 3.64 -10.24
C VAL A 52 2.39 4.69 -10.36
N SER A 53 2.64 5.46 -9.29
CA SER A 53 3.62 6.53 -9.33
C SER A 53 4.04 6.90 -7.91
N GLY A 54 5.05 7.77 -7.81
CA GLY A 54 5.79 8.01 -6.58
C GLY A 54 6.57 6.76 -6.17
N SER A 55 7.09 6.75 -4.93
CA SER A 55 7.80 5.63 -4.34
C SER A 55 7.37 5.57 -2.87
N ILE A 56 7.53 4.42 -2.23
CA ILE A 56 7.30 4.21 -0.80
C ILE A 56 8.31 3.18 -0.32
N ASP A 57 8.46 3.05 0.99
CA ASP A 57 9.34 2.07 1.61
C ASP A 57 8.48 1.01 2.29
N GLN A 58 8.47 -0.20 1.72
CA GLN A 58 7.86 -1.38 2.32
C GLN A 58 8.90 -2.33 2.92
N SER A 59 10.11 -1.86 3.30
CA SER A 59 11.18 -2.70 3.80
C SER A 59 10.94 -3.17 5.25
N ASP A 60 9.70 -3.58 5.57
CA ASP A 60 9.27 -4.06 6.87
C ASP A 60 8.51 -5.39 6.71
N GLN A 61 8.46 -5.95 5.49
CA GLN A 61 7.64 -7.09 5.15
C GLN A 61 8.47 -8.34 4.85
N SER A 62 7.78 -9.41 4.45
CA SER A 62 8.37 -10.62 3.90
C SER A 62 7.29 -11.30 3.05
N PHE A 63 7.06 -10.77 1.84
CA PHE A 63 6.16 -11.37 0.87
C PHE A 63 6.60 -11.01 -0.54
N LEU A 64 6.26 -9.81 -1.04
CA LEU A 64 6.44 -9.53 -2.46
C LEU A 64 7.87 -9.81 -2.90
N ASP A 65 8.00 -10.42 -4.07
CA ASP A 65 9.28 -10.71 -4.67
C ASP A 65 9.80 -9.49 -5.42
N ASP A 66 11.09 -9.52 -5.75
CA ASP A 66 11.76 -8.47 -6.49
C ASP A 66 11.02 -8.24 -7.79
N GLU A 67 10.62 -9.33 -8.44
CA GLU A 67 9.87 -9.33 -9.68
C GLU A 67 8.65 -8.42 -9.53
N GLN A 68 7.76 -8.77 -8.59
CA GLN A 68 6.56 -8.01 -8.32
C GLN A 68 6.87 -6.54 -8.04
N MET A 69 7.81 -6.25 -7.12
CA MET A 69 8.20 -4.88 -6.86
C MET A 69 8.56 -4.14 -8.16
N ASP A 70 9.56 -4.65 -8.88
CA ASP A 70 10.07 -4.06 -10.12
C ASP A 70 8.94 -3.89 -11.14
N ALA A 71 8.10 -4.93 -11.23
CA ALA A 71 6.96 -5.01 -12.11
C ALA A 71 5.91 -3.93 -11.83
N GLY A 72 5.94 -3.36 -10.62
CA GLY A 72 5.13 -2.22 -10.26
C GLY A 72 4.19 -2.57 -9.10
N TYR A 73 4.56 -3.50 -8.22
CA TYR A 73 3.74 -3.87 -7.07
C TYR A 73 4.36 -3.47 -5.73
N VAL A 74 3.58 -3.55 -4.66
CA VAL A 74 3.95 -3.16 -3.32
C VAL A 74 3.00 -3.83 -2.31
N LEU A 75 3.41 -3.94 -1.05
CA LEU A 75 2.62 -4.48 0.05
C LEU A 75 1.74 -3.40 0.68
N THR A 76 0.41 -3.48 0.57
CA THR A 76 -0.48 -2.51 1.20
C THR A 76 -0.78 -2.86 2.67
N CYS A 77 0.26 -3.22 3.44
CA CYS A 77 0.19 -3.30 4.89
C CYS A 77 1.23 -2.31 5.42
N HIS A 78 2.41 -2.82 5.79
CA HIS A 78 3.46 -2.07 6.43
C HIS A 78 4.30 -1.35 5.39
N ALA A 79 3.70 -0.34 4.75
CA ALA A 79 4.34 0.53 3.79
C ALA A 79 4.34 1.95 4.33
N TYR A 80 5.49 2.64 4.24
CA TYR A 80 5.66 4.04 4.63
C TYR A 80 5.73 4.92 3.38
N PRO A 81 4.88 5.94 3.27
CA PRO A 81 4.86 6.82 2.12
C PRO A 81 6.03 7.80 2.12
N THR A 82 6.96 7.73 1.16
CA THR A 82 8.12 8.62 1.16
C THR A 82 7.88 9.88 0.31
N SER A 83 6.78 9.93 -0.45
CA SER A 83 6.29 11.09 -1.18
C SER A 83 4.82 10.83 -1.51
N ASP A 84 4.18 11.76 -2.24
CA ASP A 84 2.87 11.60 -2.85
C ASP A 84 2.92 10.45 -3.86
N VAL A 85 2.57 9.25 -3.38
CA VAL A 85 2.51 8.03 -4.16
C VAL A 85 1.09 7.77 -4.63
N VAL A 86 0.96 7.17 -5.81
CA VAL A 86 -0.28 6.61 -6.32
C VAL A 86 -0.05 5.11 -6.40
N ILE A 87 -0.94 4.33 -5.77
CA ILE A 87 -0.91 2.89 -5.79
C ILE A 87 -2.35 2.40 -6.04
N GLU A 88 -2.51 1.21 -6.62
CA GLU A 88 -3.80 0.53 -6.74
C GLU A 88 -3.87 -0.59 -5.72
N THR A 89 -4.90 -0.63 -4.87
CA THR A 89 -4.98 -1.64 -3.82
C THR A 89 -5.76 -2.87 -4.31
N HIS A 90 -5.83 -3.91 -3.48
CA HIS A 90 -6.58 -5.14 -3.76
C HIS A 90 -5.92 -5.87 -4.93
N LYS A 91 -4.64 -6.27 -4.78
CA LYS A 91 -3.85 -6.88 -5.84
C LYS A 91 -3.24 -8.22 -5.41
N GLU A 92 -3.75 -8.79 -4.32
CA GLU A 92 -3.44 -10.13 -3.85
C GLU A 92 -3.38 -11.10 -5.05
N GLU A 93 -4.53 -11.39 -5.64
CA GLU A 93 -4.65 -12.36 -6.74
C GLU A 93 -4.25 -11.76 -8.10
N GLU A 94 -3.29 -10.84 -8.10
CA GLU A 94 -2.74 -10.14 -9.27
C GLU A 94 -1.21 -10.16 -9.22
N ILE A 95 -0.60 -10.20 -8.02
CA ILE A 95 0.82 -10.43 -7.88
C ILE A 95 1.18 -11.92 -7.96
N VAL A 96 0.40 -12.79 -7.32
CA VAL A 96 0.67 -14.23 -7.32
C VAL A 96 0.13 -14.85 -8.61
FE1 FES B . -1.34 -9.46 5.29
FE2 FES B . -1.29 -7.21 4.08
S1 FES B . 0.37 -8.68 4.17
S2 FES B . -3.04 -8.40 4.48
N ALA A 1 7.00 14.76 4.85
CA ALA A 1 5.94 14.76 5.87
C ALA A 1 4.55 14.75 5.24
N THR A 2 3.72 13.77 5.63
CA THR A 2 2.27 13.78 5.47
C THR A 2 1.83 14.03 4.02
N TYR A 3 2.05 13.02 3.18
CA TYR A 3 1.85 13.10 1.74
C TYR A 3 0.46 12.65 1.34
N ASN A 4 0.08 12.98 0.11
CA ASN A 4 -1.20 12.65 -0.48
C ASN A 4 -1.08 11.28 -1.15
N VAL A 5 -1.37 10.22 -0.41
CA VAL A 5 -1.28 8.88 -0.97
C VAL A 5 -2.61 8.55 -1.63
N LYS A 6 -2.58 8.22 -2.91
CA LYS A 6 -3.77 7.78 -3.61
C LYS A 6 -3.86 6.27 -3.61
N LEU A 7 -5.00 5.77 -3.12
CA LEU A 7 -5.34 4.37 -3.13
C LEU A 7 -6.41 4.16 -4.19
N ILE A 8 -6.01 3.70 -5.38
CA ILE A 8 -6.94 3.34 -6.44
C ILE A 8 -7.58 2.02 -6.02
N THR A 9 -8.69 2.14 -5.30
CA THR A 9 -9.51 1.04 -4.84
C THR A 9 -10.57 0.76 -5.91
N PRO A 10 -11.12 -0.46 -5.95
CA PRO A 10 -12.08 -0.87 -6.96
C PRO A 10 -13.40 -0.09 -6.86
N ASP A 11 -13.67 0.50 -5.69
CA ASP A 11 -14.78 1.41 -5.45
C ASP A 11 -14.67 2.65 -6.32
N GLY A 12 -13.44 3.02 -6.66
CA GLY A 12 -13.11 4.17 -7.47
C GLY A 12 -12.31 5.18 -6.66
N GLU A 13 -11.13 4.75 -6.20
CA GLU A 13 -10.16 5.56 -5.49
C GLU A 13 -10.67 6.02 -4.12
N VAL A 14 -9.77 6.64 -3.35
CA VAL A 14 -10.15 7.29 -2.10
C VAL A 14 -9.29 8.52 -1.82
N GLU A 15 -7.97 8.34 -1.79
CA GLU A 15 -6.97 9.37 -1.53
C GLU A 15 -6.98 9.80 -0.07
N PHE A 16 -5.80 9.89 0.55
CA PHE A 16 -5.70 10.26 1.95
C PHE A 16 -4.31 10.76 2.31
N LYS A 17 -4.19 11.37 3.49
CA LYS A 17 -2.92 11.90 3.96
C LYS A 17 -2.20 10.85 4.79
N CYS A 18 -0.94 10.58 4.45
CA CYS A 18 -0.16 9.56 5.11
C CYS A 18 1.22 10.10 5.48
N ASP A 19 1.50 10.12 6.80
CA ASP A 19 2.75 10.51 7.41
C ASP A 19 3.87 9.65 6.84
N ASP A 20 5.08 10.20 6.74
CA ASP A 20 6.24 9.46 6.29
C ASP A 20 6.78 8.50 7.36
N ASP A 21 6.23 8.58 8.58
CA ASP A 21 6.51 7.68 9.68
C ASP A 21 5.23 6.92 10.09
N VAL A 22 4.37 6.54 9.12
CA VAL A 22 3.20 5.71 9.42
C VAL A 22 2.88 4.78 8.24
N TYR A 23 2.06 3.76 8.50
CA TYR A 23 1.70 2.76 7.50
C TYR A 23 0.56 3.24 6.60
N VAL A 24 0.63 2.94 5.29
CA VAL A 24 -0.44 3.28 4.34
C VAL A 24 -1.77 2.57 4.63
N LEU A 25 -1.81 1.62 5.58
CA LEU A 25 -3.02 0.96 6.06
C LEU A 25 -3.53 1.64 7.35
N ASP A 26 -2.61 2.10 8.20
CA ASP A 26 -2.92 2.57 9.54
C ASP A 26 -3.73 3.87 9.47
N GLN A 27 -3.03 4.92 9.03
CA GLN A 27 -3.62 6.24 8.89
C GLN A 27 -4.80 6.17 7.90
N ALA A 28 -4.66 5.32 6.88
CA ALA A 28 -5.76 4.99 5.97
C ALA A 28 -7.04 4.61 6.72
N GLU A 29 -6.99 3.53 7.51
CA GLU A 29 -8.16 3.13 8.29
C GLU A 29 -8.62 4.30 9.16
N GLU A 30 -7.70 5.05 9.76
CA GLU A 30 -8.04 6.26 10.51
C GLU A 30 -8.91 7.24 9.69
N GLU A 31 -8.67 7.35 8.39
CA GLU A 31 -9.47 8.24 7.55
C GLU A 31 -10.79 7.57 7.16
N GLY A 32 -10.76 6.24 7.05
CA GLY A 32 -11.91 5.42 6.68
C GLY A 32 -11.60 4.50 5.50
N ILE A 33 -10.34 4.41 5.07
CA ILE A 33 -9.99 3.51 3.98
C ILE A 33 -10.09 2.05 4.42
N ASP A 34 -10.97 1.29 3.77
CA ASP A 34 -11.11 -0.15 3.96
C ASP A 34 -10.22 -0.90 2.98
N ILE A 35 -8.91 -0.97 3.26
CA ILE A 35 -8.02 -1.81 2.47
C ILE A 35 -8.34 -3.28 2.75
N PRO A 36 -7.99 -4.21 1.84
CA PRO A 36 -8.27 -5.63 1.99
C PRO A 36 -7.31 -6.29 3.00
N TYR A 37 -7.33 -5.83 4.26
CA TYR A 37 -6.49 -6.38 5.33
C TYR A 37 -7.06 -7.69 5.87
N SER A 38 -6.26 -8.41 6.67
CA SER A 38 -6.58 -9.68 7.33
C SER A 38 -5.48 -10.20 8.29
N CYS A 39 -4.43 -9.43 8.61
CA CYS A 39 -3.38 -9.83 9.56
C CYS A 39 -2.89 -8.65 10.38
N ARG A 40 -2.44 -7.58 9.70
CA ARG A 40 -1.87 -6.38 10.30
C ARG A 40 -0.49 -6.67 10.91
N ALA A 41 0.43 -7.29 10.15
CA ALA A 41 1.77 -7.62 10.66
C ALA A 41 2.78 -7.85 9.51
N GLY A 42 3.24 -6.76 8.89
CA GLY A 42 4.17 -6.81 7.76
C GLY A 42 3.52 -7.52 6.58
N SER A 43 3.53 -8.85 6.53
CA SER A 43 2.75 -9.57 5.54
C SER A 43 2.61 -11.04 5.90
N CYS A 44 1.64 -11.73 5.26
CA CYS A 44 1.25 -13.11 5.55
C CYS A 44 1.02 -13.92 4.26
N SER A 45 1.64 -13.51 3.16
CA SER A 45 1.46 -14.12 1.83
C SER A 45 0.14 -13.67 1.19
N SER A 46 -0.26 -12.41 1.42
CA SER A 46 -1.39 -11.77 0.78
C SER A 46 -1.14 -10.26 0.86
N CYS A 47 -2.13 -9.44 0.48
CA CYS A 47 -2.07 -7.98 0.40
C CYS A 47 -1.05 -7.48 -0.61
N ALA A 48 -1.53 -6.65 -1.52
CA ALA A 48 -0.67 -5.82 -2.32
C ALA A 48 -1.52 -4.79 -3.06
N GLY A 49 -0.82 -3.83 -3.65
CA GLY A 49 -1.34 -2.87 -4.59
C GLY A 49 -0.34 -2.69 -5.72
N LYS A 50 -0.76 -2.00 -6.78
CA LYS A 50 0.02 -1.69 -7.96
C LYS A 50 0.57 -0.27 -7.82
N VAL A 51 1.88 -0.11 -7.64
CA VAL A 51 2.52 1.20 -7.66
C VAL A 51 2.29 1.83 -9.02
N VAL A 52 1.38 2.79 -9.11
CA VAL A 52 1.16 3.56 -10.33
C VAL A 52 2.27 4.60 -10.45
N SER A 53 2.61 5.29 -9.36
CA SER A 53 3.65 6.30 -9.38
C SER A 53 4.09 6.62 -7.95
N GLY A 54 5.15 7.41 -7.84
CA GLY A 54 5.83 7.72 -6.58
C GLY A 54 6.70 6.55 -6.12
N SER A 55 7.23 6.64 -4.90
CA SER A 55 7.99 5.59 -4.25
C SER A 55 7.53 5.55 -2.79
N ILE A 56 7.72 4.41 -2.12
CA ILE A 56 7.46 4.19 -0.70
C ILE A 56 8.49 3.18 -0.21
N ASP A 57 8.59 3.00 1.11
CA ASP A 57 9.43 2.01 1.76
C ASP A 57 8.52 0.98 2.40
N GLN A 58 8.49 -0.24 1.85
CA GLN A 58 7.79 -1.37 2.45
C GLN A 58 8.76 -2.36 3.13
N SER A 59 9.86 -1.90 3.73
CA SER A 59 10.82 -2.79 4.39
C SER A 59 10.19 -3.72 5.43
N ASP A 60 9.04 -3.35 6.02
CA ASP A 60 8.29 -4.18 6.95
C ASP A 60 7.80 -5.48 6.31
N GLN A 61 7.67 -5.51 4.98
CA GLN A 61 7.20 -6.66 4.22
C GLN A 61 7.97 -7.95 4.52
N SER A 62 7.33 -9.07 4.20
CA SER A 62 7.93 -10.39 4.27
C SER A 62 7.15 -11.29 3.30
N PHE A 63 6.97 -10.82 2.07
CA PHE A 63 6.18 -11.52 1.06
C PHE A 63 6.58 -11.11 -0.36
N LEU A 64 6.24 -9.88 -0.81
CA LEU A 64 6.41 -9.56 -2.22
C LEU A 64 7.86 -9.76 -2.65
N ASP A 65 8.03 -10.27 -3.87
CA ASP A 65 9.33 -10.55 -4.43
C ASP A 65 9.83 -9.33 -5.19
N ASP A 66 11.12 -9.37 -5.56
CA ASP A 66 11.76 -8.35 -6.38
C ASP A 66 10.95 -8.19 -7.65
N GLU A 67 10.52 -9.32 -8.23
CA GLU A 67 9.75 -9.35 -9.46
C GLU A 67 8.54 -8.44 -9.33
N GLN A 68 7.67 -8.74 -8.37
CA GLN A 68 6.45 -7.99 -8.12
C GLN A 68 6.76 -6.51 -7.89
N MET A 69 7.67 -6.20 -6.97
CA MET A 69 8.04 -4.81 -6.73
C MET A 69 8.43 -4.10 -8.04
N ASP A 70 9.43 -4.63 -8.75
CA ASP A 70 9.95 -4.08 -9.99
C ASP A 70 8.82 -3.94 -11.02
N ALA A 71 7.99 -4.99 -11.08
CA ALA A 71 6.87 -5.10 -12.00
C ALA A 71 5.82 -4.02 -11.77
N GLY A 72 5.81 -3.40 -10.58
CA GLY A 72 4.98 -2.27 -10.28
C GLY A 72 4.02 -2.60 -9.15
N TYR A 73 4.37 -3.51 -8.23
CA TYR A 73 3.53 -3.85 -7.10
C TYR A 73 4.14 -3.39 -5.79
N VAL A 74 3.37 -3.46 -4.71
CA VAL A 74 3.81 -3.08 -3.39
C VAL A 74 2.87 -3.68 -2.36
N LEU A 75 3.36 -3.97 -1.17
CA LEU A 75 2.54 -4.34 -0.03
C LEU A 75 1.65 -3.17 0.39
N THR A 76 0.36 -3.43 0.65
CA THR A 76 -0.55 -2.46 1.25
C THR A 76 -0.54 -2.53 2.78
N CYS A 77 -0.42 -3.74 3.33
CA CYS A 77 -0.57 -4.01 4.76
C CYS A 77 0.34 -3.12 5.61
N HIS A 78 1.64 -3.07 5.28
CA HIS A 78 2.61 -2.13 5.85
C HIS A 78 3.43 -1.52 4.71
N ALA A 79 3.58 -0.19 4.72
CA ALA A 79 4.37 0.59 3.77
C ALA A 79 4.42 2.03 4.28
N TYR A 80 5.56 2.70 4.15
CA TYR A 80 5.82 4.06 4.58
C TYR A 80 5.91 4.95 3.34
N PRO A 81 5.04 5.96 3.21
CA PRO A 81 5.02 6.83 2.06
C PRO A 81 6.15 7.86 2.12
N THR A 82 7.08 7.82 1.16
CA THR A 82 8.22 8.72 1.16
C THR A 82 7.93 9.99 0.35
N SER A 83 6.84 10.00 -0.44
CA SER A 83 6.33 11.15 -1.17
C SER A 83 4.86 10.85 -1.53
N ASP A 84 4.20 11.77 -2.24
CA ASP A 84 2.91 11.59 -2.89
C ASP A 84 3.00 10.39 -3.85
N VAL A 85 2.58 9.22 -3.39
CA VAL A 85 2.54 7.98 -4.16
C VAL A 85 1.12 7.68 -4.61
N VAL A 86 1.01 7.06 -5.78
CA VAL A 86 -0.22 6.56 -6.33
C VAL A 86 -0.07 5.06 -6.44
N ILE A 87 -0.94 4.32 -5.75
CA ILE A 87 -0.92 2.88 -5.70
C ILE A 87 -2.36 2.38 -5.83
N GLU A 88 -2.59 1.28 -6.55
CA GLU A 88 -3.90 0.67 -6.66
C GLU A 88 -4.04 -0.49 -5.68
N THR A 89 -4.98 -0.46 -4.75
CA THR A 89 -5.08 -1.53 -3.74
C THR A 89 -5.81 -2.75 -4.34
N HIS A 90 -5.95 -3.83 -3.57
CA HIS A 90 -6.66 -5.05 -3.96
C HIS A 90 -5.93 -5.78 -5.10
N LYS A 91 -4.62 -5.96 -4.95
CA LYS A 91 -3.78 -6.60 -5.98
C LYS A 91 -3.10 -7.83 -5.41
N GLU A 92 -3.84 -8.61 -4.61
CA GLU A 92 -3.36 -9.86 -4.07
C GLU A 92 -3.47 -10.92 -5.17
N GLU A 93 -4.70 -11.17 -5.68
CA GLU A 93 -4.93 -12.09 -6.79
C GLU A 93 -4.54 -11.48 -8.15
N GLU A 94 -3.32 -10.96 -8.24
CA GLU A 94 -2.62 -10.65 -9.49
C GLU A 94 -1.10 -10.52 -9.33
N ILE A 95 -0.56 -10.45 -8.11
CA ILE A 95 0.87 -10.55 -7.87
C ILE A 95 1.34 -11.99 -7.90
N VAL A 96 0.56 -12.91 -7.32
CA VAL A 96 0.87 -14.33 -7.31
C VAL A 96 0.43 -14.95 -8.65
FE1 FES B . -1.60 -10.26 5.86
FE2 FES B . -2.20 -8.08 4.79
S1 FES B . -3.58 -9.50 5.65
S2 FES B . -0.45 -9.26 4.32
N ALA A 1 6.38 12.42 7.35
CA ALA A 1 6.08 13.85 7.17
C ALA A 1 4.79 14.22 6.38
N THR A 2 3.93 13.27 6.01
CA THR A 2 2.53 13.54 5.63
C THR A 2 2.35 13.95 4.16
N TYR A 3 2.18 12.94 3.29
CA TYR A 3 2.20 13.08 1.84
C TYR A 3 0.85 12.69 1.23
N ASN A 4 0.62 13.19 0.01
CA ASN A 4 -0.52 12.92 -0.84
C ASN A 4 -0.43 11.48 -1.35
N VAL A 5 -1.21 10.58 -0.74
CA VAL A 5 -1.31 9.22 -1.20
C VAL A 5 -2.67 8.99 -1.86
N LYS A 6 -2.67 8.51 -3.11
CA LYS A 6 -3.87 7.97 -3.72
C LYS A 6 -3.92 6.46 -3.59
N LEU A 7 -5.10 5.96 -3.19
CA LEU A 7 -5.45 4.56 -3.25
C LEU A 7 -6.49 4.36 -4.33
N ILE A 8 -6.12 3.78 -5.48
CA ILE A 8 -7.12 3.34 -6.45
C ILE A 8 -7.73 2.07 -5.86
N THR A 9 -8.90 2.24 -5.26
CA THR A 9 -9.71 1.18 -4.71
C THR A 9 -10.81 0.83 -5.73
N PRO A 10 -11.35 -0.40 -5.71
CA PRO A 10 -12.42 -0.84 -6.60
C PRO A 10 -13.65 0.08 -6.53
N ASP A 11 -13.90 0.61 -5.33
CA ASP A 11 -14.94 1.58 -5.00
C ASP A 11 -14.87 2.78 -5.94
N GLY A 12 -13.65 3.13 -6.33
CA GLY A 12 -13.35 4.17 -7.26
C GLY A 12 -12.54 5.27 -6.58
N GLU A 13 -11.33 4.90 -6.16
CA GLU A 13 -10.31 5.75 -5.55
C GLU A 13 -10.67 6.24 -4.15
N VAL A 14 -9.61 6.48 -3.38
CA VAL A 14 -9.63 7.29 -2.19
C VAL A 14 -8.25 7.91 -2.00
N GLU A 15 -8.17 9.23 -2.17
CA GLU A 15 -7.00 10.02 -1.92
C GLU A 15 -7.00 10.50 -0.47
N PHE A 16 -5.83 10.46 0.18
CA PHE A 16 -5.68 10.84 1.58
C PHE A 16 -4.26 11.29 1.89
N LYS A 17 -4.05 11.85 3.09
CA LYS A 17 -2.73 12.23 3.58
C LYS A 17 -2.20 11.11 4.44
N CYS A 18 -1.04 10.57 4.09
CA CYS A 18 -0.43 9.48 4.85
C CYS A 18 0.93 9.92 5.34
N ASP A 19 1.18 9.78 6.64
CA ASP A 19 2.47 10.09 7.22
C ASP A 19 3.45 9.06 6.71
N ASP A 20 4.63 9.51 6.30
CA ASP A 20 5.76 8.60 6.07
C ASP A 20 5.90 7.68 7.27
N ASP A 21 5.69 8.28 8.43
CA ASP A 21 5.89 7.71 9.73
C ASP A 21 4.82 6.65 10.06
N VAL A 22 3.77 6.51 9.24
CA VAL A 22 2.66 5.60 9.49
C VAL A 22 2.41 4.72 8.26
N TYR A 23 1.81 3.56 8.46
CA TYR A 23 1.54 2.65 7.36
C TYR A 23 0.35 3.15 6.54
N VAL A 24 0.35 2.87 5.23
CA VAL A 24 -0.74 3.19 4.32
C VAL A 24 -1.93 2.22 4.52
N LEU A 25 -2.36 2.05 5.77
CA LEU A 25 -3.62 1.42 6.12
C LEU A 25 -4.08 2.05 7.42
N ASP A 26 -3.18 2.15 8.41
CA ASP A 26 -3.48 2.70 9.74
C ASP A 26 -4.18 4.06 9.61
N GLN A 27 -3.45 5.05 9.10
CA GLN A 27 -3.97 6.40 8.94
C GLN A 27 -5.05 6.45 7.86
N ALA A 28 -5.13 5.43 7.02
CA ALA A 28 -6.18 5.33 6.02
C ALA A 28 -7.50 5.05 6.73
N GLU A 29 -7.53 4.04 7.58
CA GLU A 29 -8.69 3.66 8.37
C GLU A 29 -9.17 4.85 9.19
N GLU A 30 -8.24 5.65 9.74
CA GLU A 30 -8.56 6.92 10.40
C GLU A 30 -9.44 7.83 9.52
N GLU A 31 -9.22 7.83 8.20
CA GLU A 31 -10.01 8.65 7.28
C GLU A 31 -11.30 7.93 6.92
N GLY A 32 -11.25 6.60 6.94
CA GLY A 32 -12.36 5.71 6.62
C GLY A 32 -12.00 4.74 5.50
N ILE A 33 -10.72 4.63 5.13
CA ILE A 33 -10.30 3.75 4.04
C ILE A 33 -10.36 2.29 4.48
N ASP A 34 -11.27 1.52 3.90
CA ASP A 34 -11.41 0.09 4.16
C ASP A 34 -10.45 -0.71 3.27
N ILE A 35 -9.15 -0.67 3.55
CA ILE A 35 -8.22 -1.49 2.78
C ILE A 35 -8.47 -2.98 3.10
N PRO A 36 -8.16 -3.88 2.17
CA PRO A 36 -8.42 -5.31 2.31
C PRO A 36 -7.39 -5.94 3.24
N TYR A 37 -7.53 -5.70 4.55
CA TYR A 37 -6.74 -6.34 5.60
C TYR A 37 -7.00 -7.85 5.58
N SER A 38 -6.31 -8.57 4.69
CA SER A 38 -6.41 -10.02 4.53
C SER A 38 -5.38 -10.75 5.41
N CYS A 39 -4.77 -10.03 6.37
CA CYS A 39 -3.52 -10.42 6.99
C CYS A 39 -3.43 -9.83 8.41
N ARG A 40 -2.56 -8.81 8.59
CA ARG A 40 -2.11 -8.21 9.83
C ARG A 40 -1.02 -7.17 9.50
N ALA A 41 0.18 -7.62 9.11
CA ALA A 41 1.35 -6.76 8.93
C ALA A 41 2.60 -7.57 8.60
N GLY A 42 3.04 -7.59 7.34
CA GLY A 42 4.42 -7.82 6.94
C GLY A 42 4.86 -9.29 6.97
N SER A 43 4.74 -9.92 8.13
CA SER A 43 4.97 -11.34 8.34
C SER A 43 3.72 -12.08 7.90
N CYS A 44 3.41 -12.03 6.59
CA CYS A 44 2.07 -12.37 6.10
C CYS A 44 2.08 -13.39 4.95
N SER A 45 2.42 -12.97 3.73
CA SER A 45 2.28 -13.77 2.50
C SER A 45 0.85 -13.71 1.96
N SER A 46 0.26 -12.52 1.94
CA SER A 46 -1.03 -12.16 1.35
C SER A 46 -1.08 -10.63 1.32
N CYS A 47 -2.16 -10.04 0.77
CA CYS A 47 -2.36 -8.63 0.37
C CYS A 47 -1.22 -7.93 -0.39
N ALA A 48 -1.59 -6.88 -1.14
CA ALA A 48 -0.71 -6.14 -2.05
C ALA A 48 -1.50 -5.04 -2.76
N GLY A 49 -0.76 -4.14 -3.41
CA GLY A 49 -1.25 -3.08 -4.27
C GLY A 49 -0.29 -2.84 -5.43
N LYS A 50 -0.73 -2.11 -6.46
CA LYS A 50 0.03 -1.79 -7.66
C LYS A 50 0.56 -0.35 -7.59
N VAL A 51 1.87 -0.15 -7.53
CA VAL A 51 2.50 1.16 -7.55
C VAL A 51 2.22 1.81 -8.91
N VAL A 52 1.42 2.88 -8.90
CA VAL A 52 1.16 3.66 -10.10
C VAL A 52 2.25 4.72 -10.28
N SER A 53 2.66 5.39 -9.20
CA SER A 53 3.68 6.42 -9.22
C SER A 53 4.29 6.56 -7.83
N GLY A 54 5.14 7.58 -7.64
CA GLY A 54 5.84 7.84 -6.39
C GLY A 54 6.71 6.66 -5.96
N SER A 55 6.98 6.55 -4.65
CA SER A 55 7.56 5.36 -4.04
C SER A 55 7.12 5.36 -2.59
N ILE A 56 7.11 4.18 -1.97
CA ILE A 56 6.89 3.96 -0.55
C ILE A 56 7.93 2.93 -0.13
N ASP A 57 8.39 2.99 1.12
CA ASP A 57 9.34 2.04 1.65
C ASP A 57 8.53 0.92 2.29
N GLN A 58 8.59 -0.27 1.71
CA GLN A 58 8.01 -1.48 2.27
C GLN A 58 9.10 -2.43 2.79
N SER A 59 10.14 -1.92 3.46
CA SER A 59 11.26 -2.75 3.89
C SER A 59 10.98 -3.52 5.20
N ASP A 60 9.72 -3.47 5.70
CA ASP A 60 9.34 -4.08 6.97
C ASP A 60 8.54 -5.38 6.79
N GLN A 61 8.55 -5.98 5.59
CA GLN A 61 7.82 -7.21 5.31
C GLN A 61 8.75 -8.39 5.02
N SER A 62 8.15 -9.56 4.75
CA SER A 62 8.82 -10.65 4.09
C SER A 62 7.81 -11.38 3.20
N PHE A 63 7.36 -10.73 2.12
CA PHE A 63 6.48 -11.33 1.13
C PHE A 63 6.89 -10.97 -0.30
N LEU A 64 6.51 -9.79 -0.82
CA LEU A 64 6.62 -9.56 -2.26
C LEU A 64 8.02 -9.83 -2.75
N ASP A 65 8.12 -10.47 -3.92
CA ASP A 65 9.41 -10.72 -4.55
C ASP A 65 9.81 -9.53 -5.41
N ASP A 66 11.07 -9.56 -5.84
CA ASP A 66 11.68 -8.53 -6.66
C ASP A 66 10.85 -8.34 -7.91
N GLU A 67 10.41 -9.46 -8.50
CA GLU A 67 9.60 -9.48 -9.69
C GLU A 67 8.39 -8.56 -9.50
N GLN A 68 7.55 -8.86 -8.50
CA GLN A 68 6.37 -8.09 -8.20
C GLN A 68 6.71 -6.62 -7.98
N MET A 69 7.69 -6.32 -7.12
CA MET A 69 8.09 -4.93 -6.92
C MET A 69 8.39 -4.25 -8.26
N ASP A 70 9.36 -4.78 -9.01
CA ASP A 70 9.81 -4.25 -10.30
C ASP A 70 8.64 -4.10 -11.26
N ALA A 71 7.79 -5.13 -11.27
CA ALA A 71 6.60 -5.23 -12.11
C ALA A 71 5.60 -4.12 -11.83
N GLY A 72 5.69 -3.47 -10.67
CA GLY A 72 4.88 -2.33 -10.30
C GLY A 72 3.96 -2.66 -9.16
N TYR A 73 4.32 -3.61 -8.29
CA TYR A 73 3.54 -3.94 -7.11
C TYR A 73 4.25 -3.50 -5.84
N VAL A 74 3.52 -3.56 -4.72
CA VAL A 74 3.99 -3.20 -3.42
C VAL A 74 3.05 -3.84 -2.42
N LEU A 75 3.50 -4.06 -1.20
CA LEU A 75 2.60 -4.40 -0.12
C LEU A 75 1.68 -3.20 0.11
N THR A 76 0.37 -3.39 0.12
CA THR A 76 -0.55 -2.28 0.39
C THR A 76 -0.36 -1.86 1.85
N CYS A 77 -0.20 -2.87 2.71
CA CYS A 77 0.10 -2.75 4.12
C CYS A 77 1.60 -2.52 4.31
N HIS A 78 2.03 -2.44 5.58
CA HIS A 78 3.42 -2.37 6.02
C HIS A 78 4.33 -1.60 5.05
N ALA A 79 3.89 -0.40 4.67
CA ALA A 79 4.52 0.46 3.70
C ALA A 79 4.45 1.89 4.19
N TYR A 80 5.56 2.63 4.12
CA TYR A 80 5.68 4.02 4.54
C TYR A 80 5.80 4.95 3.32
N PRO A 81 4.91 5.96 3.18
CA PRO A 81 4.91 6.91 2.07
C PRO A 81 6.01 7.96 2.20
N THR A 82 7.12 7.78 1.46
CA THR A 82 8.28 8.65 1.61
C THR A 82 8.10 9.94 0.81
N SER A 83 7.17 9.95 -0.14
CA SER A 83 6.79 11.10 -0.93
C SER A 83 5.34 10.93 -1.34
N ASP A 84 4.79 11.90 -2.08
CA ASP A 84 3.51 11.76 -2.73
C ASP A 84 3.56 10.54 -3.65
N VAL A 85 2.49 9.74 -3.62
CA VAL A 85 2.52 8.39 -4.16
C VAL A 85 1.13 7.91 -4.56
N VAL A 86 1.07 7.13 -5.64
CA VAL A 86 -0.18 6.66 -6.20
C VAL A 86 -0.05 5.14 -6.28
N ILE A 87 -0.99 4.42 -5.66
CA ILE A 87 -1.01 2.98 -5.65
C ILE A 87 -2.45 2.50 -5.84
N GLU A 88 -2.64 1.32 -6.43
CA GLU A 88 -3.93 0.63 -6.48
C GLU A 88 -3.98 -0.42 -5.39
N THR A 89 -5.00 -0.44 -4.53
CA THR A 89 -5.11 -1.45 -3.47
C THR A 89 -5.83 -2.69 -4.04
N HIS A 90 -6.00 -3.74 -3.23
CA HIS A 90 -6.72 -4.96 -3.60
C HIS A 90 -6.00 -5.73 -4.72
N LYS A 91 -4.72 -6.04 -4.53
CA LYS A 91 -3.91 -6.72 -5.55
C LYS A 91 -3.32 -8.03 -5.06
N GLU A 92 -3.88 -8.59 -3.98
CA GLU A 92 -3.52 -9.90 -3.45
C GLU A 92 -3.46 -10.90 -4.62
N GLU A 93 -4.63 -11.17 -5.21
CA GLU A 93 -4.76 -12.12 -6.28
C GLU A 93 -4.37 -11.54 -7.65
N GLU A 94 -3.53 -10.48 -7.68
CA GLU A 94 -2.92 -9.95 -8.88
C GLU A 94 -1.40 -10.10 -8.83
N ILE A 95 -0.79 -10.26 -7.65
CA ILE A 95 0.65 -10.43 -7.53
C ILE A 95 1.07 -11.89 -7.63
N VAL A 96 0.34 -12.80 -6.97
CA VAL A 96 0.68 -14.21 -6.94
C VAL A 96 0.22 -14.90 -8.22
FE1 FES B . -0.19 -8.86 4.25
FE2 FES B . -1.62 -6.87 4.09
S1 FES B . -0.18 -7.26 2.64
S2 FES B . -0.53 -7.55 5.91
N ALA A 1 6.80 13.28 5.15
CA ALA A 1 6.03 14.22 5.96
C ALA A 1 4.62 14.35 5.41
N THR A 2 3.78 13.36 5.71
CA THR A 2 2.32 13.41 5.53
C THR A 2 1.92 13.73 4.09
N TYR A 3 2.05 12.72 3.22
CA TYR A 3 1.89 12.86 1.78
C TYR A 3 0.52 12.43 1.29
N ASN A 4 0.18 12.85 0.07
CA ASN A 4 -1.11 12.68 -0.59
C ASN A 4 -1.14 11.32 -1.30
N VAL A 5 -1.44 10.25 -0.57
CA VAL A 5 -1.32 8.90 -1.09
C VAL A 5 -2.61 8.48 -1.78
N LYS A 6 -2.66 8.58 -3.13
CA LYS A 6 -3.81 8.06 -3.83
C LYS A 6 -3.85 6.54 -3.75
N LEU A 7 -5.02 6.04 -3.32
CA LEU A 7 -5.37 4.65 -3.41
C LEU A 7 -6.44 4.54 -4.49
N ILE A 8 -6.11 3.95 -5.64
CA ILE A 8 -7.06 3.58 -6.66
C ILE A 8 -7.70 2.29 -6.17
N THR A 9 -8.81 2.43 -5.47
CA THR A 9 -9.64 1.35 -5.01
C THR A 9 -10.66 1.03 -6.11
N PRO A 10 -11.19 -0.21 -6.16
CA PRO A 10 -12.17 -0.65 -7.14
C PRO A 10 -13.40 0.26 -7.20
N ASP A 11 -13.80 0.76 -6.02
CA ASP A 11 -14.86 1.73 -5.77
C ASP A 11 -14.72 2.94 -6.69
N GLY A 12 -13.47 3.31 -6.95
CA GLY A 12 -13.08 4.36 -7.85
C GLY A 12 -12.32 5.43 -7.07
N GLU A 13 -11.15 5.04 -6.54
CA GLU A 13 -10.20 5.87 -5.83
C GLU A 13 -10.72 6.33 -4.46
N VAL A 14 -9.79 6.82 -3.64
CA VAL A 14 -10.11 7.49 -2.38
C VAL A 14 -9.15 8.65 -2.11
N GLU A 15 -7.86 8.34 -2.01
CA GLU A 15 -6.81 9.28 -1.60
C GLU A 15 -6.92 9.61 -0.11
N PHE A 16 -5.78 9.81 0.56
CA PHE A 16 -5.72 10.14 1.97
C PHE A 16 -4.30 10.54 2.35
N LYS A 17 -4.19 11.27 3.46
CA LYS A 17 -2.89 11.74 3.91
C LYS A 17 -2.20 10.65 4.71
N CYS A 18 -1.02 10.23 4.27
CA CYS A 18 -0.26 9.19 4.94
C CYS A 18 1.10 9.73 5.36
N ASP A 19 1.35 9.68 6.68
CA ASP A 19 2.63 10.03 7.26
C ASP A 19 3.67 9.02 6.78
N ASP A 20 4.87 9.50 6.51
CA ASP A 20 6.06 8.71 6.27
C ASP A 20 6.32 7.75 7.42
N ASP A 21 5.95 8.14 8.63
CA ASP A 21 6.13 7.38 9.85
C ASP A 21 4.96 6.42 10.11
N VAL A 22 3.87 6.47 9.30
CA VAL A 22 2.72 5.61 9.51
C VAL A 22 2.49 4.72 8.30
N TYR A 23 1.95 3.52 8.53
CA TYR A 23 1.72 2.60 7.43
C TYR A 23 0.55 3.06 6.57
N VAL A 24 0.57 2.72 5.27
CA VAL A 24 -0.53 3.01 4.35
C VAL A 24 -1.71 2.07 4.56
N LEU A 25 -2.22 2.05 5.78
CA LEU A 25 -3.40 1.31 6.18
C LEU A 25 -3.84 1.88 7.51
N ASP A 26 -2.93 1.96 8.49
CA ASP A 26 -3.27 2.39 9.85
C ASP A 26 -4.01 3.73 9.79
N GLN A 27 -3.38 4.74 9.18
CA GLN A 27 -3.97 6.05 9.01
C GLN A 27 -5.11 6.01 7.99
N ALA A 28 -5.10 5.04 7.07
CA ALA A 28 -6.16 4.85 6.10
C ALA A 28 -7.48 4.52 6.81
N GLU A 29 -7.48 3.49 7.67
CA GLU A 29 -8.63 3.09 8.47
C GLU A 29 -9.20 4.33 9.16
N GLU A 30 -8.32 5.15 9.77
CA GLU A 30 -8.70 6.39 10.42
C GLU A 30 -9.49 7.33 9.51
N GLU A 31 -9.14 7.43 8.23
CA GLU A 31 -9.86 8.28 7.29
C GLU A 31 -11.15 7.60 6.84
N GLY A 32 -11.15 6.27 6.90
CA GLY A 32 -12.28 5.41 6.61
C GLY A 32 -11.95 4.41 5.49
N ILE A 33 -10.68 4.28 5.13
CA ILE A 33 -10.28 3.43 4.01
C ILE A 33 -10.34 1.95 4.39
N ASP A 34 -11.33 1.26 3.84
CA ASP A 34 -11.46 -0.19 3.94
C ASP A 34 -10.50 -0.87 2.96
N ILE A 35 -9.19 -0.77 3.19
CA ILE A 35 -8.24 -1.52 2.36
C ILE A 35 -8.48 -3.02 2.61
N PRO A 36 -8.10 -3.89 1.65
CA PRO A 36 -8.33 -5.33 1.72
C PRO A 36 -7.37 -5.98 2.73
N TYR A 37 -7.64 -5.73 4.01
CA TYR A 37 -6.86 -6.17 5.15
C TYR A 37 -7.13 -7.64 5.49
N SER A 38 -6.22 -8.25 6.27
CA SER A 38 -6.30 -9.61 6.77
C SER A 38 -5.41 -9.71 8.03
N CYS A 39 -4.12 -9.45 7.83
CA CYS A 39 -3.01 -9.59 8.77
C CYS A 39 -2.39 -8.22 9.05
N ARG A 40 -1.62 -8.12 10.15
CA ARG A 40 -0.87 -6.94 10.54
C ARG A 40 0.38 -7.38 11.32
N ALA A 41 1.36 -7.97 10.64
CA ALA A 41 2.63 -8.35 11.26
C ALA A 41 3.70 -8.58 10.20
N GLY A 42 3.78 -7.68 9.22
CA GLY A 42 4.73 -7.73 8.11
C GLY A 42 4.46 -8.92 7.16
N SER A 43 4.68 -10.14 7.64
CA SER A 43 4.63 -11.36 6.84
C SER A 43 3.20 -11.67 6.38
N CYS A 44 2.73 -10.94 5.37
CA CYS A 44 1.40 -11.05 4.83
C CYS A 44 1.09 -12.46 4.30
N SER A 45 -0.21 -12.74 4.20
CA SER A 45 -0.82 -13.94 3.65
C SER A 45 -1.68 -13.58 2.42
N SER A 46 -2.34 -12.41 2.42
CA SER A 46 -3.26 -12.01 1.37
C SER A 46 -3.48 -10.47 1.32
N CYS A 47 -2.64 -9.71 0.61
CA CYS A 47 -2.82 -8.28 0.28
C CYS A 47 -1.69 -7.80 -0.64
N ALA A 48 -1.92 -6.62 -1.24
CA ALA A 48 -0.98 -5.83 -2.03
C ALA A 48 -1.75 -4.79 -2.85
N GLY A 49 -0.98 -3.86 -3.43
CA GLY A 49 -1.43 -2.88 -4.38
C GLY A 49 -0.40 -2.70 -5.49
N LYS A 50 -0.79 -2.02 -6.57
CA LYS A 50 0.04 -1.74 -7.73
C LYS A 50 0.51 -0.28 -7.70
N VAL A 51 1.81 -0.05 -7.53
CA VAL A 51 2.42 1.26 -7.63
C VAL A 51 2.18 1.82 -9.03
N VAL A 52 1.40 2.90 -9.11
CA VAL A 52 1.22 3.65 -10.35
C VAL A 52 2.34 4.68 -10.49
N SER A 53 2.64 5.42 -9.42
CA SER A 53 3.69 6.43 -9.44
C SER A 53 4.09 6.81 -8.01
N GLY A 54 5.12 7.64 -7.89
CA GLY A 54 5.78 7.96 -6.63
C GLY A 54 6.70 6.82 -6.18
N SER A 55 7.25 6.94 -4.97
CA SER A 55 8.08 5.91 -4.36
C SER A 55 7.73 5.87 -2.89
N ILE A 56 7.81 4.69 -2.29
CA ILE A 56 7.58 4.43 -0.90
C ILE A 56 8.54 3.32 -0.47
N ASP A 57 8.64 3.05 0.84
CA ASP A 57 9.51 2.01 1.37
C ASP A 57 8.61 0.92 1.94
N GLN A 58 8.61 -0.25 1.29
CA GLN A 58 8.01 -1.45 1.83
C GLN A 58 9.11 -2.50 2.10
N SER A 59 10.20 -2.11 2.76
CA SER A 59 11.22 -3.07 3.16
C SER A 59 10.88 -3.64 4.55
N ASP A 60 9.64 -4.09 4.72
CA ASP A 60 9.08 -4.50 6.01
C ASP A 60 8.41 -5.86 5.91
N GLN A 61 7.53 -6.05 4.92
CA GLN A 61 6.68 -7.23 4.83
C GLN A 61 7.46 -8.53 4.77
N SER A 62 8.63 -8.52 4.11
CA SER A 62 9.40 -9.74 3.83
C SER A 62 8.51 -10.76 3.12
N PHE A 63 7.89 -10.33 2.01
CA PHE A 63 6.98 -11.12 1.20
C PHE A 63 7.17 -10.76 -0.26
N LEU A 64 6.81 -9.54 -0.71
CA LEU A 64 6.87 -9.27 -2.14
C LEU A 64 8.26 -9.54 -2.67
N ASP A 65 8.32 -10.17 -3.84
CA ASP A 65 9.59 -10.50 -4.47
C ASP A 65 10.04 -9.34 -5.35
N ASP A 66 11.30 -9.39 -5.77
CA ASP A 66 11.92 -8.41 -6.66
C ASP A 66 11.04 -8.24 -7.88
N GLU A 67 10.56 -9.37 -8.40
CA GLU A 67 9.68 -9.43 -9.55
C GLU A 67 8.49 -8.51 -9.33
N GLN A 68 7.71 -8.76 -8.29
CA GLN A 68 6.52 -8.01 -7.98
C GLN A 68 6.84 -6.53 -7.79
N MET A 69 7.86 -6.21 -6.99
CA MET A 69 8.29 -4.83 -6.82
C MET A 69 8.53 -4.17 -8.17
N ASP A 70 9.46 -4.71 -8.96
CA ASP A 70 9.86 -4.19 -10.28
C ASP A 70 8.63 -4.06 -11.18
N ALA A 71 7.79 -5.10 -11.16
CA ALA A 71 6.58 -5.24 -11.93
C ALA A 71 5.55 -4.16 -11.61
N GLY A 72 5.67 -3.52 -10.45
CA GLY A 72 4.88 -2.37 -10.09
C GLY A 72 4.00 -2.64 -8.88
N TYR A 73 4.42 -3.51 -7.94
CA TYR A 73 3.59 -3.89 -6.81
C TYR A 73 4.18 -3.50 -5.45
N VAL A 74 3.31 -3.41 -4.44
CA VAL A 74 3.68 -2.95 -3.12
C VAL A 74 2.72 -3.51 -2.07
N LEU A 75 3.22 -3.83 -0.87
CA LEU A 75 2.36 -4.28 0.22
C LEU A 75 1.57 -3.09 0.78
N THR A 76 0.35 -3.31 1.27
CA THR A 76 -0.57 -2.26 1.66
C THR A 76 -0.99 -2.36 3.14
N CYS A 77 -0.03 -2.73 4.00
CA CYS A 77 -0.20 -2.86 5.46
C CYS A 77 1.10 -2.45 6.17
N HIS A 78 2.22 -2.89 5.62
CA HIS A 78 3.56 -2.54 6.05
C HIS A 78 4.27 -1.86 4.88
N ALA A 79 4.05 -0.56 4.75
CA ALA A 79 4.63 0.28 3.71
C ALA A 79 4.57 1.72 4.21
N TYR A 80 5.66 2.47 4.03
CA TYR A 80 5.85 3.84 4.52
C TYR A 80 6.00 4.78 3.33
N PRO A 81 5.10 5.76 3.16
CA PRO A 81 5.12 6.64 2.00
C PRO A 81 6.25 7.66 2.09
N THR A 82 7.19 7.65 1.15
CA THR A 82 8.35 8.52 1.20
C THR A 82 8.08 9.86 0.50
N SER A 83 7.03 9.91 -0.33
CA SER A 83 6.55 11.09 -1.02
C SER A 83 5.08 10.86 -1.33
N ASP A 84 4.45 11.81 -2.03
CA ASP A 84 3.20 11.57 -2.71
C ASP A 84 3.40 10.37 -3.64
N VAL A 85 2.43 9.46 -3.61
CA VAL A 85 2.45 8.20 -4.33
C VAL A 85 1.04 7.95 -4.84
N VAL A 86 0.97 7.27 -5.98
CA VAL A 86 -0.26 6.79 -6.58
C VAL A 86 -0.11 5.28 -6.63
N ILE A 87 -1.02 4.55 -5.99
CA ILE A 87 -1.03 3.10 -5.98
C ILE A 87 -2.48 2.65 -6.16
N GLU A 88 -2.69 1.44 -6.70
CA GLU A 88 -3.99 0.79 -6.77
C GLU A 88 -4.06 -0.30 -5.71
N THR A 89 -5.07 -0.30 -4.83
CA THR A 89 -5.18 -1.36 -3.81
C THR A 89 -5.87 -2.58 -4.42
N HIS A 90 -6.01 -3.68 -3.64
CA HIS A 90 -6.75 -4.89 -4.04
C HIS A 90 -6.00 -5.66 -5.13
N LYS A 91 -4.74 -6.04 -4.86
CA LYS A 91 -3.88 -6.70 -5.84
C LYS A 91 -3.24 -7.98 -5.28
N GLU A 92 -3.92 -8.68 -4.38
CA GLU A 92 -3.42 -9.96 -3.91
C GLU A 92 -3.28 -10.92 -5.09
N GLU A 93 -4.40 -11.30 -5.71
CA GLU A 93 -4.43 -12.23 -6.84
C GLU A 93 -4.08 -11.53 -8.16
N GLU A 94 -3.00 -10.76 -8.11
CA GLU A 94 -2.31 -10.00 -9.14
C GLU A 94 -0.79 -10.12 -8.92
N ILE A 95 -0.33 -10.06 -7.67
CA ILE A 95 1.07 -10.28 -7.36
C ILE A 95 1.45 -11.76 -7.44
N VAL A 96 0.68 -12.64 -6.81
CA VAL A 96 1.04 -14.06 -6.71
C VAL A 96 0.59 -14.80 -7.98
FE1 FES B . -1.57 -9.20 5.10
FE2 FES B . -1.74 -6.84 4.52
S1 FES B . -0.19 -7.76 5.88
S2 FES B . -3.42 -8.09 4.78
N ALA A 1 5.92 13.77 8.08
CA ALA A 1 5.89 14.60 6.85
C ALA A 1 4.51 14.74 6.19
N THR A 2 3.81 13.61 5.92
CA THR A 2 2.41 13.57 5.51
C THR A 2 2.24 13.85 4.02
N TYR A 3 2.00 12.80 3.22
CA TYR A 3 1.93 12.90 1.77
C TYR A 3 0.56 12.51 1.20
N ASN A 4 0.29 13.06 0.02
CA ASN A 4 -0.81 12.75 -0.87
C ASN A 4 -0.63 11.33 -1.39
N VAL A 5 -1.37 10.39 -0.81
CA VAL A 5 -1.41 9.01 -1.29
C VAL A 5 -2.73 8.77 -1.97
N LYS A 6 -2.72 8.30 -3.22
CA LYS A 6 -3.91 7.75 -3.84
C LYS A 6 -3.96 6.23 -3.75
N LEU A 7 -5.15 5.72 -3.39
CA LEU A 7 -5.49 4.32 -3.46
C LEU A 7 -6.54 4.13 -4.55
N ILE A 8 -6.18 3.55 -5.70
CA ILE A 8 -7.11 3.25 -6.77
C ILE A 8 -7.85 1.98 -6.37
N THR A 9 -8.98 2.16 -5.71
CA THR A 9 -9.87 1.10 -5.29
C THR A 9 -10.97 0.90 -6.34
N PRO A 10 -11.57 -0.29 -6.43
CA PRO A 10 -12.63 -0.63 -7.37
C PRO A 10 -13.79 0.35 -7.31
N ASP A 11 -14.10 0.81 -6.10
CA ASP A 11 -15.05 1.83 -5.72
C ASP A 11 -14.92 3.07 -6.60
N GLY A 12 -13.66 3.38 -6.92
CA GLY A 12 -13.27 4.40 -7.85
C GLY A 12 -12.41 5.43 -7.11
N GLU A 13 -11.27 4.96 -6.61
CA GLU A 13 -10.21 5.72 -5.94
C GLU A 13 -10.63 6.22 -4.55
N VAL A 14 -9.62 6.38 -3.70
CA VAL A 14 -9.76 7.00 -2.41
C VAL A 14 -8.41 7.61 -2.02
N GLU A 15 -8.26 8.87 -2.39
CA GLU A 15 -7.07 9.66 -2.14
C GLU A 15 -7.10 10.25 -0.73
N PHE A 16 -5.95 10.25 -0.07
CA PHE A 16 -5.86 10.50 1.36
C PHE A 16 -4.46 10.97 1.77
N LYS A 17 -4.33 11.42 3.03
CA LYS A 17 -3.03 11.85 3.56
C LYS A 17 -2.47 10.73 4.42
N CYS A 18 -1.25 10.28 4.09
CA CYS A 18 -0.59 9.26 4.87
C CYS A 18 0.74 9.79 5.37
N ASP A 19 0.99 9.62 6.67
CA ASP A 19 2.26 9.97 7.27
C ASP A 19 3.30 8.94 6.85
N ASP A 20 4.43 9.43 6.40
CA ASP A 20 5.72 8.75 6.32
C ASP A 20 6.03 7.97 7.59
N ASP A 21 5.49 8.44 8.72
CA ASP A 21 5.66 7.87 10.04
C ASP A 21 4.73 6.68 10.30
N VAL A 22 3.71 6.46 9.45
CA VAL A 22 2.60 5.55 9.71
C VAL A 22 2.35 4.65 8.49
N TYR A 23 1.78 3.45 8.65
CA TYR A 23 1.58 2.61 7.47
C TYR A 23 0.42 3.15 6.62
N VAL A 24 0.44 2.90 5.32
CA VAL A 24 -0.64 3.29 4.43
C VAL A 24 -2.00 2.85 5.00
N LEU A 25 -2.13 1.57 5.37
CA LEU A 25 -3.38 1.04 5.89
C LEU A 25 -3.83 1.74 7.18
N ASP A 26 -2.88 2.17 8.02
CA ASP A 26 -3.17 2.75 9.33
C ASP A 26 -3.97 4.02 9.11
N GLN A 27 -3.32 5.04 8.53
CA GLN A 27 -3.94 6.33 8.32
C GLN A 27 -5.17 6.15 7.46
N ALA A 28 -5.12 5.28 6.43
CA ALA A 28 -6.28 5.00 5.62
C ALA A 28 -7.51 4.68 6.48
N GLU A 29 -7.45 3.61 7.27
CA GLU A 29 -8.55 3.26 8.14
C GLU A 29 -8.91 4.46 9.04
N GLU A 30 -7.91 5.19 9.55
CA GLU A 30 -8.15 6.41 10.33
C GLU A 30 -8.97 7.45 9.57
N GLU A 31 -8.74 7.64 8.28
CA GLU A 31 -9.50 8.63 7.51
C GLU A 31 -10.88 8.06 7.20
N GLY A 32 -10.99 6.73 7.27
CA GLY A 32 -12.24 5.98 7.16
C GLY A 32 -12.21 5.08 5.93
N ILE A 33 -11.02 4.86 5.36
CA ILE A 33 -10.90 4.08 4.14
C ILE A 33 -10.90 2.59 4.46
N ASP A 34 -11.68 1.85 3.71
CA ASP A 34 -11.73 0.39 3.74
C ASP A 34 -10.77 -0.15 2.67
N ILE A 35 -9.71 -0.84 3.11
CA ILE A 35 -8.78 -1.54 2.22
C ILE A 35 -8.47 -2.91 2.84
N PRO A 36 -8.02 -3.89 2.04
CA PRO A 36 -7.82 -5.25 2.52
C PRO A 36 -6.53 -5.31 3.35
N TYR A 37 -6.66 -5.93 4.52
CA TYR A 37 -5.66 -6.10 5.54
C TYR A 37 -6.32 -7.03 6.56
N SER A 38 -5.63 -8.05 7.08
CA SER A 38 -6.29 -9.06 7.91
C SER A 38 -5.33 -9.75 8.87
N CYS A 39 -4.21 -9.10 9.19
CA CYS A 39 -3.02 -9.76 9.71
C CYS A 39 -2.04 -8.67 10.19
N ARG A 40 -0.80 -9.02 10.57
CA ARG A 40 0.23 -8.04 10.96
C ARG A 40 1.60 -8.72 11.08
N ALA A 41 2.33 -8.87 9.98
CA ALA A 41 3.73 -9.32 10.00
C ALA A 41 4.48 -8.91 8.74
N GLY A 42 4.04 -9.36 7.57
CA GLY A 42 4.68 -9.03 6.30
C GLY A 42 4.35 -10.11 5.27
N SER A 43 4.64 -11.38 5.59
CA SER A 43 4.28 -12.51 4.76
C SER A 43 3.12 -13.26 5.42
N CYS A 44 1.92 -12.67 5.38
CA CYS A 44 0.71 -13.29 5.87
C CYS A 44 -0.31 -13.39 4.71
N SER A 45 -1.41 -12.63 4.65
CA SER A 45 -2.28 -12.72 3.47
C SER A 45 -3.28 -11.55 3.32
N SER A 46 -3.63 -11.27 2.06
CA SER A 46 -4.60 -10.28 1.61
C SER A 46 -4.10 -8.85 1.80
N CYS A 47 -2.89 -8.55 1.30
CA CYS A 47 -2.22 -7.27 1.51
C CYS A 47 -1.25 -6.97 0.36
N ALA A 48 -1.72 -6.44 -0.78
CA ALA A 48 -0.83 -6.00 -1.85
C ALA A 48 -1.53 -4.98 -2.74
N GLY A 49 -0.73 -4.14 -3.39
CA GLY A 49 -1.16 -3.09 -4.28
C GLY A 49 -0.16 -2.89 -5.42
N LYS A 50 -0.56 -2.14 -6.46
CA LYS A 50 0.21 -1.82 -7.65
C LYS A 50 0.70 -0.38 -7.59
N VAL A 51 2.01 -0.15 -7.47
CA VAL A 51 2.59 1.18 -7.51
C VAL A 51 2.35 1.77 -8.90
N VAL A 52 1.50 2.78 -9.00
CA VAL A 52 1.30 3.51 -10.24
C VAL A 52 2.38 4.58 -10.37
N SER A 53 2.64 5.34 -9.29
CA SER A 53 3.68 6.35 -9.29
C SER A 53 4.07 6.72 -7.86
N GLY A 54 5.10 7.56 -7.73
CA GLY A 54 5.76 7.83 -6.47
C GLY A 54 6.59 6.64 -6.02
N SER A 55 6.97 6.60 -4.74
CA SER A 55 7.65 5.47 -4.12
C SER A 55 7.36 5.52 -2.63
N ILE A 56 7.44 4.36 -1.98
CA ILE A 56 7.18 4.15 -0.56
C ILE A 56 8.17 3.10 -0.05
N ASP A 57 8.38 3.04 1.26
CA ASP A 57 9.26 2.10 1.91
C ASP A 57 8.41 0.98 2.49
N GLN A 58 8.47 -0.20 1.88
CA GLN A 58 7.87 -1.41 2.41
C GLN A 58 8.94 -2.35 3.01
N SER A 59 9.96 -1.83 3.69
CA SER A 59 10.96 -2.66 4.36
C SER A 59 10.31 -3.78 5.19
N ASP A 60 9.19 -3.51 5.85
CA ASP A 60 8.52 -4.45 6.75
C ASP A 60 7.76 -5.56 5.99
N GLN A 61 8.25 -5.97 4.80
CA GLN A 61 7.56 -6.84 3.86
C GLN A 61 7.89 -8.32 4.07
N SER A 62 9.15 -8.70 3.85
CA SER A 62 9.57 -10.10 3.76
C SER A 62 8.62 -10.97 2.92
N PHE A 63 7.98 -10.41 1.87
CA PHE A 63 6.96 -11.10 1.08
C PHE A 63 7.17 -10.82 -0.41
N LEU A 64 6.80 -9.63 -0.90
CA LEU A 64 6.87 -9.39 -2.34
C LEU A 64 8.28 -9.67 -2.85
N ASP A 65 8.37 -10.25 -4.04
CA ASP A 65 9.65 -10.49 -4.69
C ASP A 65 10.07 -9.24 -5.46
N ASP A 66 11.35 -9.21 -5.84
CA ASP A 66 11.95 -8.13 -6.59
C ASP A 66 11.18 -7.93 -7.88
N GLU A 67 10.79 -9.05 -8.50
CA GLU A 67 9.99 -9.08 -9.71
C GLU A 67 8.74 -8.24 -9.51
N GLN A 68 7.89 -8.62 -8.55
CA GLN A 68 6.69 -7.90 -8.21
C GLN A 68 6.97 -6.41 -7.99
N MET A 69 7.92 -6.07 -7.12
CA MET A 69 8.29 -4.69 -6.91
C MET A 69 8.58 -3.96 -8.23
N ASP A 70 9.59 -4.42 -8.97
CA ASP A 70 10.03 -3.83 -10.23
C ASP A 70 8.85 -3.71 -11.21
N ALA A 71 8.07 -4.78 -11.26
CA ALA A 71 6.91 -4.94 -12.13
C ALA A 71 5.84 -3.90 -11.85
N GLY A 72 5.84 -3.30 -10.66
CA GLY A 72 4.92 -2.24 -10.30
C GLY A 72 4.07 -2.60 -9.10
N TYR A 73 4.52 -3.48 -8.20
CA TYR A 73 3.75 -3.88 -7.04
C TYR A 73 4.38 -3.42 -5.72
N VAL A 74 3.60 -3.49 -4.65
CA VAL A 74 4.01 -3.08 -3.33
C VAL A 74 3.07 -3.74 -2.33
N LEU A 75 3.53 -3.96 -1.12
CA LEU A 75 2.70 -4.46 -0.05
C LEU A 75 1.78 -3.33 0.42
N THR A 76 0.47 -3.60 0.58
CA THR A 76 -0.48 -2.57 0.99
C THR A 76 -0.28 -2.23 2.46
N CYS A 77 -0.23 -3.24 3.32
CA CYS A 77 0.15 -3.04 4.71
C CYS A 77 1.65 -2.81 4.77
N HIS A 78 2.15 -2.54 5.99
CA HIS A 78 3.57 -2.59 6.30
C HIS A 78 4.39 -1.77 5.29
N ALA A 79 3.91 -0.56 5.01
CA ALA A 79 4.41 0.30 3.96
C ALA A 79 4.26 1.76 4.39
N TYR A 80 5.36 2.51 4.36
CA TYR A 80 5.43 3.91 4.77
C TYR A 80 5.61 4.80 3.53
N PRO A 81 4.75 5.79 3.32
CA PRO A 81 4.82 6.65 2.15
C PRO A 81 6.01 7.61 2.25
N THR A 82 6.97 7.56 1.31
CA THR A 82 8.16 8.40 1.37
C THR A 82 7.98 9.73 0.64
N SER A 83 6.97 9.81 -0.23
CA SER A 83 6.57 11.01 -0.94
C SER A 83 5.11 10.84 -1.31
N ASP A 84 4.57 11.78 -2.09
CA ASP A 84 3.31 11.57 -2.79
C ASP A 84 3.45 10.31 -3.65
N VAL A 85 2.38 9.52 -3.69
CA VAL A 85 2.37 8.22 -4.34
C VAL A 85 0.97 7.90 -4.86
N VAL A 86 0.90 7.17 -5.96
CA VAL A 86 -0.33 6.64 -6.51
C VAL A 86 -0.15 5.13 -6.53
N ILE A 87 -1.06 4.39 -5.89
CA ILE A 87 -1.04 2.94 -5.87
C ILE A 87 -2.46 2.43 -6.10
N GLU A 88 -2.60 1.22 -6.66
CA GLU A 88 -3.86 0.51 -6.74
C GLU A 88 -3.89 -0.54 -5.64
N THR A 89 -4.85 -0.51 -4.73
CA THR A 89 -5.00 -1.52 -3.68
C THR A 89 -5.56 -2.83 -4.26
N HIS A 90 -5.75 -3.85 -3.42
CA HIS A 90 -6.47 -5.09 -3.75
C HIS A 90 -5.75 -5.93 -4.82
N LYS A 91 -4.45 -6.19 -4.65
CA LYS A 91 -3.61 -6.83 -5.65
C LYS A 91 -2.95 -8.12 -5.16
N GLU A 92 -3.45 -8.68 -4.05
CA GLU A 92 -3.00 -9.97 -3.53
C GLU A 92 -2.92 -10.97 -4.68
N GLU A 93 -4.06 -11.25 -5.28
CA GLU A 93 -4.19 -12.18 -6.39
C GLU A 93 -3.84 -11.54 -7.75
N GLU A 94 -3.09 -10.43 -7.76
CA GLU A 94 -2.39 -9.93 -8.93
C GLU A 94 -0.87 -10.11 -8.78
N ILE A 95 -0.34 -10.17 -7.55
CA ILE A 95 1.08 -10.35 -7.36
C ILE A 95 1.48 -11.83 -7.44
N VAL A 96 0.78 -12.70 -6.73
CA VAL A 96 1.13 -14.12 -6.69
C VAL A 96 0.57 -14.83 -7.92
FE1 FES B . -0.26 -9.60 6.78
FE2 FES B . -0.29 -7.50 5.61
S1 FES B . -0.29 -7.73 7.72
S2 FES B . 0.65 -9.29 4.84
N ALA A 1 7.00 14.96 5.24
CA ALA A 1 5.84 14.75 6.12
C ALA A 1 4.55 14.66 5.32
N THR A 2 3.67 13.76 5.74
CA THR A 2 2.23 13.85 5.57
C THR A 2 1.79 14.04 4.11
N TYR A 3 1.99 13.00 3.30
CA TYR A 3 1.87 13.03 1.86
C TYR A 3 0.52 12.51 1.40
N ASN A 4 0.16 12.91 0.19
CA ASN A 4 -1.10 12.60 -0.47
C ASN A 4 -0.98 11.24 -1.16
N VAL A 5 -1.33 10.17 -0.45
CA VAL A 5 -1.27 8.83 -1.03
C VAL A 5 -2.59 8.55 -1.72
N LYS A 6 -2.57 8.27 -3.03
CA LYS A 6 -3.73 7.74 -3.71
C LYS A 6 -3.75 6.23 -3.66
N LEU A 7 -4.92 5.70 -3.27
CA LEU A 7 -5.30 4.31 -3.40
C LEU A 7 -6.37 4.22 -4.47
N ILE A 8 -6.00 3.76 -5.68
CA ILE A 8 -6.95 3.48 -6.74
C ILE A 8 -7.67 2.19 -6.35
N THR A 9 -8.73 2.36 -5.56
CA THR A 9 -9.62 1.29 -5.20
C THR A 9 -10.58 1.02 -6.37
N PRO A 10 -11.12 -0.20 -6.50
CA PRO A 10 -12.07 -0.55 -7.54
C PRO A 10 -13.33 0.33 -7.50
N ASP A 11 -13.71 0.76 -6.29
CA ASP A 11 -14.77 1.72 -6.01
C ASP A 11 -14.59 2.99 -6.83
N GLY A 12 -13.33 3.33 -7.08
CA GLY A 12 -12.91 4.42 -7.94
C GLY A 12 -12.16 5.46 -7.13
N GLU A 13 -11.02 5.04 -6.56
CA GLU A 13 -10.06 5.84 -5.81
C GLU A 13 -10.62 6.33 -4.47
N VAL A 14 -9.72 6.74 -3.58
CA VAL A 14 -10.08 7.43 -2.33
C VAL A 14 -9.21 8.68 -2.12
N GLU A 15 -7.90 8.48 -2.00
CA GLU A 15 -6.89 9.52 -1.79
C GLU A 15 -6.92 10.07 -0.35
N PHE A 16 -5.76 10.10 0.31
CA PHE A 16 -5.70 10.49 1.72
C PHE A 16 -4.29 10.86 2.18
N LYS A 17 -4.17 11.39 3.40
CA LYS A 17 -2.90 11.83 3.96
C LYS A 17 -2.26 10.74 4.80
N CYS A 18 -1.00 10.44 4.52
CA CYS A 18 -0.23 9.49 5.31
C CYS A 18 1.14 10.06 5.67
N ASP A 19 1.50 9.99 6.94
CA ASP A 19 2.77 10.48 7.47
C ASP A 19 3.90 9.54 7.07
N ASP A 20 5.09 10.10 6.93
CA ASP A 20 6.25 9.32 6.52
C ASP A 20 6.74 8.37 7.62
N ASP A 21 6.17 8.47 8.83
CA ASP A 21 6.44 7.61 9.96
C ASP A 21 5.19 6.80 10.35
N VAL A 22 4.23 6.61 9.43
CA VAL A 22 3.06 5.77 9.71
C VAL A 22 2.70 4.92 8.49
N TYR A 23 1.98 3.82 8.71
CA TYR A 23 1.62 2.91 7.64
C TYR A 23 0.44 3.45 6.82
N VAL A 24 0.46 3.21 5.50
CA VAL A 24 -0.62 3.60 4.60
C VAL A 24 -1.99 3.16 5.13
N LEU A 25 -2.19 1.85 5.29
CA LEU A 25 -3.45 1.29 5.77
C LEU A 25 -3.94 1.98 7.03
N ASP A 26 -3.09 2.06 8.05
CA ASP A 26 -3.47 2.51 9.38
C ASP A 26 -4.13 3.89 9.28
N GLN A 27 -3.43 4.84 8.66
CA GLN A 27 -4.00 6.16 8.37
C GLN A 27 -5.26 6.04 7.50
N ALA A 28 -5.24 5.23 6.45
CA ALA A 28 -6.40 5.04 5.59
C ALA A 28 -7.64 4.70 6.44
N GLU A 29 -7.58 3.65 7.25
CA GLU A 29 -8.68 3.27 8.12
C GLU A 29 -9.03 4.42 9.07
N GLU A 30 -8.04 5.16 9.61
CA GLU A 30 -8.32 6.38 10.37
C GLU A 30 -9.21 7.36 9.59
N GLU A 31 -9.02 7.46 8.27
CA GLU A 31 -9.86 8.34 7.46
C GLU A 31 -11.21 7.68 7.16
N GLY A 32 -11.23 6.35 7.17
CA GLY A 32 -12.39 5.51 6.94
C GLY A 32 -12.21 4.66 5.69
N ILE A 33 -11.00 4.61 5.13
CA ILE A 33 -10.72 3.87 3.92
C ILE A 33 -10.60 2.38 4.20
N ASP A 34 -11.41 1.57 3.52
CA ASP A 34 -11.37 0.11 3.51
C ASP A 34 -10.46 -0.38 2.38
N ILE A 35 -9.39 -1.11 2.73
CA ILE A 35 -8.58 -1.83 1.77
C ILE A 35 -8.28 -3.22 2.34
N PRO A 36 -8.13 -4.26 1.49
CA PRO A 36 -7.97 -5.62 1.93
C PRO A 36 -6.70 -5.79 2.76
N TYR A 37 -6.84 -6.40 3.93
CA TYR A 37 -5.83 -6.51 4.97
C TYR A 37 -6.36 -7.59 5.93
N SER A 38 -5.49 -8.43 6.49
CA SER A 38 -5.91 -9.58 7.29
C SER A 38 -4.87 -10.07 8.30
N CYS A 39 -3.85 -9.25 8.61
CA CYS A 39 -2.80 -9.41 9.62
C CYS A 39 -2.05 -8.07 9.68
N ARG A 40 -0.98 -7.92 10.45
CA ARG A 40 -0.06 -6.80 10.23
C ARG A 40 1.29 -7.11 10.88
N ALA A 41 2.12 -7.92 10.21
CA ALA A 41 3.46 -8.23 10.69
C ALA A 41 4.46 -8.22 9.54
N GLY A 42 4.39 -9.21 8.65
CA GLY A 42 5.30 -9.35 7.53
C GLY A 42 5.66 -10.82 7.37
N SER A 43 4.76 -11.57 6.76
CA SER A 43 4.85 -13.02 6.67
C SER A 43 3.72 -13.59 5.83
N CYS A 44 2.50 -13.08 5.99
CA CYS A 44 1.36 -13.55 5.22
C CYS A 44 1.57 -13.27 3.73
N SER A 45 0.92 -14.07 2.88
CA SER A 45 0.96 -13.93 1.44
C SER A 45 -0.41 -13.42 0.98
N SER A 46 -0.71 -12.15 1.24
CA SER A 46 -1.98 -11.51 0.90
C SER A 46 -1.72 -10.00 0.70
N CYS A 47 -2.73 -9.14 0.89
CA CYS A 47 -2.56 -7.70 1.14
C CYS A 47 -1.57 -7.00 0.17
N ALA A 48 -2.07 -6.52 -0.98
CA ALA A 48 -1.18 -5.87 -1.94
C ALA A 48 -1.89 -4.83 -2.79
N GLY A 49 -1.08 -3.99 -3.43
CA GLY A 49 -1.47 -2.96 -4.35
C GLY A 49 -0.40 -2.72 -5.41
N LYS A 50 -0.76 -2.10 -6.54
CA LYS A 50 0.10 -1.84 -7.68
C LYS A 50 0.64 -0.41 -7.66
N VAL A 51 1.94 -0.21 -7.46
CA VAL A 51 2.57 1.09 -7.55
C VAL A 51 2.33 1.69 -8.95
N VAL A 52 1.62 2.81 -9.01
CA VAL A 52 1.43 3.55 -10.25
C VAL A 52 2.53 4.60 -10.41
N SER A 53 2.79 5.39 -9.35
CA SER A 53 3.81 6.44 -9.37
C SER A 53 4.18 6.78 -7.94
N GLY A 54 5.19 7.64 -7.77
CA GLY A 54 5.80 7.92 -6.48
C GLY A 54 6.58 6.71 -5.96
N SER A 55 6.98 6.77 -4.68
CA SER A 55 7.68 5.69 -4.01
C SER A 55 7.20 5.63 -2.55
N ILE A 56 7.22 4.42 -1.99
CA ILE A 56 7.01 4.15 -0.58
C ILE A 56 8.11 3.17 -0.14
N ASP A 57 8.30 3.01 1.17
CA ASP A 57 9.20 2.05 1.75
C ASP A 57 8.35 0.94 2.34
N GLN A 58 8.40 -0.24 1.74
CA GLN A 58 7.85 -1.45 2.32
C GLN A 58 8.96 -2.40 2.74
N SER A 59 9.99 -1.89 3.43
CA SER A 59 10.99 -2.70 4.08
C SER A 59 10.32 -3.74 4.99
N ASP A 60 9.33 -3.30 5.76
CA ASP A 60 8.63 -4.06 6.79
C ASP A 60 7.59 -5.02 6.18
N GLN A 61 7.95 -5.68 5.06
CA GLN A 61 7.08 -6.49 4.23
C GLN A 61 7.35 -7.99 4.42
N SER A 62 8.49 -8.48 3.91
CA SER A 62 8.80 -9.91 3.91
C SER A 62 7.66 -10.73 3.25
N PHE A 63 7.38 -10.46 1.97
CA PHE A 63 6.44 -11.22 1.16
C PHE A 63 6.69 -10.99 -0.33
N LEU A 64 6.44 -9.78 -0.86
CA LEU A 64 6.52 -9.59 -2.30
C LEU A 64 7.90 -9.94 -2.83
N ASP A 65 7.92 -10.45 -4.06
CA ASP A 65 9.14 -10.79 -4.76
C ASP A 65 9.68 -9.56 -5.47
N ASP A 66 10.96 -9.59 -5.82
CA ASP A 66 11.61 -8.54 -6.57
C ASP A 66 10.84 -8.32 -7.86
N GLU A 67 10.42 -9.41 -8.48
CA GLU A 67 9.64 -9.41 -9.70
C GLU A 67 8.39 -8.54 -9.50
N GLN A 68 7.54 -8.92 -8.55
CA GLN A 68 6.33 -8.16 -8.22
C GLN A 68 6.66 -6.69 -7.97
N MET A 69 7.63 -6.39 -7.11
CA MET A 69 8.03 -5.00 -6.88
C MET A 69 8.34 -4.27 -8.19
N ASP A 70 9.32 -4.76 -8.95
CA ASP A 70 9.76 -4.17 -10.20
C ASP A 70 8.61 -4.02 -11.18
N ALA A 71 7.79 -5.07 -11.24
CA ALA A 71 6.59 -5.18 -12.07
C ALA A 71 5.55 -4.11 -11.71
N GLY A 72 5.65 -3.55 -10.50
CA GLY A 72 4.87 -2.41 -10.08
C GLY A 72 3.96 -2.78 -8.92
N TYR A 73 4.36 -3.66 -8.00
CA TYR A 73 3.53 -4.06 -6.85
C TYR A 73 4.14 -3.68 -5.51
N VAL A 74 3.28 -3.67 -4.47
CA VAL A 74 3.55 -3.14 -3.16
C VAL A 74 2.58 -3.77 -2.16
N LEU A 75 2.91 -3.71 -0.87
CA LEU A 75 2.14 -4.27 0.22
C LEU A 75 1.00 -3.33 0.62
N THR A 76 1.33 -2.08 0.95
CA THR A 76 0.40 -1.05 1.40
C THR A 76 0.06 -1.24 2.89
N CYS A 77 -0.44 -2.43 3.25
CA CYS A 77 -0.87 -2.81 4.61
C CYS A 77 0.10 -2.31 5.69
N HIS A 78 1.40 -2.36 5.42
CA HIS A 78 2.42 -1.79 6.28
C HIS A 78 3.58 -1.20 5.46
N ALA A 79 3.26 -0.31 4.52
CA ALA A 79 4.26 0.49 3.83
C ALA A 79 4.24 1.91 4.37
N TYR A 80 5.39 2.60 4.31
CA TYR A 80 5.55 3.99 4.72
C TYR A 80 5.67 4.88 3.47
N PRO A 81 4.84 5.92 3.33
CA PRO A 81 4.90 6.80 2.18
C PRO A 81 6.08 7.76 2.30
N THR A 82 7.02 7.71 1.34
CA THR A 82 8.21 8.55 1.35
C THR A 82 7.98 9.87 0.60
N SER A 83 6.92 9.96 -0.20
CA SER A 83 6.51 11.17 -0.89
C SER A 83 5.02 11.03 -1.20
N ASP A 84 4.45 11.99 -1.94
CA ASP A 84 3.22 11.76 -2.67
C ASP A 84 3.44 10.52 -3.55
N VAL A 85 2.44 9.64 -3.55
CA VAL A 85 2.55 8.32 -4.17
C VAL A 85 1.16 7.87 -4.61
N VAL A 86 1.13 7.10 -5.70
CA VAL A 86 -0.09 6.62 -6.31
C VAL A 86 0.07 5.12 -6.47
N ILE A 87 -0.86 4.38 -5.90
CA ILE A 87 -0.89 2.93 -5.94
C ILE A 87 -2.34 2.50 -6.17
N GLU A 88 -2.56 1.33 -6.77
CA GLU A 88 -3.88 0.69 -6.87
C GLU A 88 -4.00 -0.40 -5.81
N THR A 89 -4.94 -0.31 -4.89
CA THR A 89 -5.14 -1.35 -3.90
C THR A 89 -5.92 -2.54 -4.47
N HIS A 90 -6.09 -3.61 -3.68
CA HIS A 90 -6.82 -4.83 -4.02
C HIS A 90 -6.09 -5.65 -5.08
N LYS A 91 -4.83 -6.03 -4.82
CA LYS A 91 -3.97 -6.72 -5.78
C LYS A 91 -3.38 -8.02 -5.24
N GLU A 92 -3.90 -8.49 -4.10
CA GLU A 92 -3.56 -9.77 -3.52
C GLU A 92 -3.62 -10.85 -4.60
N GLU A 93 -4.81 -11.08 -5.16
CA GLU A 93 -5.01 -12.11 -6.18
C GLU A 93 -4.57 -11.66 -7.59
N GLU A 94 -3.61 -10.72 -7.70
CA GLU A 94 -2.92 -10.42 -8.95
C GLU A 94 -1.47 -10.91 -8.83
N ILE A 95 -0.81 -10.62 -7.69
CA ILE A 95 0.60 -10.83 -7.54
C ILE A 95 1.00 -12.31 -7.44
N VAL A 96 0.22 -13.11 -6.70
CA VAL A 96 0.52 -14.53 -6.51
C VAL A 96 0.06 -15.33 -7.73
FE1 FES B . -0.41 -9.78 6.50
FE2 FES B . -0.38 -7.56 5.33
S1 FES B . 1.35 -8.64 6.11
S2 FES B . -2.08 -8.43 6.25
N ALA A 1 6.13 14.28 7.83
CA ALA A 1 5.84 15.08 6.62
C ALA A 1 4.37 15.06 6.21
N THR A 2 3.80 13.88 5.97
CA THR A 2 2.41 13.65 5.57
C THR A 2 2.20 13.96 4.08
N TYR A 3 2.16 12.92 3.25
CA TYR A 3 2.13 13.05 1.80
C TYR A 3 0.77 12.66 1.22
N ASN A 4 0.51 13.15 0.01
CA ASN A 4 -0.66 12.90 -0.80
C ASN A 4 -0.55 11.49 -1.39
N VAL A 5 -1.33 10.56 -0.83
CA VAL A 5 -1.38 9.19 -1.30
C VAL A 5 -2.73 8.91 -1.95
N LYS A 6 -2.75 8.70 -3.28
CA LYS A 6 -3.92 8.17 -3.94
C LYS A 6 -3.97 6.64 -3.88
N LEU A 7 -5.12 6.13 -3.42
CA LEU A 7 -5.45 4.72 -3.47
C LEU A 7 -6.50 4.55 -4.55
N ILE A 8 -6.16 3.88 -5.66
CA ILE A 8 -7.09 3.57 -6.73
C ILE A 8 -7.80 2.30 -6.31
N THR A 9 -8.88 2.47 -5.53
CA THR A 9 -9.71 1.39 -5.07
C THR A 9 -10.72 1.04 -6.17
N PRO A 10 -11.22 -0.20 -6.22
CA PRO A 10 -12.21 -0.65 -7.20
C PRO A 10 -13.45 0.24 -7.26
N ASP A 11 -13.87 0.75 -6.10
CA ASP A 11 -14.92 1.73 -5.88
C ASP A 11 -14.79 2.90 -6.84
N GLY A 12 -13.54 3.28 -7.06
CA GLY A 12 -13.13 4.29 -8.02
C GLY A 12 -12.36 5.39 -7.31
N GLU A 13 -11.21 5.02 -6.75
CA GLU A 13 -10.27 5.86 -6.03
C GLU A 13 -10.83 6.35 -4.70
N VAL A 14 -9.93 6.90 -3.87
CA VAL A 14 -10.33 7.53 -2.62
C VAL A 14 -9.42 8.72 -2.31
N GLU A 15 -8.13 8.45 -2.18
CA GLU A 15 -7.08 9.41 -1.89
C GLU A 15 -7.13 9.96 -0.47
N PHE A 16 -5.95 10.17 0.13
CA PHE A 16 -5.81 10.69 1.49
C PHE A 16 -4.38 11.17 1.74
N LYS A 17 -4.15 11.69 2.95
CA LYS A 17 -2.84 12.12 3.42
C LYS A 17 -2.29 11.07 4.38
N CYS A 18 -1.09 10.56 4.09
CA CYS A 18 -0.48 9.50 4.88
C CYS A 18 0.85 9.96 5.44
N ASP A 19 1.02 9.80 6.77
CA ASP A 19 2.24 10.15 7.45
C ASP A 19 3.32 9.16 7.03
N ASP A 20 4.49 9.72 6.86
CA ASP A 20 5.74 9.10 6.45
C ASP A 20 6.22 8.10 7.50
N ASP A 21 5.69 8.22 8.73
CA ASP A 21 5.94 7.30 9.82
C ASP A 21 4.71 6.44 10.11
N VAL A 22 3.74 6.33 9.19
CA VAL A 22 2.58 5.48 9.39
C VAL A 22 2.27 4.64 8.14
N TYR A 23 1.67 3.47 8.37
CA TYR A 23 1.25 2.55 7.33
C TYR A 23 0.15 3.19 6.48
N VAL A 24 0.21 3.01 5.16
CA VAL A 24 -0.81 3.54 4.22
C VAL A 24 -2.17 2.84 4.36
N LEU A 25 -2.36 1.94 5.31
CA LEU A 25 -3.64 1.30 5.56
C LEU A 25 -4.17 1.84 6.87
N ASP A 26 -3.36 1.77 7.92
CA ASP A 26 -3.68 2.25 9.27
C ASP A 26 -4.32 3.64 9.21
N GLN A 27 -3.57 4.63 8.72
CA GLN A 27 -4.09 5.98 8.64
C GLN A 27 -5.27 6.06 7.67
N ALA A 28 -5.32 5.20 6.65
CA ALA A 28 -6.48 5.13 5.77
C ALA A 28 -7.72 4.76 6.59
N GLU A 29 -7.65 3.68 7.37
CA GLU A 29 -8.71 3.25 8.26
C GLU A 29 -9.08 4.37 9.23
N GLU A 30 -8.09 5.11 9.77
CA GLU A 30 -8.35 6.30 10.55
C GLU A 30 -9.28 7.29 9.84
N GLU A 31 -9.14 7.44 8.52
CA GLU A 31 -10.01 8.31 7.75
C GLU A 31 -11.35 7.64 7.47
N GLY A 32 -11.35 6.30 7.45
CA GLY A 32 -12.50 5.45 7.23
C GLY A 32 -12.33 4.62 5.96
N ILE A 33 -11.13 4.59 5.38
CA ILE A 33 -10.90 3.87 4.13
C ILE A 33 -10.68 2.38 4.41
N ASP A 34 -11.46 1.54 3.74
CA ASP A 34 -11.32 0.09 3.76
C ASP A 34 -10.39 -0.35 2.65
N ILE A 35 -9.19 -0.84 2.99
CA ILE A 35 -8.29 -1.48 2.05
C ILE A 35 -7.72 -2.74 2.73
N PRO A 36 -7.28 -3.75 1.97
CA PRO A 36 -6.83 -5.02 2.55
C PRO A 36 -5.66 -4.82 3.52
N TYR A 37 -5.92 -5.04 4.82
CA TYR A 37 -4.97 -4.85 5.91
C TYR A 37 -5.20 -5.82 7.08
N SER A 38 -6.40 -6.40 7.20
CA SER A 38 -6.85 -7.08 8.40
C SER A 38 -6.12 -8.42 8.61
N CYS A 39 -4.87 -8.33 9.04
CA CYS A 39 -3.87 -9.39 9.06
C CYS A 39 -2.81 -9.00 10.10
N ARG A 40 -1.93 -8.07 9.72
CA ARG A 40 -0.78 -7.57 10.45
C ARG A 40 0.27 -8.65 10.79
N ALA A 41 1.31 -8.77 9.95
CA ALA A 41 2.66 -9.32 10.24
C ALA A 41 3.33 -9.96 9.02
N GLY A 42 3.60 -9.15 7.98
CA GLY A 42 4.35 -9.44 6.73
C GLY A 42 4.29 -10.89 6.17
N SER A 43 4.83 -11.87 6.90
CA SER A 43 4.76 -13.28 6.53
C SER A 43 3.42 -13.87 6.99
N CYS A 44 2.30 -13.36 6.47
CA CYS A 44 0.95 -13.65 6.94
C CYS A 44 0.12 -14.41 5.89
N SER A 45 -0.23 -13.78 4.76
CA SER A 45 -1.07 -14.40 3.74
C SER A 45 -0.67 -13.91 2.34
N SER A 46 -1.49 -13.07 1.71
CA SER A 46 -1.14 -12.36 0.48
C SER A 46 -1.99 -11.09 0.48
N CYS A 47 -1.36 -9.92 0.26
CA CYS A 47 -2.03 -8.65 -0.02
C CYS A 47 -1.00 -7.71 -0.65
N ALA A 48 -1.43 -6.77 -1.50
CA ALA A 48 -0.57 -5.85 -2.24
C ALA A 48 -1.41 -4.82 -2.99
N GLY A 49 -0.74 -3.85 -3.61
CA GLY A 49 -1.29 -2.86 -4.51
C GLY A 49 -0.32 -2.55 -5.66
N LYS A 50 -0.81 -2.06 -6.80
CA LYS A 50 -0.04 -1.76 -8.00
C LYS A 50 0.52 -0.33 -7.92
N VAL A 51 1.81 -0.10 -8.08
CA VAL A 51 2.40 1.23 -8.09
C VAL A 51 2.05 1.91 -9.41
N VAL A 52 1.51 3.14 -9.34
CA VAL A 52 1.21 3.94 -10.52
C VAL A 52 2.20 5.11 -10.60
N SER A 53 2.47 5.80 -9.49
CA SER A 53 3.49 6.86 -9.46
C SER A 53 3.95 7.08 -8.02
N GLY A 54 4.98 7.91 -7.84
CA GLY A 54 5.65 8.14 -6.57
C GLY A 54 6.39 6.88 -6.11
N SER A 55 6.74 6.81 -4.81
CA SER A 55 7.35 5.65 -4.22
C SER A 55 7.06 5.65 -2.71
N ILE A 56 7.16 4.48 -2.10
CA ILE A 56 7.10 4.26 -0.67
C ILE A 56 8.28 3.39 -0.29
N ASP A 57 8.41 3.07 1.01
CA ASP A 57 9.28 2.02 1.51
C ASP A 57 8.40 0.93 2.11
N GLN A 58 8.48 -0.28 1.56
CA GLN A 58 7.89 -1.49 2.15
C GLN A 58 8.96 -2.43 2.71
N SER A 59 10.05 -1.90 3.27
CA SER A 59 11.24 -2.69 3.59
C SER A 59 11.11 -3.48 4.91
N ASP A 60 9.92 -3.99 5.23
CA ASP A 60 9.68 -4.82 6.41
C ASP A 60 8.37 -5.60 6.23
N GLN A 61 8.19 -6.15 5.02
CA GLN A 61 7.06 -6.95 4.59
C GLN A 61 7.44 -8.42 4.51
N SER A 62 8.70 -8.72 4.15
CA SER A 62 9.22 -10.08 4.11
C SER A 62 8.29 -10.98 3.28
N PHE A 63 7.89 -10.48 2.10
CA PHE A 63 6.90 -11.12 1.26
C PHE A 63 7.09 -10.73 -0.20
N LEU A 64 6.76 -9.48 -0.60
CA LEU A 64 6.75 -9.18 -2.04
C LEU A 64 8.11 -9.46 -2.66
N ASP A 65 8.09 -10.08 -3.83
CA ASP A 65 9.31 -10.48 -4.50
C ASP A 65 9.89 -9.31 -5.28
N ASP A 66 11.16 -9.44 -5.67
CA ASP A 66 11.84 -8.48 -6.54
C ASP A 66 10.99 -8.27 -7.78
N GLU A 67 10.48 -9.37 -8.33
CA GLU A 67 9.62 -9.39 -9.49
C GLU A 67 8.44 -8.44 -9.28
N GLN A 68 7.63 -8.72 -8.26
CA GLN A 68 6.47 -7.91 -7.94
C GLN A 68 6.83 -6.44 -7.77
N MET A 69 7.85 -6.14 -6.97
CA MET A 69 8.29 -4.76 -6.82
C MET A 69 8.61 -4.11 -8.17
N ASP A 70 9.54 -4.69 -8.93
CA ASP A 70 9.97 -4.20 -10.24
C ASP A 70 8.76 -4.04 -11.17
N ALA A 71 7.89 -5.04 -11.13
CA ALA A 71 6.67 -5.14 -11.92
C ALA A 71 5.69 -4.03 -11.58
N GLY A 72 5.84 -3.40 -10.41
CA GLY A 72 5.07 -2.25 -9.99
C GLY A 72 4.05 -2.72 -8.98
N TYR A 73 4.47 -3.46 -7.95
CA TYR A 73 3.63 -3.78 -6.80
C TYR A 73 4.28 -3.36 -5.48
N VAL A 74 3.45 -2.94 -4.51
CA VAL A 74 3.87 -2.27 -3.30
C VAL A 74 2.67 -2.22 -2.38
N LEU A 75 2.85 -1.55 -1.26
CA LEU A 75 1.80 -1.21 -0.32
C LEU A 75 1.47 -2.47 0.47
N THR A 76 0.72 -2.29 1.55
CA THR A 76 0.20 -3.36 2.36
C THR A 76 1.33 -4.14 3.01
N CYS A 77 1.00 -5.06 3.94
CA CYS A 77 1.97 -5.92 4.60
C CYS A 77 3.16 -5.13 5.23
N HIS A 78 2.99 -3.83 5.51
CA HIS A 78 4.00 -2.82 5.93
C HIS A 78 4.35 -1.90 4.75
N ALA A 79 4.07 -0.60 4.86
CA ALA A 79 4.29 0.36 3.79
C ALA A 79 4.29 1.81 4.30
N TYR A 80 5.44 2.50 4.23
CA TYR A 80 5.62 3.89 4.65
C TYR A 80 5.73 4.82 3.43
N PRO A 81 4.87 5.84 3.31
CA PRO A 81 4.91 6.77 2.19
C PRO A 81 6.08 7.74 2.31
N THR A 82 6.99 7.75 1.33
CA THR A 82 8.20 8.57 1.41
C THR A 82 8.08 9.86 0.62
N SER A 83 7.05 9.97 -0.23
CA SER A 83 6.68 11.18 -0.94
C SER A 83 5.20 11.03 -1.29
N ASP A 84 4.66 11.96 -2.07
CA ASP A 84 3.38 11.76 -2.73
C ASP A 84 3.48 10.49 -3.58
N VAL A 85 2.38 9.74 -3.64
CA VAL A 85 2.36 8.43 -4.27
C VAL A 85 0.96 8.06 -4.78
N VAL A 86 0.91 7.24 -5.83
CA VAL A 86 -0.32 6.83 -6.49
C VAL A 86 -0.20 5.32 -6.71
N ILE A 87 -1.21 4.57 -6.26
CA ILE A 87 -1.10 3.12 -6.16
C ILE A 87 -2.53 2.53 -6.20
N GLU A 88 -2.74 1.40 -6.87
CA GLU A 88 -4.02 0.71 -6.90
C GLU A 88 -4.08 -0.39 -5.83
N THR A 89 -5.00 -0.28 -4.88
CA THR A 89 -5.15 -1.26 -3.82
C THR A 89 -5.88 -2.52 -4.33
N HIS A 90 -6.02 -3.53 -3.48
CA HIS A 90 -6.74 -4.78 -3.75
C HIS A 90 -6.05 -5.60 -4.85
N LYS A 91 -4.76 -5.91 -4.67
CA LYS A 91 -3.97 -6.64 -5.66
C LYS A 91 -3.37 -7.91 -5.08
N GLU A 92 -4.11 -8.54 -4.16
CA GLU A 92 -3.78 -9.83 -3.61
C GLU A 92 -3.64 -10.83 -4.76
N GLU A 93 -4.77 -11.22 -5.37
CA GLU A 93 -4.77 -12.18 -6.47
C GLU A 93 -4.38 -11.51 -7.80
N GLU A 94 -3.33 -10.69 -7.78
CA GLU A 94 -2.61 -10.23 -8.95
C GLU A 94 -1.13 -10.61 -8.80
N ILE A 95 -0.55 -10.36 -7.62
CA ILE A 95 0.88 -10.51 -7.41
C ILE A 95 1.35 -11.97 -7.36
N VAL A 96 0.58 -12.87 -6.75
CA VAL A 96 0.95 -14.27 -6.53
C VAL A 96 0.27 -15.21 -7.56
FE1 FES B . -1.32 -10.15 5.63
FE2 FES B . -0.58 -8.65 3.85
S1 FES B . -1.36 -10.65 3.58
S2 FES B . -1.21 -7.97 5.79
N ALA A 1 7.10 14.53 5.55
CA ALA A 1 5.82 15.06 6.03
C ALA A 1 4.63 14.75 5.12
N THR A 2 3.75 13.83 5.53
CA THR A 2 2.31 13.93 5.28
C THR A 2 1.94 14.09 3.80
N TYR A 3 2.08 13.02 3.02
CA TYR A 3 1.98 13.09 1.56
C TYR A 3 0.63 12.63 1.03
N ASN A 4 0.30 13.13 -0.16
CA ASN A 4 -0.81 12.71 -1.00
C ASN A 4 -0.59 11.27 -1.45
N VAL A 5 -1.30 10.34 -0.80
CA VAL A 5 -1.33 8.95 -1.22
C VAL A 5 -2.68 8.68 -1.88
N LYS A 6 -2.71 8.48 -3.20
CA LYS A 6 -3.89 7.94 -3.83
C LYS A 6 -3.94 6.43 -3.69
N LEU A 7 -5.12 5.93 -3.32
CA LEU A 7 -5.48 4.54 -3.38
C LEU A 7 -6.54 4.39 -4.46
N ILE A 8 -6.18 3.83 -5.61
CA ILE A 8 -7.13 3.44 -6.63
C ILE A 8 -7.77 2.14 -6.14
N THR A 9 -8.93 2.28 -5.50
CA THR A 9 -9.75 1.19 -5.05
C THR A 9 -10.76 0.84 -6.14
N PRO A 10 -11.28 -0.40 -6.17
CA PRO A 10 -12.28 -0.86 -7.13
C PRO A 10 -13.51 0.06 -7.17
N ASP A 11 -13.89 0.56 -6.00
CA ASP A 11 -14.96 1.54 -5.76
C ASP A 11 -14.81 2.74 -6.68
N GLY A 12 -13.56 3.10 -6.97
CA GLY A 12 -13.17 4.11 -7.90
C GLY A 12 -12.41 5.21 -7.19
N GLU A 13 -11.24 4.85 -6.64
CA GLU A 13 -10.32 5.71 -5.92
C GLU A 13 -10.88 6.19 -4.58
N VAL A 14 -9.98 6.64 -3.70
CA VAL A 14 -10.38 7.25 -2.44
C VAL A 14 -9.48 8.44 -2.11
N GLU A 15 -8.17 8.18 -2.02
CA GLU A 15 -7.12 9.16 -1.77
C GLU A 15 -7.12 9.68 -0.33
N PHE A 16 -5.92 9.92 0.21
CA PHE A 16 -5.75 10.43 1.55
C PHE A 16 -4.35 10.99 1.77
N LYS A 17 -4.16 11.67 2.91
CA LYS A 17 -2.87 12.10 3.38
C LYS A 17 -2.29 11.03 4.29
N CYS A 18 -1.07 10.58 3.99
CA CYS A 18 -0.39 9.58 4.79
C CYS A 18 0.92 10.14 5.33
N ASP A 19 1.11 10.09 6.65
CA ASP A 19 2.33 10.53 7.28
C ASP A 19 3.48 9.59 6.93
N ASP A 20 4.66 10.16 6.81
CA ASP A 20 5.86 9.47 6.35
C ASP A 20 6.46 8.59 7.44
N ASP A 21 5.85 8.58 8.63
CA ASP A 21 6.14 7.69 9.73
C ASP A 21 4.91 6.88 10.14
N VAL A 22 3.91 6.68 9.25
CA VAL A 22 2.77 5.82 9.54
C VAL A 22 2.54 4.85 8.38
N TYR A 23 2.02 3.64 8.68
CA TYR A 23 1.66 2.69 7.63
C TYR A 23 0.54 3.30 6.78
N VAL A 24 0.57 3.04 5.47
CA VAL A 24 -0.49 3.48 4.57
C VAL A 24 -1.86 3.06 5.12
N LEU A 25 -2.06 1.75 5.33
CA LEU A 25 -3.36 1.25 5.79
C LEU A 25 -3.79 1.86 7.11
N ASP A 26 -2.86 2.11 8.03
CA ASP A 26 -3.19 2.47 9.39
C ASP A 26 -3.96 3.77 9.36
N GLN A 27 -3.29 4.80 8.85
CA GLN A 27 -3.89 6.10 8.71
C GLN A 27 -5.09 6.04 7.75
N ALA A 28 -5.01 5.26 6.67
CA ALA A 28 -6.16 5.09 5.78
C ALA A 28 -7.42 4.66 6.56
N GLU A 29 -7.35 3.53 7.26
CA GLU A 29 -8.45 3.02 8.05
C GLU A 29 -8.85 4.06 9.11
N GLU A 30 -7.89 4.77 9.71
CA GLU A 30 -8.20 5.91 10.58
C GLU A 30 -9.12 6.92 9.91
N GLU A 31 -8.91 7.20 8.62
CA GLU A 31 -9.76 8.16 7.92
C GLU A 31 -11.11 7.51 7.58
N GLY A 32 -11.09 6.17 7.51
CA GLY A 32 -12.27 5.35 7.27
C GLY A 32 -12.15 4.61 5.94
N ILE A 33 -10.95 4.57 5.36
CA ILE A 33 -10.73 3.93 4.08
C ILE A 33 -10.67 2.41 4.27
N ASP A 34 -11.52 1.70 3.53
CA ASP A 34 -11.52 0.25 3.48
C ASP A 34 -10.57 -0.23 2.40
N ILE A 35 -9.54 -1.00 2.77
CA ILE A 35 -8.59 -1.62 1.86
C ILE A 35 -8.28 -3.02 2.39
N PRO A 36 -7.73 -3.93 1.56
CA PRO A 36 -7.44 -5.29 1.96
C PRO A 36 -6.42 -5.28 3.11
N TYR A 37 -6.62 -6.13 4.11
CA TYR A 37 -5.71 -6.29 5.24
C TYR A 37 -6.08 -7.59 5.96
N SER A 38 -6.79 -7.49 7.09
CA SER A 38 -7.17 -8.65 7.91
C SER A 38 -5.96 -9.53 8.25
N CYS A 39 -4.90 -8.89 8.72
CA CYS A 39 -3.59 -9.44 9.06
C CYS A 39 -3.03 -8.57 10.19
N ARG A 40 -1.88 -8.93 10.75
CA ARG A 40 -0.95 -8.02 11.36
C ARG A 40 0.38 -8.77 11.53
N ALA A 41 1.50 -8.04 11.45
CA ALA A 41 2.88 -8.55 11.53
C ALA A 41 3.34 -9.12 10.17
N GLY A 42 4.14 -8.32 9.46
CA GLY A 42 4.69 -8.66 8.16
C GLY A 42 5.25 -10.08 8.10
N SER A 43 4.91 -10.80 7.02
CA SER A 43 5.24 -12.20 6.69
C SER A 43 3.92 -12.97 6.61
N CYS A 44 3.19 -12.75 5.50
CA CYS A 44 1.82 -13.20 5.31
C CYS A 44 1.61 -13.62 3.84
N SER A 45 0.37 -13.58 3.36
CA SER A 45 0.04 -13.74 1.95
C SER A 45 -1.29 -13.01 1.70
N SER A 46 -1.64 -12.81 0.42
CA SER A 46 -2.87 -12.18 -0.01
C SER A 46 -2.99 -10.73 0.46
N CYS A 47 -2.01 -9.90 0.09
CA CYS A 47 -2.02 -8.46 0.35
C CYS A 47 -1.05 -7.76 -0.60
N ALA A 48 -1.54 -6.82 -1.40
CA ALA A 48 -0.72 -6.01 -2.29
C ALA A 48 -1.55 -4.93 -2.98
N GLY A 49 -0.84 -3.95 -3.51
CA GLY A 49 -1.33 -2.94 -4.43
C GLY A 49 -0.31 -2.70 -5.53
N LYS A 50 -0.72 -2.01 -6.61
CA LYS A 50 0.09 -1.68 -7.75
C LYS A 50 0.59 -0.24 -7.68
N VAL A 51 1.89 -0.03 -7.53
CA VAL A 51 2.51 1.28 -7.54
C VAL A 51 2.31 1.91 -8.92
N VAL A 52 1.46 2.94 -9.01
CA VAL A 52 1.26 3.69 -10.24
C VAL A 52 2.36 4.75 -10.38
N SER A 53 2.72 5.42 -9.29
CA SER A 53 3.77 6.44 -9.31
C SER A 53 4.37 6.58 -7.92
N GLY A 54 5.18 7.62 -7.70
CA GLY A 54 5.86 7.89 -6.44
C GLY A 54 6.74 6.73 -6.00
N SER A 55 7.06 6.68 -4.70
CA SER A 55 7.69 5.53 -4.07
C SER A 55 7.35 5.55 -2.59
N ILE A 56 7.31 4.37 -1.99
CA ILE A 56 7.11 4.16 -0.57
C ILE A 56 8.10 3.09 -0.12
N ASP A 57 8.46 3.10 1.15
CA ASP A 57 9.41 2.17 1.75
C ASP A 57 8.58 1.07 2.41
N GLN A 58 8.59 -0.12 1.79
CA GLN A 58 8.03 -1.31 2.39
C GLN A 58 9.12 -2.27 2.89
N SER A 59 10.32 -1.78 3.26
CA SER A 59 11.42 -2.64 3.69
C SER A 59 11.26 -3.09 5.14
N ASP A 60 10.13 -3.77 5.40
CA ASP A 60 9.64 -4.20 6.72
C ASP A 60 8.99 -5.59 6.64
N GLN A 61 8.28 -5.88 5.54
CA GLN A 61 7.50 -7.08 5.30
C GLN A 61 8.32 -8.31 4.93
N SER A 62 7.63 -9.37 4.50
CA SER A 62 8.21 -10.54 3.83
C SER A 62 7.10 -11.24 3.03
N PHE A 63 6.74 -10.71 1.85
CA PHE A 63 5.80 -11.38 0.96
C PHE A 63 6.09 -11.04 -0.51
N LEU A 64 5.94 -9.78 -0.94
CA LEU A 64 6.14 -9.50 -2.36
C LEU A 64 7.57 -9.85 -2.78
N ASP A 65 7.70 -10.33 -4.01
CA ASP A 65 8.99 -10.66 -4.58
C ASP A 65 9.60 -9.44 -5.27
N ASP A 66 10.90 -9.51 -5.57
CA ASP A 66 11.65 -8.51 -6.31
C ASP A 66 10.91 -8.24 -7.62
N GLU A 67 10.49 -9.32 -8.26
CA GLU A 67 9.76 -9.29 -9.51
C GLU A 67 8.56 -8.37 -9.38
N GLN A 68 7.64 -8.71 -8.47
CA GLN A 68 6.45 -7.93 -8.21
C GLN A 68 6.79 -6.47 -7.92
N MET A 69 7.73 -6.21 -7.00
CA MET A 69 8.16 -4.85 -6.74
C MET A 69 8.53 -4.11 -8.03
N ASP A 70 9.51 -4.64 -8.77
CA ASP A 70 10.02 -4.06 -10.01
C ASP A 70 8.89 -3.85 -11.01
N ALA A 71 8.03 -4.87 -11.10
CA ALA A 71 6.88 -4.94 -11.98
C ALA A 71 5.87 -3.83 -11.69
N GLY A 72 5.90 -3.27 -10.48
CA GLY A 72 5.10 -2.12 -10.10
C GLY A 72 4.13 -2.48 -9.00
N TYR A 73 4.49 -3.37 -8.08
CA TYR A 73 3.64 -3.76 -6.96
C TYR A 73 4.26 -3.37 -5.62
N VAL A 74 3.45 -3.37 -4.56
CA VAL A 74 3.87 -2.98 -3.22
C VAL A 74 2.93 -3.62 -2.22
N LEU A 75 3.44 -3.94 -1.03
CA LEU A 75 2.60 -4.36 0.08
C LEU A 75 1.74 -3.15 0.50
N THR A 76 0.47 -3.36 0.86
CA THR A 76 -0.38 -2.27 1.28
C THR A 76 -0.13 -1.92 2.76
N CYS A 77 0.08 -2.96 3.58
CA CYS A 77 0.54 -2.83 4.96
C CYS A 77 2.04 -2.58 4.97
N HIS A 78 2.61 -2.43 6.17
CA HIS A 78 4.06 -2.43 6.40
C HIS A 78 4.79 -1.62 5.34
N ALA A 79 4.32 -0.39 5.13
CA ALA A 79 4.68 0.45 3.99
C ALA A 79 4.53 1.90 4.41
N TYR A 80 5.61 2.69 4.27
CA TYR A 80 5.67 4.09 4.66
C TYR A 80 5.81 4.98 3.43
N PRO A 81 4.94 5.98 3.25
CA PRO A 81 5.00 6.87 2.11
C PRO A 81 6.17 7.85 2.20
N THR A 82 7.08 7.82 1.22
CA THR A 82 8.30 8.65 1.27
C THR A 82 8.13 9.96 0.50
N SER A 83 7.11 10.05 -0.36
CA SER A 83 6.69 11.26 -1.06
C SER A 83 5.22 11.04 -1.41
N ASP A 84 4.62 11.97 -2.17
CA ASP A 84 3.35 11.72 -2.82
C ASP A 84 3.48 10.46 -3.68
N VAL A 85 2.41 9.68 -3.71
CA VAL A 85 2.40 8.38 -4.37
C VAL A 85 0.99 8.03 -4.82
N VAL A 86 0.92 7.28 -5.91
CA VAL A 86 -0.31 6.76 -6.47
C VAL A 86 -0.13 5.26 -6.49
N ILE A 87 -1.02 4.53 -5.86
CA ILE A 87 -1.04 3.08 -5.86
C ILE A 87 -2.48 2.62 -6.09
N GLU A 88 -2.66 1.43 -6.66
CA GLU A 88 -3.95 0.75 -6.75
C GLU A 88 -4.03 -0.34 -5.68
N THR A 89 -5.08 -0.38 -4.87
CA THR A 89 -5.24 -1.43 -3.87
C THR A 89 -5.91 -2.66 -4.50
N HIS A 90 -6.10 -3.74 -3.72
CA HIS A 90 -6.79 -4.95 -4.12
C HIS A 90 -6.06 -5.65 -5.26
N LYS A 91 -4.79 -6.02 -5.05
CA LYS A 91 -3.94 -6.64 -6.07
C LYS A 91 -3.32 -7.95 -5.56
N GLU A 92 -3.77 -8.34 -4.37
CA GLU A 92 -3.46 -9.56 -3.67
C GLU A 92 -3.53 -10.76 -4.62
N GLU A 93 -4.68 -10.95 -5.28
CA GLU A 93 -4.90 -12.00 -6.28
C GLU A 93 -4.62 -11.50 -7.70
N GLU A 94 -3.64 -10.60 -7.88
CA GLU A 94 -3.10 -10.21 -9.16
C GLU A 94 -1.59 -10.47 -9.16
N ILE A 95 -0.90 -10.19 -8.04
CA ILE A 95 0.53 -10.42 -7.94
C ILE A 95 0.94 -11.90 -7.96
N VAL A 96 0.17 -12.77 -7.30
CA VAL A 96 0.48 -14.19 -7.20
C VAL A 96 0.10 -14.91 -8.50
FE1 FES B . -0.35 -9.13 5.77
FE2 FES B . -0.69 -6.98 4.54
S1 FES B . -2.19 -8.45 4.89
S2 FES B . 1.08 -7.50 5.72
N ALA A 1 5.69 14.23 7.48
CA ALA A 1 6.05 14.75 6.15
C ALA A 1 4.84 14.72 5.22
N THR A 2 4.07 13.64 5.29
CA THR A 2 2.61 13.79 5.28
C THR A 2 2.09 14.09 3.87
N TYR A 3 2.11 13.07 3.03
CA TYR A 3 2.10 13.20 1.59
C TYR A 3 0.74 12.79 1.00
N ASN A 4 0.47 13.28 -0.21
CA ASN A 4 -0.67 12.98 -1.03
C ASN A 4 -0.53 11.53 -1.51
N VAL A 5 -1.30 10.63 -0.89
CA VAL A 5 -1.35 9.24 -1.31
C VAL A 5 -2.68 8.95 -1.96
N LYS A 6 -2.68 8.49 -3.21
CA LYS A 6 -3.87 7.94 -3.83
C LYS A 6 -3.93 6.44 -3.65
N LEU A 7 -5.09 5.95 -3.23
CA LEU A 7 -5.45 4.55 -3.26
C LEU A 7 -6.49 4.36 -4.34
N ILE A 8 -6.10 3.79 -5.49
CA ILE A 8 -7.05 3.35 -6.50
C ILE A 8 -7.70 2.09 -5.94
N THR A 9 -8.85 2.28 -5.31
CA THR A 9 -9.69 1.22 -4.79
C THR A 9 -10.75 0.88 -5.83
N PRO A 10 -11.28 -0.35 -5.85
CA PRO A 10 -12.30 -0.81 -6.78
C PRO A 10 -13.52 0.12 -6.79
N ASP A 11 -13.86 0.62 -5.60
CA ASP A 11 -14.88 1.60 -5.28
C ASP A 11 -14.81 2.78 -6.24
N GLY A 12 -13.58 3.17 -6.56
CA GLY A 12 -13.24 4.17 -7.52
C GLY A 12 -12.44 5.28 -6.83
N GLU A 13 -11.26 4.89 -6.33
CA GLU A 13 -10.23 5.73 -5.75
C GLU A 13 -10.58 6.33 -4.39
N VAL A 14 -9.51 6.67 -3.67
CA VAL A 14 -9.54 7.55 -2.52
C VAL A 14 -8.14 8.11 -2.29
N GLU A 15 -7.96 9.40 -2.56
CA GLU A 15 -6.82 10.17 -2.10
C GLU A 15 -6.97 10.50 -0.63
N PHE A 16 -5.83 10.49 0.07
CA PHE A 16 -5.72 10.84 1.47
C PHE A 16 -4.30 11.25 1.81
N LYS A 17 -4.12 11.92 2.96
CA LYS A 17 -2.79 12.24 3.46
C LYS A 17 -2.26 11.05 4.25
N CYS A 18 -1.03 10.63 3.97
CA CYS A 18 -0.35 9.64 4.80
C CYS A 18 1.01 10.14 5.23
N ASP A 19 1.30 10.06 6.54
CA ASP A 19 2.60 10.38 7.09
C ASP A 19 3.60 9.30 6.73
N ASP A 20 4.80 9.72 6.35
CA ASP A 20 5.99 8.90 6.25
C ASP A 20 6.24 8.07 7.51
N ASP A 21 5.86 8.61 8.66
CA ASP A 21 6.01 7.97 9.97
C ASP A 21 4.94 6.91 10.21
N VAL A 22 3.91 6.81 9.38
CA VAL A 22 2.72 6.01 9.66
C VAL A 22 2.41 5.12 8.46
N TYR A 23 1.85 3.93 8.66
CA TYR A 23 1.66 3.05 7.53
C TYR A 23 0.50 3.54 6.68
N VAL A 24 0.55 3.27 5.37
CA VAL A 24 -0.52 3.66 4.46
C VAL A 24 -1.87 3.19 5.00
N LEU A 25 -1.95 1.99 5.58
CA LEU A 25 -3.19 1.47 6.14
C LEU A 25 -3.67 2.28 7.35
N ASP A 26 -2.76 2.84 8.17
CA ASP A 26 -3.09 3.46 9.44
C ASP A 26 -3.95 4.69 9.21
N GLN A 27 -3.35 5.71 8.58
CA GLN A 27 -4.06 6.95 8.27
C GLN A 27 -5.29 6.64 7.42
N ALA A 28 -5.19 5.66 6.52
CA ALA A 28 -6.37 5.21 5.80
C ALA A 28 -7.52 4.92 6.75
N GLU A 29 -7.35 4.01 7.70
CA GLU A 29 -8.40 3.72 8.66
C GLU A 29 -8.79 4.97 9.45
N GLU A 30 -7.84 5.84 9.80
CA GLU A 30 -8.17 7.14 10.40
C GLU A 30 -9.18 7.91 9.55
N GLU A 31 -9.05 7.87 8.23
CA GLU A 31 -9.97 8.59 7.34
C GLU A 31 -11.26 7.79 7.15
N GLY A 32 -11.13 6.47 7.25
CA GLY A 32 -12.22 5.51 7.12
C GLY A 32 -12.02 4.59 5.91
N ILE A 33 -10.81 4.58 5.33
CA ILE A 33 -10.48 3.71 4.21
C ILE A 33 -10.27 2.29 4.70
N ASP A 34 -11.18 1.41 4.30
CA ASP A 34 -11.14 -0.02 4.56
C ASP A 34 -10.27 -0.70 3.48
N ILE A 35 -9.00 -0.98 3.76
CA ILE A 35 -8.14 -1.72 2.84
C ILE A 35 -8.30 -3.23 3.08
N PRO A 36 -7.99 -4.06 2.08
CA PRO A 36 -8.22 -5.49 2.15
C PRO A 36 -7.18 -6.17 3.03
N TYR A 37 -7.49 -6.34 4.32
CA TYR A 37 -6.62 -7.01 5.29
C TYR A 37 -6.78 -8.53 5.22
N SER A 38 -5.69 -9.23 5.55
CA SER A 38 -5.69 -10.68 5.77
C SER A 38 -5.07 -11.01 7.14
N CYS A 39 -4.02 -10.26 7.50
CA CYS A 39 -3.05 -10.61 8.54
C CYS A 39 -2.47 -9.37 9.22
N ARG A 40 -2.29 -8.28 8.47
CA ARG A 40 -1.52 -7.06 8.74
C ARG A 40 -0.39 -7.18 9.80
N ALA A 41 0.85 -7.35 9.32
CA ALA A 41 2.04 -7.49 10.15
C ALA A 41 3.33 -7.29 9.34
N GLY A 42 3.41 -7.88 8.15
CA GLY A 42 4.59 -7.88 7.30
C GLY A 42 5.33 -9.21 7.39
N SER A 43 4.62 -10.31 7.03
CA SER A 43 5.13 -11.67 6.86
C SER A 43 3.94 -12.59 6.58
N CYS A 44 3.52 -12.71 5.32
CA CYS A 44 2.39 -13.51 4.89
C CYS A 44 2.60 -13.96 3.44
N SER A 45 1.55 -14.44 2.77
CA SER A 45 1.60 -14.90 1.38
C SER A 45 0.33 -14.41 0.70
N SER A 46 0.05 -13.13 0.91
CA SER A 46 -1.22 -12.49 0.64
C SER A 46 -0.93 -10.98 0.61
N CYS A 47 -1.96 -10.18 0.31
CA CYS A 47 -2.00 -8.73 0.37
C CYS A 47 -1.03 -8.03 -0.59
N ALA A 48 -1.56 -7.02 -1.30
CA ALA A 48 -0.74 -6.06 -2.01
C ALA A 48 -1.60 -4.97 -2.61
N GLY A 49 -0.91 -3.94 -3.09
CA GLY A 49 -1.39 -2.94 -4.00
C GLY A 49 -0.36 -2.73 -5.10
N LYS A 50 -0.76 -2.08 -6.19
CA LYS A 50 0.03 -1.82 -7.37
C LYS A 50 0.58 -0.39 -7.31
N VAL A 51 1.89 -0.22 -7.11
CA VAL A 51 2.53 1.09 -7.16
C VAL A 51 2.37 1.64 -8.58
N VAL A 52 1.58 2.70 -8.73
CA VAL A 52 1.39 3.38 -10.01
C VAL A 52 2.51 4.40 -10.22
N SER A 53 2.87 5.15 -9.17
CA SER A 53 3.92 6.16 -9.24
C SER A 53 4.49 6.39 -7.85
N GLY A 54 5.26 7.47 -7.68
CA GLY A 54 5.93 7.80 -6.43
C GLY A 54 6.87 6.68 -5.97
N SER A 55 7.17 6.65 -4.67
CA SER A 55 7.85 5.55 -4.00
C SER A 55 7.28 5.46 -2.59
N ILE A 56 7.33 4.28 -1.98
CA ILE A 56 7.10 4.06 -0.57
C ILE A 56 8.20 3.10 -0.10
N ASP A 57 8.39 2.97 1.22
CA ASP A 57 9.26 1.99 1.81
C ASP A 57 8.36 0.93 2.42
N GLN A 58 8.45 -0.30 1.91
CA GLN A 58 7.87 -1.47 2.53
C GLN A 58 9.00 -2.36 3.03
N SER A 59 9.92 -1.82 3.83
CA SER A 59 10.92 -2.63 4.52
C SER A 59 10.21 -3.79 5.25
N ASP A 60 9.13 -3.47 5.94
CA ASP A 60 8.30 -4.40 6.69
C ASP A 60 7.35 -5.17 5.75
N GLN A 61 7.82 -5.63 4.59
CA GLN A 61 6.96 -6.27 3.60
C GLN A 61 6.60 -7.71 3.95
N SER A 62 5.52 -8.20 3.32
CA SER A 62 5.00 -9.54 3.51
C SER A 62 5.96 -10.58 2.96
N PHE A 63 6.06 -10.65 1.64
CA PHE A 63 6.89 -11.63 0.95
C PHE A 63 7.20 -11.19 -0.48
N LEU A 64 6.85 -9.95 -0.88
CA LEU A 64 6.86 -9.64 -2.29
C LEU A 64 8.25 -9.80 -2.86
N ASP A 65 8.33 -10.35 -4.06
CA ASP A 65 9.61 -10.54 -4.72
C ASP A 65 9.98 -9.27 -5.48
N ASP A 66 11.25 -9.18 -5.87
CA ASP A 66 11.79 -8.10 -6.68
C ASP A 66 10.96 -7.97 -7.95
N GLU A 67 10.58 -9.11 -8.51
CA GLU A 67 9.73 -9.18 -9.68
C GLU A 67 8.47 -8.37 -9.44
N GLN A 68 7.67 -8.76 -8.46
CA GLN A 68 6.45 -8.05 -8.09
C GLN A 68 6.71 -6.56 -7.88
N MET A 69 7.68 -6.20 -7.06
CA MET A 69 8.02 -4.80 -6.84
C MET A 69 8.23 -4.06 -8.17
N ASP A 70 9.21 -4.51 -8.96
CA ASP A 70 9.58 -3.92 -10.25
C ASP A 70 8.38 -3.86 -11.19
N ALA A 71 7.62 -4.96 -11.20
CA ALA A 71 6.43 -5.17 -12.01
C ALA A 71 5.33 -4.16 -11.63
N GLY A 72 5.39 -3.61 -10.42
CA GLY A 72 4.55 -2.51 -10.01
C GLY A 72 3.80 -2.78 -8.72
N TYR A 73 4.30 -3.63 -7.81
CA TYR A 73 3.54 -4.04 -6.62
C TYR A 73 4.19 -3.70 -5.28
N VAL A 74 3.41 -3.81 -4.20
CA VAL A 74 3.79 -3.35 -2.86
C VAL A 74 2.84 -3.99 -1.85
N LEU A 75 3.27 -4.33 -0.62
CA LEU A 75 2.32 -4.82 0.38
C LEU A 75 1.34 -3.69 0.77
N THR A 76 0.09 -4.00 1.13
CA THR A 76 -0.93 -2.97 1.40
C THR A 76 -1.23 -2.85 2.91
N CYS A 77 -0.19 -3.01 3.73
CA CYS A 77 -0.22 -3.05 5.18
C CYS A 77 0.92 -2.17 5.68
N HIS A 78 2.02 -2.77 6.17
CA HIS A 78 3.15 -2.06 6.75
C HIS A 78 4.04 -1.41 5.68
N ALA A 79 3.53 -0.38 5.00
CA ALA A 79 4.30 0.43 4.05
C ALA A 79 4.24 1.89 4.46
N TYR A 80 5.37 2.62 4.38
CA TYR A 80 5.52 4.02 4.75
C TYR A 80 5.68 4.88 3.49
N PRO A 81 4.85 5.91 3.30
CA PRO A 81 4.93 6.77 2.13
C PRO A 81 6.12 7.73 2.22
N THR A 82 7.13 7.56 1.38
CA THR A 82 8.35 8.36 1.43
C THR A 82 8.14 9.70 0.71
N SER A 83 7.13 9.78 -0.15
CA SER A 83 6.77 10.96 -0.92
C SER A 83 5.30 10.86 -1.27
N ASP A 84 4.78 11.83 -2.03
CA ASP A 84 3.52 11.68 -2.73
C ASP A 84 3.60 10.45 -3.62
N VAL A 85 2.50 9.70 -3.69
CA VAL A 85 2.53 8.36 -4.25
C VAL A 85 1.14 7.88 -4.65
N VAL A 86 1.07 7.19 -5.79
CA VAL A 86 -0.16 6.62 -6.31
C VAL A 86 0.01 5.11 -6.30
N ILE A 87 -0.94 4.41 -5.69
CA ILE A 87 -0.97 2.98 -5.64
C ILE A 87 -2.43 2.50 -5.82
N GLU A 88 -2.63 1.29 -6.34
CA GLU A 88 -3.93 0.64 -6.43
C GLU A 88 -4.04 -0.42 -5.34
N THR A 89 -5.05 -0.41 -4.49
CA THR A 89 -5.18 -1.44 -3.45
C THR A 89 -5.84 -2.70 -4.04
N HIS A 90 -5.99 -3.77 -3.25
CA HIS A 90 -6.71 -4.99 -3.65
C HIS A 90 -5.96 -5.78 -4.73
N LYS A 91 -4.70 -6.16 -4.47
CA LYS A 91 -3.85 -6.84 -5.46
C LYS A 91 -3.23 -8.12 -4.93
N GLU A 92 -3.94 -8.84 -4.07
CA GLU A 92 -3.52 -10.17 -3.64
C GLU A 92 -3.44 -11.10 -4.84
N GLU A 93 -4.57 -11.44 -5.45
CA GLU A 93 -4.61 -12.32 -6.61
C GLU A 93 -4.30 -11.55 -7.91
N GLU A 94 -3.18 -10.83 -7.88
CA GLU A 94 -2.55 -10.04 -8.91
C GLU A 94 -1.02 -10.19 -8.82
N ILE A 95 -0.47 -10.22 -7.60
CA ILE A 95 0.95 -10.45 -7.40
C ILE A 95 1.33 -11.92 -7.58
N VAL A 96 0.53 -12.85 -7.05
CA VAL A 96 0.75 -14.27 -7.24
C VAL A 96 0.14 -14.72 -8.57
FE1 FES B . -0.21 -9.87 5.67
FE2 FES B . -0.76 -7.56 4.66
S1 FES B . -2.20 -9.16 5.07
S2 FES B . 0.99 -8.06 5.84
N ALA A 1 6.79 13.12 5.31
CA ALA A 1 6.05 14.18 6.01
C ALA A 1 4.68 14.40 5.38
N THR A 2 3.79 13.46 5.67
CA THR A 2 2.35 13.62 5.55
C THR A 2 1.91 13.89 4.11
N TYR A 3 2.03 12.85 3.28
CA TYR A 3 1.86 12.98 1.84
C TYR A 3 0.48 12.56 1.37
N ASN A 4 0.12 13.04 0.19
CA ASN A 4 -1.14 12.79 -0.49
C ASN A 4 -1.07 11.44 -1.20
N VAL A 5 -1.35 10.36 -0.48
CA VAL A 5 -1.31 9.03 -1.06
C VAL A 5 -2.64 8.76 -1.75
N LYS A 6 -2.62 8.35 -3.03
CA LYS A 6 -3.82 7.87 -3.68
C LYS A 6 -3.89 6.36 -3.68
N LEU A 7 -5.07 5.84 -3.29
CA LEU A 7 -5.44 4.45 -3.41
C LEU A 7 -6.51 4.35 -4.48
N ILE A 8 -6.19 3.75 -5.63
CA ILE A 8 -7.12 3.51 -6.72
C ILE A 8 -7.91 2.26 -6.34
N THR A 9 -8.98 2.48 -5.59
CA THR A 9 -9.88 1.43 -5.18
C THR A 9 -10.95 1.22 -6.26
N PRO A 10 -11.56 0.03 -6.36
CA PRO A 10 -12.55 -0.32 -7.38
C PRO A 10 -13.71 0.66 -7.41
N ASP A 11 -14.09 1.14 -6.22
CA ASP A 11 -15.07 2.17 -5.94
C ASP A 11 -14.85 3.39 -6.82
N GLY A 12 -13.58 3.71 -7.02
CA GLY A 12 -13.10 4.73 -7.92
C GLY A 12 -12.27 5.76 -7.17
N GLU A 13 -11.15 5.29 -6.58
CA GLU A 13 -10.14 6.06 -5.87
C GLU A 13 -10.68 6.62 -4.54
N VAL A 14 -9.77 6.98 -3.62
CA VAL A 14 -10.11 7.69 -2.39
C VAL A 14 -9.23 8.93 -2.19
N GLU A 15 -7.92 8.72 -2.04
CA GLU A 15 -6.92 9.77 -1.84
C GLU A 15 -6.94 10.34 -0.42
N PHE A 16 -5.78 10.37 0.25
CA PHE A 16 -5.71 10.65 1.69
C PHE A 16 -4.30 11.02 2.16
N LYS A 17 -4.18 11.52 3.40
CA LYS A 17 -2.92 11.95 3.98
C LYS A 17 -2.29 10.87 4.84
N CYS A 18 -1.08 10.45 4.45
CA CYS A 18 -0.32 9.41 5.14
C CYS A 18 1.08 9.89 5.52
N ASP A 19 1.47 9.71 6.78
CA ASP A 19 2.77 10.13 7.30
C ASP A 19 3.85 9.14 6.90
N ASP A 20 5.07 9.63 6.71
CA ASP A 20 6.19 8.75 6.40
C ASP A 20 6.51 7.80 7.57
N ASP A 21 6.05 8.15 8.77
CA ASP A 21 6.24 7.36 9.98
C ASP A 21 5.13 6.34 10.18
N VAL A 22 4.10 6.30 9.32
CA VAL A 22 2.90 5.50 9.56
C VAL A 22 2.50 4.74 8.30
N TYR A 23 1.82 3.60 8.47
CA TYR A 23 1.50 2.75 7.34
C TYR A 23 0.34 3.29 6.53
N VAL A 24 0.27 2.90 5.26
CA VAL A 24 -0.81 3.26 4.34
C VAL A 24 -2.09 2.46 4.63
N LEU A 25 -2.50 2.43 5.89
CA LEU A 25 -3.74 1.81 6.32
C LEU A 25 -4.16 2.51 7.59
N ASP A 26 -3.25 2.60 8.56
CA ASP A 26 -3.46 3.32 9.82
C ASP A 26 -4.05 4.71 9.57
N GLN A 27 -3.31 5.54 8.84
CA GLN A 27 -3.76 6.89 8.49
C GLN A 27 -4.88 6.89 7.43
N ALA A 28 -5.24 5.74 6.88
CA ALA A 28 -6.30 5.61 5.89
C ALA A 28 -7.63 5.40 6.59
N GLU A 29 -7.68 4.45 7.53
CA GLU A 29 -8.85 4.15 8.32
C GLU A 29 -9.39 5.41 8.99
N GLU A 30 -8.50 6.29 9.47
CA GLU A 30 -8.93 7.55 10.06
C GLU A 30 -9.76 8.41 9.10
N GLU A 31 -9.41 8.37 7.81
CA GLU A 31 -10.15 9.12 6.80
C GLU A 31 -11.42 8.36 6.43
N GLY A 32 -11.38 7.05 6.61
CA GLY A 32 -12.48 6.12 6.42
C GLY A 32 -12.14 5.06 5.37
N ILE A 33 -10.87 4.96 4.96
CA ILE A 33 -10.50 4.00 3.94
C ILE A 33 -10.47 2.58 4.52
N ASP A 34 -11.28 1.69 3.94
CA ASP A 34 -11.20 0.27 4.15
C ASP A 34 -10.39 -0.33 2.99
N ILE A 35 -9.20 -0.88 3.28
CA ILE A 35 -8.49 -1.75 2.40
C ILE A 35 -8.64 -3.14 3.04
N PRO A 36 -8.89 -4.19 2.26
CA PRO A 36 -8.99 -5.53 2.77
C PRO A 36 -7.57 -5.98 3.10
N TYR A 37 -7.29 -6.21 4.39
CA TYR A 37 -6.08 -6.89 4.83
C TYR A 37 -6.11 -8.32 4.28
N SER A 38 -6.54 -9.28 5.10
CA SER A 38 -6.39 -10.73 4.98
C SER A 38 -5.52 -11.18 6.16
N CYS A 39 -4.25 -10.77 6.18
CA CYS A 39 -3.27 -11.08 7.22
C CYS A 39 -2.87 -9.81 7.99
N ARG A 40 -1.91 -9.94 8.90
CA ARG A 40 -1.28 -8.87 9.67
C ARG A 40 0.03 -9.42 10.22
N ALA A 41 1.01 -8.52 10.41
CA ALA A 41 2.34 -8.77 10.96
C ALA A 41 3.31 -9.27 9.89
N GLY A 42 4.02 -8.34 9.25
CA GLY A 42 4.97 -8.56 8.15
C GLY A 42 5.77 -9.86 8.28
N SER A 43 6.02 -10.51 7.15
CA SER A 43 6.39 -11.91 6.97
C SER A 43 5.10 -12.73 6.81
N CYS A 44 4.19 -12.23 5.97
CA CYS A 44 2.86 -12.75 5.76
C CYS A 44 2.51 -12.61 4.27
N SER A 45 1.91 -13.64 3.69
CA SER A 45 1.72 -13.78 2.25
C SER A 45 0.26 -13.57 1.86
N SER A 46 -0.20 -12.32 1.81
CA SER A 46 -1.49 -11.94 1.28
C SER A 46 -1.43 -10.45 1.00
N CYS A 47 -2.58 -9.83 0.69
CA CYS A 47 -2.73 -8.39 0.47
C CYS A 47 -1.87 -7.92 -0.70
N ALA A 48 -1.97 -6.62 -1.06
CA ALA A 48 -1.06 -5.89 -1.94
C ALA A 48 -1.76 -4.72 -2.62
N GLY A 49 -0.95 -3.88 -3.27
CA GLY A 49 -1.39 -2.88 -4.22
C GLY A 49 -0.37 -2.73 -5.35
N LYS A 50 -0.76 -2.07 -6.45
CA LYS A 50 0.06 -1.81 -7.62
C LYS A 50 0.54 -0.35 -7.59
N VAL A 51 1.84 -0.12 -7.40
CA VAL A 51 2.46 1.19 -7.49
C VAL A 51 2.22 1.76 -8.90
N VAL A 52 1.50 2.88 -8.99
CA VAL A 52 1.29 3.60 -10.25
C VAL A 52 2.35 4.70 -10.40
N SER A 53 2.59 5.48 -9.35
CA SER A 53 3.58 6.56 -9.39
C SER A 53 3.99 6.90 -7.97
N GLY A 54 5.02 7.73 -7.82
CA GLY A 54 5.70 7.98 -6.55
C GLY A 54 6.51 6.75 -6.12
N SER A 55 6.86 6.67 -4.84
CA SER A 55 7.41 5.47 -4.23
C SER A 55 7.15 5.50 -2.74
N ILE A 56 7.38 4.36 -2.10
CA ILE A 56 7.20 4.08 -0.69
C ILE A 56 8.28 3.08 -0.26
N ASP A 57 8.52 2.95 1.05
CA ASP A 57 9.39 1.95 1.63
C ASP A 57 8.51 0.89 2.28
N GLN A 58 8.53 -0.33 1.73
CA GLN A 58 7.84 -1.48 2.29
C GLN A 58 8.82 -2.58 2.71
N SER A 59 10.07 -2.22 3.07
CA SER A 59 11.11 -3.20 3.33
C SER A 59 10.74 -4.21 4.43
N ASP A 60 9.97 -3.79 5.44
CA ASP A 60 9.57 -4.62 6.59
C ASP A 60 8.89 -5.93 6.16
N GLN A 61 8.14 -5.89 5.06
CA GLN A 61 7.12 -6.86 4.70
C GLN A 61 7.56 -8.31 4.65
N SER A 62 8.82 -8.56 4.26
CA SER A 62 9.39 -9.89 4.01
C SER A 62 8.40 -10.83 3.27
N PHE A 63 7.93 -10.41 2.08
CA PHE A 63 7.04 -11.19 1.23
C PHE A 63 7.29 -10.87 -0.25
N LEU A 64 6.90 -9.68 -0.75
CA LEU A 64 6.89 -9.46 -2.20
C LEU A 64 8.26 -9.75 -2.82
N ASP A 65 8.23 -10.38 -3.99
CA ASP A 65 9.44 -10.71 -4.72
C ASP A 65 9.94 -9.50 -5.48
N ASP A 66 11.20 -9.58 -5.94
CA ASP A 66 11.80 -8.59 -6.81
C ASP A 66 10.89 -8.39 -8.02
N GLU A 67 10.41 -9.51 -8.57
CA GLU A 67 9.53 -9.53 -9.72
C GLU A 67 8.34 -8.61 -9.47
N GLN A 68 7.54 -8.92 -8.44
CA GLN A 68 6.38 -8.14 -8.07
C GLN A 68 6.73 -6.67 -7.89
N MET A 69 7.74 -6.34 -7.08
CA MET A 69 8.14 -4.95 -6.91
C MET A 69 8.42 -4.27 -8.25
N ASP A 70 9.37 -4.82 -9.03
CA ASP A 70 9.77 -4.30 -10.33
C ASP A 70 8.56 -4.13 -11.25
N ALA A 71 7.70 -5.15 -11.22
CA ALA A 71 6.49 -5.26 -12.01
C ALA A 71 5.48 -4.16 -11.66
N GLY A 72 5.62 -3.55 -10.47
CA GLY A 72 4.85 -2.40 -10.07
C GLY A 72 3.98 -2.71 -8.86
N TYR A 73 4.36 -3.65 -7.99
CA TYR A 73 3.55 -4.04 -6.84
C TYR A 73 4.15 -3.63 -5.50
N VAL A 74 3.29 -3.65 -4.47
CA VAL A 74 3.53 -3.09 -3.16
C VAL A 74 2.59 -3.77 -2.16
N LEU A 75 2.84 -3.58 -0.86
CA LEU A 75 2.16 -4.24 0.25
C LEU A 75 1.44 -3.21 1.12
N THR A 76 0.12 -3.14 1.02
CA THR A 76 -0.72 -2.07 1.55
C THR A 76 -0.98 -2.23 3.05
N CYS A 77 0.07 -2.48 3.84
CA CYS A 77 -0.05 -2.96 5.20
C CYS A 77 1.12 -2.45 6.04
N HIS A 78 2.33 -2.81 5.61
CA HIS A 78 3.60 -2.46 6.22
C HIS A 78 4.39 -1.69 5.18
N ALA A 79 3.88 -0.52 4.79
CA ALA A 79 4.51 0.33 3.79
C ALA A 79 4.40 1.78 4.23
N TYR A 80 5.49 2.52 4.13
CA TYR A 80 5.62 3.90 4.55
C TYR A 80 5.73 4.80 3.31
N PRO A 81 4.84 5.80 3.17
CA PRO A 81 4.86 6.72 2.06
C PRO A 81 6.02 7.71 2.18
N THR A 82 6.98 7.64 1.25
CA THR A 82 8.16 8.49 1.28
C THR A 82 7.89 9.80 0.54
N SER A 83 6.85 9.86 -0.28
CA SER A 83 6.39 11.03 -1.00
C SER A 83 4.91 10.85 -1.33
N ASP A 84 4.32 11.82 -2.02
CA ASP A 84 3.06 11.65 -2.75
C ASP A 84 3.23 10.44 -3.68
N VAL A 85 2.38 9.44 -3.51
CA VAL A 85 2.42 8.18 -4.25
C VAL A 85 1.00 7.82 -4.67
N VAL A 86 0.90 7.23 -5.86
CA VAL A 86 -0.33 6.73 -6.43
C VAL A 86 -0.16 5.23 -6.53
N ILE A 87 -1.09 4.47 -5.95
CA ILE A 87 -1.07 3.03 -5.96
C ILE A 87 -2.52 2.53 -6.11
N GLU A 88 -2.70 1.33 -6.66
CA GLU A 88 -3.99 0.63 -6.69
C GLU A 88 -4.01 -0.39 -5.57
N THR A 89 -4.96 -0.33 -4.64
CA THR A 89 -5.10 -1.32 -3.57
C THR A 89 -5.69 -2.64 -4.10
N HIS A 90 -5.92 -3.62 -3.23
CA HIS A 90 -6.68 -4.85 -3.51
C HIS A 90 -5.98 -5.76 -4.54
N LYS A 91 -4.68 -6.03 -4.39
CA LYS A 91 -3.88 -6.75 -5.38
C LYS A 91 -3.28 -8.05 -4.88
N GLU A 92 -3.78 -8.57 -3.74
CA GLU A 92 -3.45 -9.89 -3.24
C GLU A 92 -3.39 -10.88 -4.40
N GLU A 93 -4.57 -11.14 -4.96
CA GLU A 93 -4.72 -12.12 -6.01
C GLU A 93 -4.27 -11.60 -7.40
N GLU A 94 -3.48 -10.51 -7.45
CA GLU A 94 -2.81 -10.05 -8.65
C GLU A 94 -1.29 -10.18 -8.51
N ILE A 95 -0.74 -10.33 -7.29
CA ILE A 95 0.69 -10.52 -7.13
C ILE A 95 1.08 -12.00 -7.16
N VAL A 96 0.33 -12.84 -6.45
CA VAL A 96 0.65 -14.26 -6.36
C VAL A 96 0.11 -15.00 -7.59
FE1 FES B . 0.16 -9.52 5.53
FE2 FES B . -0.73 -7.56 4.30
S1 FES B . 0.95 -8.75 3.67
S2 FES B . -0.74 -7.75 6.44
N ALA A 1 6.62 13.53 5.15
CA ALA A 1 5.85 14.42 6.02
C ALA A 1 4.43 14.61 5.49
N THR A 2 3.58 13.63 5.79
CA THR A 2 2.14 13.67 5.57
C THR A 2 1.77 13.94 4.11
N TYR A 3 1.90 12.91 3.26
CA TYR A 3 1.72 13.02 1.82
C TYR A 3 0.34 12.57 1.37
N ASN A 4 -0.05 13.04 0.18
CA ASN A 4 -1.31 12.73 -0.49
C ASN A 4 -1.18 11.40 -1.21
N VAL A 5 -1.38 10.30 -0.48
CA VAL A 5 -1.28 8.97 -1.07
C VAL A 5 -2.59 8.65 -1.78
N LYS A 6 -2.54 8.36 -3.09
CA LYS A 6 -3.71 7.80 -3.73
C LYS A 6 -3.73 6.29 -3.68
N LEU A 7 -4.90 5.76 -3.29
CA LEU A 7 -5.24 4.37 -3.35
C LEU A 7 -6.32 4.21 -4.40
N ILE A 8 -5.98 3.64 -5.56
CA ILE A 8 -6.93 3.22 -6.56
C ILE A 8 -7.55 1.92 -6.04
N THR A 9 -8.69 2.06 -5.35
CA THR A 9 -9.48 0.96 -4.86
C THR A 9 -10.50 0.58 -5.93
N PRO A 10 -11.00 -0.67 -5.92
CA PRO A 10 -11.99 -1.17 -6.87
C PRO A 10 -13.22 -0.25 -6.98
N ASP A 11 -13.63 0.28 -5.82
CA ASP A 11 -14.68 1.26 -5.62
C ASP A 11 -14.54 2.42 -6.61
N GLY A 12 -13.29 2.80 -6.83
CA GLY A 12 -12.89 3.80 -7.79
C GLY A 12 -12.17 4.94 -7.07
N GLU A 13 -10.99 4.61 -6.51
CA GLU A 13 -10.08 5.50 -5.80
C GLU A 13 -10.63 5.97 -4.47
N VAL A 14 -9.75 6.50 -3.62
CA VAL A 14 -10.13 7.19 -2.40
C VAL A 14 -9.26 8.44 -2.17
N GLU A 15 -7.95 8.24 -2.03
CA GLU A 15 -6.96 9.29 -1.82
C GLU A 15 -7.01 9.83 -0.40
N PHE A 16 -5.84 9.92 0.27
CA PHE A 16 -5.79 10.23 1.68
C PHE A 16 -4.42 10.70 2.13
N LYS A 17 -4.33 11.24 3.37
CA LYS A 17 -3.09 11.76 3.90
C LYS A 17 -2.40 10.71 4.77
N CYS A 18 -1.14 10.42 4.43
CA CYS A 18 -0.35 9.42 5.15
C CYS A 18 1.03 9.94 5.51
N ASP A 19 1.36 9.90 6.81
CA ASP A 19 2.65 10.25 7.36
C ASP A 19 3.70 9.24 6.90
N ASP A 20 4.88 9.73 6.55
CA ASP A 20 6.08 8.94 6.30
C ASP A 20 6.46 8.08 7.49
N ASP A 21 6.08 8.51 8.70
CA ASP A 21 6.30 7.80 9.94
C ASP A 21 5.19 6.79 10.24
N VAL A 22 4.17 6.65 9.38
CA VAL A 22 3.03 5.77 9.63
C VAL A 22 2.72 4.92 8.40
N TYR A 23 2.07 3.77 8.61
CA TYR A 23 1.83 2.84 7.54
C TYR A 23 0.68 3.29 6.65
N VAL A 24 0.72 2.96 5.35
CA VAL A 24 -0.39 3.16 4.42
C VAL A 24 -1.52 2.17 4.70
N LEU A 25 -2.08 2.28 5.90
CA LEU A 25 -3.18 1.50 6.41
C LEU A 25 -3.68 2.23 7.64
N ASP A 26 -2.79 2.56 8.58
CA ASP A 26 -3.18 3.18 9.85
C ASP A 26 -4.00 4.44 9.61
N GLN A 27 -3.36 5.45 8.98
CA GLN A 27 -4.06 6.67 8.60
C GLN A 27 -5.25 6.36 7.70
N ALA A 28 -5.13 5.31 6.89
CA ALA A 28 -6.20 4.90 6.01
C ALA A 28 -7.45 4.57 6.84
N GLU A 29 -7.36 3.62 7.78
CA GLU A 29 -8.44 3.27 8.68
C GLU A 29 -8.98 4.54 9.36
N GLU A 30 -8.08 5.46 9.77
CA GLU A 30 -8.48 6.78 10.30
C GLU A 30 -9.40 7.55 9.34
N GLU A 31 -9.09 7.57 8.05
CA GLU A 31 -9.93 8.32 7.09
C GLU A 31 -11.19 7.52 6.77
N GLY A 32 -11.10 6.20 6.94
CA GLY A 32 -12.18 5.24 6.77
C GLY A 32 -11.86 4.20 5.69
N ILE A 33 -10.60 4.14 5.24
CA ILE A 33 -10.20 3.24 4.18
C ILE A 33 -10.07 1.81 4.69
N ASP A 34 -10.97 0.94 4.23
CA ASP A 34 -10.93 -0.49 4.54
C ASP A 34 -10.09 -1.20 3.49
N ILE A 35 -8.76 -1.03 3.53
CA ILE A 35 -7.89 -1.78 2.60
C ILE A 35 -8.07 -3.28 2.86
N PRO A 36 -7.72 -4.14 1.90
CA PRO A 36 -7.96 -5.58 2.00
C PRO A 36 -6.92 -6.26 2.90
N TYR A 37 -6.87 -5.85 4.17
CA TYR A 37 -5.95 -6.41 5.14
C TYR A 37 -6.51 -7.71 5.75
N SER A 38 -5.62 -8.50 6.34
CA SER A 38 -6.01 -9.56 7.27
C SER A 38 -4.96 -9.78 8.38
N CYS A 39 -3.93 -8.93 8.48
CA CYS A 39 -2.88 -9.06 9.49
C CYS A 39 -2.31 -7.69 9.90
N ARG A 40 -1.51 -7.04 9.04
CA ARG A 40 -0.62 -5.93 9.33
C ARG A 40 0.61 -6.36 10.15
N ALA A 41 1.54 -7.12 9.53
CA ALA A 41 2.85 -7.52 10.03
C ALA A 41 3.54 -8.52 9.07
N GLY A 42 4.02 -8.08 7.90
CA GLY A 42 4.80 -8.89 6.99
C GLY A 42 4.24 -10.28 6.64
N SER A 43 4.73 -11.34 7.30
CA SER A 43 4.76 -12.70 6.75
C SER A 43 3.39 -13.38 6.65
N CYS A 44 2.55 -12.96 5.70
CA CYS A 44 1.16 -13.38 5.56
C CYS A 44 0.79 -13.65 4.09
N SER A 45 -0.48 -13.46 3.73
CA SER A 45 -0.97 -13.47 2.36
C SER A 45 -2.29 -12.69 2.29
N SER A 46 -2.27 -11.38 2.54
CA SER A 46 -3.46 -10.52 2.41
C SER A 46 -3.05 -9.06 2.21
N CYS A 47 -2.36 -8.75 1.12
CA CYS A 47 -1.71 -7.45 0.94
C CYS A 47 -1.85 -7.01 -0.53
N ALA A 48 -0.83 -6.28 -1.00
CA ALA A 48 -0.47 -6.10 -2.39
C ALA A 48 -1.30 -5.04 -3.09
N GLY A 49 -0.59 -4.10 -3.72
CA GLY A 49 -1.12 -3.06 -4.55
C GLY A 49 -0.11 -2.71 -5.63
N LYS A 50 -0.57 -2.12 -6.75
CA LYS A 50 0.24 -1.76 -7.89
C LYS A 50 0.73 -0.32 -7.75
N VAL A 51 2.02 -0.12 -7.54
CA VAL A 51 2.65 1.19 -7.56
C VAL A 51 2.44 1.81 -8.94
N VAL A 52 1.62 2.87 -9.02
CA VAL A 52 1.39 3.58 -10.27
C VAL A 52 2.47 4.63 -10.47
N SER A 53 2.84 5.35 -9.40
CA SER A 53 3.87 6.38 -9.47
C SER A 53 4.44 6.62 -8.07
N GLY A 54 5.21 7.69 -7.91
CA GLY A 54 5.90 8.01 -6.67
C GLY A 54 6.79 6.86 -6.18
N SER A 55 7.03 6.79 -4.87
CA SER A 55 7.68 5.67 -4.22
C SER A 55 7.27 5.67 -2.76
N ILE A 56 7.33 4.50 -2.12
CA ILE A 56 7.15 4.28 -0.70
C ILE A 56 8.15 3.21 -0.30
N ASP A 57 8.39 3.03 1.00
CA ASP A 57 9.29 2.01 1.53
C ASP A 57 8.42 0.96 2.21
N GLN A 58 8.49 -0.28 1.74
CA GLN A 58 7.84 -1.43 2.36
C GLN A 58 8.87 -2.35 3.02
N SER A 59 9.84 -1.79 3.77
CA SER A 59 10.93 -2.56 4.36
C SER A 59 10.47 -3.62 5.38
N ASP A 60 9.20 -3.62 5.81
CA ASP A 60 8.61 -4.72 6.56
C ASP A 60 8.67 -6.00 5.70
N GLN A 61 7.99 -5.93 4.56
CA GLN A 61 8.03 -6.85 3.44
C GLN A 61 7.30 -8.16 3.74
N SER A 62 6.14 -8.35 3.12
CA SER A 62 5.27 -9.47 3.41
C SER A 62 5.68 -10.71 2.64
N PHE A 63 5.27 -10.79 1.38
CA PHE A 63 5.58 -11.93 0.52
C PHE A 63 5.79 -11.51 -0.94
N LEU A 64 5.84 -10.20 -1.24
CA LEU A 64 6.14 -9.79 -2.60
C LEU A 64 7.59 -10.14 -2.92
N ASP A 65 7.83 -10.56 -4.17
CA ASP A 65 9.17 -10.85 -4.66
C ASP A 65 9.72 -9.61 -5.36
N ASP A 66 11.04 -9.64 -5.64
CA ASP A 66 11.76 -8.57 -6.30
C ASP A 66 11.08 -8.28 -7.64
N GLU A 67 10.71 -9.35 -8.34
CA GLU A 67 10.02 -9.27 -9.62
C GLU A 67 8.81 -8.37 -9.50
N GLN A 68 7.87 -8.73 -8.62
CA GLN A 68 6.66 -7.98 -8.38
C GLN A 68 6.97 -6.52 -8.01
N MET A 69 7.87 -6.30 -7.05
CA MET A 69 8.28 -4.95 -6.72
C MET A 69 8.71 -4.16 -7.95
N ASP A 70 9.74 -4.64 -8.66
CA ASP A 70 10.29 -4.00 -9.85
C ASP A 70 9.19 -3.77 -10.89
N ALA A 71 8.36 -4.79 -11.06
CA ALA A 71 7.24 -4.84 -11.99
C ALA A 71 6.19 -3.77 -11.67
N GLY A 72 6.15 -3.30 -10.42
CA GLY A 72 5.34 -2.16 -10.01
C GLY A 72 4.35 -2.56 -8.93
N TYR A 73 4.71 -3.45 -8.00
CA TYR A 73 3.84 -3.83 -6.89
C TYR A 73 4.43 -3.46 -5.52
N VAL A 74 3.60 -3.40 -4.49
CA VAL A 74 3.98 -3.02 -3.14
C VAL A 74 2.92 -3.53 -2.16
N LEU A 75 3.30 -3.94 -0.94
CA LEU A 75 2.30 -4.24 0.08
C LEU A 75 1.58 -2.98 0.56
N THR A 76 0.45 -3.12 1.27
CA THR A 76 -0.42 -2.00 1.63
C THR A 76 -0.85 -2.10 3.10
N CYS A 77 0.11 -2.47 3.96
CA CYS A 77 -0.14 -2.89 5.34
C CYS A 77 0.88 -2.27 6.28
N HIS A 78 2.16 -2.48 5.97
CA HIS A 78 3.31 -1.89 6.65
C HIS A 78 4.24 -1.24 5.62
N ALA A 79 3.70 -0.28 4.85
CA ALA A 79 4.46 0.51 3.90
C ALA A 79 4.43 1.96 4.36
N TYR A 80 5.56 2.66 4.28
CA TYR A 80 5.74 4.05 4.70
C TYR A 80 5.83 4.95 3.47
N PRO A 81 4.94 5.93 3.33
CA PRO A 81 4.88 6.79 2.16
C PRO A 81 6.01 7.82 2.17
N THR A 82 6.91 7.76 1.19
CA THR A 82 8.06 8.65 1.15
C THR A 82 7.76 9.92 0.35
N SER A 83 6.68 9.93 -0.44
CA SER A 83 6.19 11.09 -1.17
C SER A 83 4.70 10.87 -1.48
N ASP A 84 4.09 11.81 -2.21
CA ASP A 84 2.77 11.71 -2.81
C ASP A 84 2.76 10.62 -3.87
N VAL A 85 2.55 9.39 -3.40
CA VAL A 85 2.51 8.18 -4.21
C VAL A 85 1.10 7.96 -4.77
N VAL A 86 1.04 7.23 -5.89
CA VAL A 86 -0.19 6.70 -6.46
C VAL A 86 0.01 5.19 -6.52
N ILE A 87 -0.90 4.42 -5.93
CA ILE A 87 -0.87 2.97 -5.91
C ILE A 87 -2.31 2.47 -6.10
N GLU A 88 -2.49 1.26 -6.66
CA GLU A 88 -3.77 0.57 -6.71
C GLU A 88 -3.82 -0.51 -5.63
N THR A 89 -4.86 -0.57 -4.79
CA THR A 89 -4.95 -1.59 -3.74
C THR A 89 -5.64 -2.84 -4.31
N HIS A 90 -5.77 -3.92 -3.51
CA HIS A 90 -6.48 -5.15 -3.88
C HIS A 90 -5.78 -5.88 -5.03
N LYS A 91 -4.49 -6.20 -4.86
CA LYS A 91 -3.69 -6.84 -5.90
C LYS A 91 -3.09 -8.17 -5.45
N GLU A 92 -3.56 -8.72 -4.33
CA GLU A 92 -3.19 -10.03 -3.83
C GLU A 92 -3.24 -11.03 -4.99
N GLU A 93 -4.43 -11.22 -5.55
CA GLU A 93 -4.65 -12.11 -6.68
C GLU A 93 -4.33 -11.42 -8.02
N GLU A 94 -3.42 -10.44 -8.05
CA GLU A 94 -2.85 -9.86 -9.27
C GLU A 94 -1.31 -9.91 -9.25
N ILE A 95 -0.67 -10.18 -8.10
CA ILE A 95 0.77 -10.39 -8.04
C ILE A 95 1.15 -11.86 -8.23
N VAL A 96 0.38 -12.76 -7.62
CA VAL A 96 0.61 -14.20 -7.75
C VAL A 96 0.18 -14.67 -9.15
FE1 FES B . -0.19 -9.17 6.43
FE2 FES B . -0.59 -7.46 4.70
S1 FES B . 1.08 -7.43 6.08
S2 FES B . -2.13 -8.52 5.85
N ALA A 1 5.97 14.57 7.96
CA ALA A 1 5.96 15.20 6.62
C ALA A 1 4.57 15.25 5.99
N THR A 2 3.94 14.08 5.76
CA THR A 2 2.55 13.93 5.35
C THR A 2 2.38 14.15 3.85
N TYR A 3 2.04 13.08 3.12
CA TYR A 3 1.96 13.08 1.66
C TYR A 3 0.57 12.66 1.19
N ASN A 4 0.23 13.11 -0.03
CA ASN A 4 -0.96 12.81 -0.79
C ASN A 4 -0.80 11.42 -1.39
N VAL A 5 -1.39 10.40 -0.76
CA VAL A 5 -1.35 9.05 -1.28
C VAL A 5 -2.70 8.74 -1.91
N LYS A 6 -2.72 8.46 -3.22
CA LYS A 6 -3.90 7.92 -3.86
C LYS A 6 -3.92 6.41 -3.74
N LEU A 7 -5.07 5.90 -3.29
CA LEU A 7 -5.39 4.50 -3.35
C LEU A 7 -6.49 4.31 -4.40
N ILE A 8 -6.14 3.82 -5.59
CA ILE A 8 -7.11 3.46 -6.60
C ILE A 8 -7.78 2.18 -6.10
N THR A 9 -8.92 2.36 -5.43
CA THR A 9 -9.76 1.27 -4.97
C THR A 9 -10.82 1.01 -6.03
N PRO A 10 -11.38 -0.20 -6.09
CA PRO A 10 -12.44 -0.56 -7.02
C PRO A 10 -13.65 0.38 -6.92
N ASP A 11 -13.90 0.88 -5.70
CA ASP A 11 -14.90 1.86 -5.34
C ASP A 11 -14.81 3.11 -6.20
N GLY A 12 -13.57 3.44 -6.58
CA GLY A 12 -13.23 4.52 -7.46
C GLY A 12 -12.40 5.57 -6.73
N GLU A 13 -11.24 5.13 -6.24
CA GLU A 13 -10.17 5.93 -5.65
C GLU A 13 -10.49 6.50 -4.28
N VAL A 14 -9.46 6.57 -3.44
CA VAL A 14 -9.45 7.31 -2.19
C VAL A 14 -8.05 7.91 -2.01
N GLU A 15 -7.91 9.18 -2.40
CA GLU A 15 -6.79 10.01 -1.96
C GLU A 15 -6.94 10.31 -0.47
N PHE A 16 -5.82 10.19 0.25
CA PHE A 16 -5.76 10.48 1.67
C PHE A 16 -4.36 10.94 2.06
N LYS A 17 -4.20 11.44 3.30
CA LYS A 17 -2.94 12.00 3.75
C LYS A 17 -2.26 11.01 4.68
N CYS A 18 -1.06 10.59 4.28
CA CYS A 18 -0.30 9.58 5.00
C CYS A 18 1.05 10.11 5.41
N ASP A 19 1.35 10.00 6.70
CA ASP A 19 2.62 10.40 7.26
C ASP A 19 3.72 9.44 6.87
N ASP A 20 4.89 10.03 6.70
CA ASP A 20 6.17 9.38 6.45
C ASP A 20 6.53 8.39 7.56
N ASP A 21 5.98 8.60 8.75
CA ASP A 21 6.24 7.81 9.95
C ASP A 21 5.08 6.86 10.25
N VAL A 22 4.11 6.68 9.35
CA VAL A 22 2.94 5.87 9.62
C VAL A 22 2.63 4.95 8.44
N TYR A 23 1.89 3.87 8.70
CA TYR A 23 1.58 2.87 7.70
C TYR A 23 0.46 3.36 6.79
N VAL A 24 0.57 3.12 5.48
CA VAL A 24 -0.45 3.54 4.52
C VAL A 24 -1.85 3.09 4.99
N LEU A 25 -1.98 1.82 5.37
CA LEU A 25 -3.23 1.26 5.88
C LEU A 25 -3.78 1.99 7.11
N ASP A 26 -2.90 2.44 8.01
CA ASP A 26 -3.30 2.91 9.33
C ASP A 26 -4.10 4.19 9.17
N GLN A 27 -3.42 5.21 8.66
CA GLN A 27 -4.06 6.48 8.40
C GLN A 27 -5.25 6.30 7.46
N ALA A 28 -5.11 5.45 6.43
CA ALA A 28 -6.22 5.15 5.54
C ALA A 28 -7.48 4.76 6.33
N GLU A 29 -7.39 3.70 7.14
CA GLU A 29 -8.53 3.29 7.94
C GLU A 29 -9.00 4.46 8.84
N GLU A 30 -8.07 5.24 9.42
CA GLU A 30 -8.42 6.45 10.14
C GLU A 30 -9.29 7.41 9.32
N GLU A 31 -9.00 7.58 8.03
CA GLU A 31 -9.78 8.47 7.18
C GLU A 31 -11.11 7.81 6.84
N GLY A 32 -11.13 6.47 6.88
CA GLY A 32 -12.30 5.63 6.70
C GLY A 32 -12.11 4.71 5.49
N ILE A 33 -10.89 4.59 4.98
CA ILE A 33 -10.62 3.80 3.80
C ILE A 33 -10.62 2.30 4.14
N ASP A 34 -11.56 1.58 3.56
CA ASP A 34 -11.69 0.15 3.74
C ASP A 34 -10.69 -0.60 2.85
N ILE A 35 -9.40 -0.40 3.10
CA ILE A 35 -8.38 -1.18 2.39
C ILE A 35 -8.50 -2.65 2.82
N PRO A 36 -8.03 -3.59 1.99
CA PRO A 36 -8.01 -5.00 2.32
C PRO A 36 -6.93 -5.26 3.37
N TYR A 37 -7.21 -4.90 4.63
CA TYR A 37 -6.32 -5.07 5.77
C TYR A 37 -5.89 -6.53 5.92
N SER A 38 -6.84 -7.43 6.20
CA SER A 38 -6.61 -8.87 6.33
C SER A 38 -5.71 -9.18 7.55
N CYS A 39 -4.69 -10.02 7.41
CA CYS A 39 -3.61 -10.13 8.41
C CYS A 39 -2.93 -8.78 8.60
N ARG A 40 -2.02 -8.67 9.58
CA ARG A 40 -1.06 -7.58 9.57
C ARG A 40 0.15 -8.00 10.40
N ALA A 41 1.23 -8.38 9.70
CA ALA A 41 2.47 -8.85 10.32
C ALA A 41 3.68 -8.73 9.38
N GLY A 42 3.49 -8.97 8.07
CA GLY A 42 4.60 -8.97 7.13
C GLY A 42 5.27 -10.34 7.15
N SER A 43 4.62 -11.31 6.50
CA SER A 43 5.07 -12.70 6.37
C SER A 43 4.08 -13.55 5.57
N CYS A 44 2.80 -13.20 5.54
CA CYS A 44 1.79 -13.97 4.81
C CYS A 44 2.04 -13.87 3.29
N SER A 45 1.18 -14.52 2.52
CA SER A 45 1.15 -14.42 1.07
C SER A 45 -0.29 -14.12 0.64
N SER A 46 -0.75 -12.90 0.97
CA SER A 46 -2.02 -12.36 0.53
C SER A 46 -1.96 -10.84 0.76
N CYS A 47 -2.93 -10.11 0.21
CA CYS A 47 -3.04 -8.65 0.26
C CYS A 47 -1.90 -7.98 -0.54
N ALA A 48 -2.20 -6.81 -1.15
CA ALA A 48 -1.28 -6.02 -1.96
C ALA A 48 -2.02 -4.93 -2.71
N GLY A 49 -1.22 -4.03 -3.30
CA GLY A 49 -1.64 -3.03 -4.25
C GLY A 49 -0.59 -2.87 -5.34
N LYS A 50 -0.95 -2.21 -6.44
CA LYS A 50 -0.12 -1.92 -7.59
C LYS A 50 0.38 -0.48 -7.53
N VAL A 51 1.66 -0.25 -7.25
CA VAL A 51 2.28 1.06 -7.32
C VAL A 51 2.15 1.58 -8.76
N VAL A 52 1.31 2.59 -8.98
CA VAL A 52 1.21 3.28 -10.26
C VAL A 52 2.39 4.26 -10.39
N SER A 53 2.66 5.03 -9.34
CA SER A 53 3.77 5.97 -9.33
C SER A 53 4.07 6.39 -7.89
N GLY A 54 5.09 7.22 -7.72
CA GLY A 54 5.59 7.63 -6.42
C GLY A 54 6.76 6.76 -5.97
N SER A 55 7.06 6.78 -4.67
CA SER A 55 7.97 5.86 -4.04
C SER A 55 7.62 5.80 -2.56
N ILE A 56 7.78 4.63 -1.97
CA ILE A 56 7.47 4.33 -0.58
C ILE A 56 8.52 3.33 -0.11
N ASP A 57 8.64 3.17 1.20
CA ASP A 57 9.50 2.16 1.79
C ASP A 57 8.60 1.09 2.40
N GLN A 58 8.58 -0.10 1.79
CA GLN A 58 7.93 -1.27 2.34
C GLN A 58 8.95 -2.27 2.92
N SER A 59 10.14 -1.81 3.32
CA SER A 59 11.19 -2.69 3.84
C SER A 59 10.94 -3.15 5.29
N ASP A 60 9.67 -3.29 5.70
CA ASP A 60 9.25 -3.73 7.03
C ASP A 60 8.30 -4.93 6.90
N GLN A 61 8.23 -5.55 5.70
CA GLN A 61 7.14 -6.42 5.32
C GLN A 61 7.53 -7.88 5.08
N SER A 62 8.72 -8.15 4.51
CA SER A 62 9.16 -9.48 4.12
C SER A 62 8.08 -10.35 3.43
N PHE A 63 7.60 -9.93 2.25
CA PHE A 63 6.76 -10.74 1.38
C PHE A 63 7.11 -10.50 -0.08
N LEU A 64 6.72 -9.35 -0.66
CA LEU A 64 6.83 -9.17 -2.10
C LEU A 64 8.22 -9.49 -2.62
N ASP A 65 8.26 -10.13 -3.78
CA ASP A 65 9.51 -10.43 -4.43
C ASP A 65 9.99 -9.23 -5.24
N ASP A 66 11.24 -9.30 -5.70
CA ASP A 66 11.84 -8.30 -6.55
C ASP A 66 10.95 -8.08 -7.77
N GLU A 67 10.49 -9.20 -8.34
CA GLU A 67 9.62 -9.22 -9.49
C GLU A 67 8.41 -8.34 -9.24
N GLN A 68 7.61 -8.68 -8.24
CA GLN A 68 6.41 -7.94 -7.89
C GLN A 68 6.71 -6.45 -7.68
N MET A 69 7.73 -6.11 -6.89
CA MET A 69 8.09 -4.73 -6.71
C MET A 69 8.35 -4.04 -8.06
N ASP A 70 9.33 -4.54 -8.82
CA ASP A 70 9.73 -3.98 -10.11
C ASP A 70 8.54 -3.86 -11.05
N ALA A 71 7.71 -4.91 -11.03
CA ALA A 71 6.52 -5.06 -11.85
C ALA A 71 5.46 -4.01 -11.54
N GLY A 72 5.53 -3.37 -10.36
CA GLY A 72 4.65 -2.29 -9.99
C GLY A 72 3.80 -2.65 -8.79
N TYR A 73 4.24 -3.50 -7.86
CA TYR A 73 3.43 -3.90 -6.72
C TYR A 73 4.03 -3.50 -5.38
N VAL A 74 3.18 -3.50 -4.35
CA VAL A 74 3.54 -3.22 -2.97
C VAL A 74 2.62 -4.09 -2.11
N LEU A 75 3.12 -4.67 -1.02
CA LEU A 75 2.25 -5.31 -0.05
C LEU A 75 1.63 -4.21 0.81
N THR A 76 0.32 -4.28 1.09
CA THR A 76 -0.41 -3.28 1.86
C THR A 76 0.18 -3.15 3.27
N CYS A 77 0.22 -4.27 4.00
CA CYS A 77 0.75 -4.32 5.36
C CYS A 77 2.23 -3.93 5.34
N HIS A 78 2.61 -2.93 6.14
CA HIS A 78 3.99 -2.50 6.31
C HIS A 78 4.52 -1.72 5.10
N ALA A 79 4.00 -0.49 4.91
CA ALA A 79 4.43 0.45 3.89
C ALA A 79 4.42 1.87 4.47
N TYR A 80 5.52 2.61 4.34
CA TYR A 80 5.69 4.00 4.76
C TYR A 80 5.85 4.89 3.51
N PRO A 81 4.99 5.90 3.32
CA PRO A 81 5.04 6.75 2.15
C PRO A 81 6.19 7.75 2.23
N THR A 82 7.02 7.86 1.17
CA THR A 82 8.18 8.76 1.19
C THR A 82 7.95 10.03 0.37
N SER A 83 6.89 10.07 -0.45
CA SER A 83 6.43 11.26 -1.17
C SER A 83 4.96 11.03 -1.49
N ASP A 84 4.35 11.95 -2.25
CA ASP A 84 3.06 11.72 -2.88
C ASP A 84 3.20 10.50 -3.80
N VAL A 85 2.29 9.54 -3.64
CA VAL A 85 2.35 8.24 -4.32
C VAL A 85 0.97 7.88 -4.84
N VAL A 86 0.95 7.08 -5.89
CA VAL A 86 -0.27 6.55 -6.49
C VAL A 86 -0.12 5.04 -6.54
N ILE A 87 -1.05 4.34 -5.90
CA ILE A 87 -1.10 2.88 -5.89
C ILE A 87 -2.55 2.47 -6.09
N GLU A 88 -2.81 1.29 -6.66
CA GLU A 88 -4.12 0.66 -6.71
C GLU A 88 -4.20 -0.42 -5.63
N THR A 89 -5.25 -0.46 -4.80
CA THR A 89 -5.35 -1.48 -3.75
C THR A 89 -6.05 -2.72 -4.32
N HIS A 90 -6.19 -3.79 -3.51
CA HIS A 90 -6.92 -5.00 -3.84
C HIS A 90 -6.22 -5.81 -4.93
N LYS A 91 -4.94 -6.15 -4.72
CA LYS A 91 -4.08 -6.80 -5.71
C LYS A 91 -3.45 -8.08 -5.20
N GLU A 92 -4.08 -8.67 -4.18
CA GLU A 92 -3.77 -9.99 -3.65
C GLU A 92 -3.61 -10.96 -4.82
N GLU A 93 -4.72 -11.33 -5.47
CA GLU A 93 -4.69 -12.27 -6.58
C GLU A 93 -4.30 -11.56 -7.91
N GLU A 94 -3.36 -10.61 -7.85
CA GLU A 94 -2.63 -10.07 -8.99
C GLU A 94 -1.12 -10.25 -8.80
N ILE A 95 -0.61 -10.25 -7.55
CA ILE A 95 0.80 -10.46 -7.29
C ILE A 95 1.18 -11.95 -7.25
N VAL A 96 0.39 -12.79 -6.56
CA VAL A 96 0.72 -14.19 -6.39
C VAL A 96 0.25 -14.98 -7.62
FE1 FES B . -0.84 -10.47 5.43
FE2 FES B . -1.31 -8.04 4.53
S1 FES B . -2.75 -9.62 4.94
S2 FES B . 0.67 -9.03 4.86
N ALA A 1 6.36 12.15 7.85
CA ALA A 1 6.22 13.42 7.10
C ALA A 1 4.79 13.87 6.74
N THR A 2 4.01 13.00 6.09
CA THR A 2 2.59 13.19 5.70
C THR A 2 2.45 13.64 4.25
N TYR A 3 2.03 12.73 3.37
CA TYR A 3 1.93 12.96 1.93
C TYR A 3 0.59 12.52 1.35
N ASN A 4 0.24 13.13 0.22
CA ASN A 4 -0.85 12.81 -0.68
C ASN A 4 -0.64 11.40 -1.24
N VAL A 5 -1.28 10.41 -0.65
CA VAL A 5 -1.28 9.06 -1.20
C VAL A 5 -2.63 8.79 -1.84
N LYS A 6 -2.66 8.53 -3.16
CA LYS A 6 -3.84 8.01 -3.80
C LYS A 6 -3.88 6.49 -3.71
N LEU A 7 -5.04 5.99 -3.27
CA LEU A 7 -5.39 4.60 -3.31
C LEU A 7 -6.48 4.39 -4.35
N ILE A 8 -6.12 3.82 -5.51
CA ILE A 8 -7.07 3.49 -6.56
C ILE A 8 -7.73 2.19 -6.12
N THR A 9 -8.80 2.34 -5.33
CA THR A 9 -9.60 1.24 -4.87
C THR A 9 -10.68 0.94 -5.91
N PRO A 10 -11.18 -0.30 -5.98
CA PRO A 10 -12.18 -0.71 -6.96
C PRO A 10 -13.43 0.16 -6.94
N ASP A 11 -13.80 0.62 -5.73
CA ASP A 11 -14.85 1.57 -5.43
C ASP A 11 -14.77 2.79 -6.34
N GLY A 12 -13.53 3.20 -6.60
CA GLY A 12 -13.18 4.23 -7.56
C GLY A 12 -12.39 5.33 -6.88
N GLU A 13 -11.22 4.96 -6.34
CA GLU A 13 -10.26 5.82 -5.66
C GLU A 13 -10.80 6.35 -4.33
N VAL A 14 -9.89 6.83 -3.48
CA VAL A 14 -10.24 7.56 -2.26
C VAL A 14 -9.33 8.78 -2.10
N GLU A 15 -8.02 8.53 -2.02
CA GLU A 15 -6.97 9.52 -1.76
C GLU A 15 -7.01 10.05 -0.34
N PHE A 16 -5.83 10.18 0.29
CA PHE A 16 -5.73 10.56 1.69
C PHE A 16 -4.31 11.02 2.04
N LYS A 17 -4.11 11.50 3.28
CA LYS A 17 -2.79 11.89 3.74
C LYS A 17 -2.23 10.75 4.58
N CYS A 18 -1.06 10.25 4.20
CA CYS A 18 -0.41 9.16 4.91
C CYS A 18 0.96 9.61 5.39
N ASP A 19 1.21 9.45 6.68
CA ASP A 19 2.49 9.79 7.29
C ASP A 19 3.53 8.81 6.78
N ASP A 20 4.69 9.32 6.38
CA ASP A 20 5.86 8.46 6.13
C ASP A 20 6.11 7.59 7.36
N ASP A 21 5.75 8.13 8.52
CA ASP A 21 5.92 7.53 9.81
C ASP A 21 4.97 6.33 10.02
N VAL A 22 3.94 6.17 9.17
CA VAL A 22 2.85 5.23 9.39
C VAL A 22 2.56 4.39 8.15
N TYR A 23 1.87 3.26 8.33
CA TYR A 23 1.51 2.38 7.22
C TYR A 23 0.37 2.96 6.39
N VAL A 24 0.39 2.69 5.09
CA VAL A 24 -0.69 3.06 4.17
C VAL A 24 -1.88 2.11 4.34
N LEU A 25 -2.45 2.13 5.53
CA LEU A 25 -3.57 1.32 5.96
C LEU A 25 -4.07 1.95 7.24
N ASP A 26 -3.19 2.00 8.25
CA ASP A 26 -3.50 2.41 9.60
C ASP A 26 -4.24 3.76 9.57
N GLN A 27 -3.58 4.76 8.97
CA GLN A 27 -4.11 6.09 8.85
C GLN A 27 -5.21 6.18 7.76
N ALA A 28 -5.26 5.22 6.84
CA ALA A 28 -6.31 5.15 5.85
C ALA A 28 -7.65 4.87 6.55
N GLU A 29 -7.66 3.82 7.38
CA GLU A 29 -8.82 3.47 8.18
C GLU A 29 -9.27 4.67 9.02
N GLU A 30 -8.33 5.44 9.59
CA GLU A 30 -8.65 6.68 10.28
C GLU A 30 -9.46 7.65 9.42
N GLU A 31 -9.15 7.76 8.13
CA GLU A 31 -9.89 8.65 7.24
C GLU A 31 -11.23 7.99 6.85
N GLY A 32 -11.24 6.67 6.90
CA GLY A 32 -12.41 5.83 6.66
C GLY A 32 -12.16 4.85 5.51
N ILE A 33 -10.91 4.74 5.05
CA ILE A 33 -10.61 3.89 3.91
C ILE A 33 -10.54 2.42 4.31
N ASP A 34 -11.26 1.57 3.57
CA ASP A 34 -11.11 0.12 3.62
C ASP A 34 -10.00 -0.28 2.63
N ILE A 35 -8.98 -1.00 3.10
CA ILE A 35 -8.03 -1.73 2.30
C ILE A 35 -8.15 -3.17 2.82
N PRO A 36 -7.95 -4.20 1.99
CA PRO A 36 -8.22 -5.59 2.33
C PRO A 36 -7.08 -6.16 3.20
N TYR A 37 -6.93 -5.61 4.40
CA TYR A 37 -5.76 -5.79 5.24
C TYR A 37 -5.61 -7.21 5.79
N SER A 38 -6.72 -7.92 6.02
CA SER A 38 -6.71 -9.32 6.43
C SER A 38 -5.92 -9.58 7.72
N CYS A 39 -4.61 -9.75 7.59
CA CYS A 39 -3.62 -10.11 8.60
C CYS A 39 -2.94 -8.81 9.09
N ARG A 40 -1.73 -8.87 9.70
CA ARG A 40 -0.94 -7.67 9.99
C ARG A 40 0.51 -8.01 10.39
N ALA A 41 1.29 -8.68 9.53
CA ALA A 41 2.64 -9.13 9.89
C ALA A 41 3.68 -9.04 8.77
N GLY A 42 3.38 -8.40 7.63
CA GLY A 42 4.28 -8.30 6.49
C GLY A 42 4.51 -9.64 5.80
N SER A 43 5.20 -10.57 6.46
CA SER A 43 5.54 -11.89 5.92
C SER A 43 4.31 -12.80 5.94
N CYS A 44 3.31 -12.44 5.14
CA CYS A 44 1.99 -13.02 5.12
C CYS A 44 1.40 -12.69 3.75
N SER A 45 0.57 -13.58 3.20
CA SER A 45 0.18 -13.54 1.79
C SER A 45 -1.22 -12.96 1.60
N SER A 46 -1.36 -11.64 1.54
CA SER A 46 -2.61 -11.03 1.11
C SER A 46 -2.41 -9.58 0.64
N CYS A 47 -3.40 -8.71 0.89
CA CYS A 47 -3.31 -7.25 0.79
C CYS A 47 -2.84 -6.81 -0.59
N ALA A 48 -1.65 -6.19 -0.63
CA ALA A 48 -0.91 -5.80 -1.80
C ALA A 48 -1.62 -4.73 -2.63
N GLY A 49 -0.80 -3.90 -3.29
CA GLY A 49 -1.28 -2.89 -4.19
C GLY A 49 -0.28 -2.64 -5.30
N LYS A 50 -0.76 -2.09 -6.42
CA LYS A 50 0.01 -1.82 -7.61
C LYS A 50 0.50 -0.38 -7.59
N VAL A 51 1.81 -0.17 -7.41
CA VAL A 51 2.45 1.12 -7.48
C VAL A 51 2.24 1.69 -8.89
N VAL A 52 1.38 2.69 -9.02
CA VAL A 52 1.14 3.37 -10.29
C VAL A 52 2.25 4.39 -10.54
N SER A 53 2.71 5.05 -9.48
CA SER A 53 3.83 5.98 -9.55
C SER A 53 4.41 6.12 -8.14
N GLY A 54 5.21 7.16 -7.90
CA GLY A 54 5.69 7.49 -6.57
C GLY A 54 6.78 6.53 -6.07
N SER A 55 7.16 6.65 -4.80
CA SER A 55 8.12 5.76 -4.15
C SER A 55 7.77 5.70 -2.66
N ILE A 56 7.66 4.49 -2.10
CA ILE A 56 7.38 4.26 -0.71
C ILE A 56 8.27 3.11 -0.27
N ASP A 57 8.63 3.06 1.02
CA ASP A 57 9.52 2.08 1.57
C ASP A 57 8.67 1.02 2.25
N GLN A 58 8.67 -0.19 1.70
CA GLN A 58 8.03 -1.34 2.30
C GLN A 58 9.07 -2.29 2.90
N SER A 59 10.12 -1.79 3.56
CA SER A 59 11.10 -2.64 4.23
C SER A 59 10.43 -3.70 5.10
N ASP A 60 9.33 -3.32 5.77
CA ASP A 60 8.59 -4.19 6.68
C ASP A 60 7.77 -5.26 5.94
N GLN A 61 7.90 -5.37 4.61
CA GLN A 61 7.23 -6.35 3.78
C GLN A 61 7.58 -7.78 4.20
N SER A 62 8.85 -8.15 4.11
CA SER A 62 9.32 -9.53 4.17
C SER A 62 8.38 -10.53 3.46
N PHE A 63 7.82 -10.14 2.30
CA PHE A 63 6.86 -10.94 1.53
C PHE A 63 7.08 -10.75 0.04
N LEU A 64 6.76 -9.58 -0.52
CA LEU A 64 6.80 -9.42 -1.98
C LEU A 64 8.20 -9.77 -2.50
N ASP A 65 8.26 -10.38 -3.67
CA ASP A 65 9.51 -10.66 -4.34
C ASP A 65 9.91 -9.49 -5.24
N ASP A 66 11.17 -9.50 -5.66
CA ASP A 66 11.77 -8.47 -6.49
C ASP A 66 10.93 -8.30 -7.75
N GLU A 67 10.49 -9.43 -8.30
CA GLU A 67 9.65 -9.49 -9.48
C GLU A 67 8.44 -8.57 -9.27
N GLN A 68 7.64 -8.86 -8.25
CA GLN A 68 6.46 -8.07 -7.92
C GLN A 68 6.81 -6.60 -7.73
N MET A 69 7.86 -6.29 -6.97
CA MET A 69 8.27 -4.90 -6.79
C MET A 69 8.50 -4.23 -8.15
N ASP A 70 9.44 -4.77 -8.94
CA ASP A 70 9.81 -4.25 -10.26
C ASP A 70 8.59 -4.11 -11.15
N ALA A 71 7.75 -5.16 -11.11
CA ALA A 71 6.54 -5.30 -11.88
C ALA A 71 5.51 -4.22 -11.55
N GLY A 72 5.62 -3.58 -10.38
CA GLY A 72 4.80 -2.44 -10.02
C GLY A 72 3.96 -2.74 -8.81
N TYR A 73 4.41 -3.55 -7.84
CA TYR A 73 3.62 -3.89 -6.66
C TYR A 73 4.29 -3.48 -5.35
N VAL A 74 3.49 -3.36 -4.29
CA VAL A 74 3.94 -2.99 -2.96
C VAL A 74 2.97 -3.55 -1.93
N LEU A 75 3.43 -3.85 -0.72
CA LEU A 75 2.55 -4.26 0.37
C LEU A 75 1.91 -3.01 0.97
N THR A 76 0.58 -2.90 0.96
CA THR A 76 -0.11 -1.73 1.48
C THR A 76 -0.02 -1.68 3.01
N CYS A 77 -0.27 -2.83 3.64
CA CYS A 77 -0.28 -3.03 5.08
C CYS A 77 1.05 -2.67 5.72
N HIS A 78 2.16 -2.92 5.02
CA HIS A 78 3.50 -2.55 5.45
C HIS A 78 4.22 -1.77 4.34
N ALA A 79 3.80 -0.52 4.13
CA ALA A 79 4.51 0.46 3.32
C ALA A 79 4.48 1.81 4.00
N TYR A 80 5.59 2.55 3.91
CA TYR A 80 5.76 3.89 4.46
C TYR A 80 5.92 4.89 3.29
N PRO A 81 5.01 5.86 3.16
CA PRO A 81 4.98 6.79 2.04
C PRO A 81 6.06 7.86 2.15
N THR A 82 7.10 7.80 1.30
CA THR A 82 8.22 8.71 1.41
C THR A 82 7.98 10.00 0.60
N SER A 83 6.96 10.00 -0.26
CA SER A 83 6.51 11.15 -1.03
C SER A 83 5.03 10.97 -1.32
N ASP A 84 4.44 11.90 -2.07
CA ASP A 84 3.14 11.73 -2.68
C ASP A 84 3.21 10.58 -3.67
N VAL A 85 2.35 9.58 -3.50
CA VAL A 85 2.40 8.33 -4.29
C VAL A 85 1.01 7.96 -4.79
N VAL A 86 0.99 7.18 -5.88
CA VAL A 86 -0.21 6.68 -6.51
C VAL A 86 -0.07 5.16 -6.55
N ILE A 87 -0.99 4.45 -5.89
CA ILE A 87 -1.02 3.00 -5.87
C ILE A 87 -2.47 2.54 -6.01
N GLU A 88 -2.69 1.34 -6.55
CA GLU A 88 -3.99 0.67 -6.57
C GLU A 88 -4.02 -0.39 -5.46
N THR A 89 -5.00 -0.39 -4.57
CA THR A 89 -5.09 -1.44 -3.55
C THR A 89 -5.77 -2.70 -4.12
N HIS A 90 -5.91 -3.75 -3.30
CA HIS A 90 -6.64 -4.98 -3.63
C HIS A 90 -5.91 -5.79 -4.70
N LYS A 91 -4.64 -6.14 -4.46
CA LYS A 91 -3.79 -6.81 -5.44
C LYS A 91 -3.21 -8.14 -4.94
N GLU A 92 -3.75 -8.64 -3.83
CA GLU A 92 -3.56 -9.98 -3.31
C GLU A 92 -3.46 -11.01 -4.45
N GLU A 93 -4.56 -11.37 -5.11
CA GLU A 93 -4.52 -12.24 -6.28
C GLU A 93 -4.19 -11.47 -7.57
N GLU A 94 -3.27 -10.50 -7.52
CA GLU A 94 -2.55 -9.99 -8.67
C GLU A 94 -1.03 -10.19 -8.50
N ILE A 95 -0.51 -10.20 -7.27
CA ILE A 95 0.90 -10.40 -7.04
C ILE A 95 1.32 -11.88 -7.09
N VAL A 96 0.60 -12.75 -6.38
CA VAL A 96 1.00 -14.14 -6.25
C VAL A 96 0.53 -14.94 -7.47
FE1 FES B . -0.65 -9.87 5.77
FE2 FES B . -0.98 -7.59 4.65
S1 FES B . -1.12 -8.03 6.72
S2 FES B . -0.20 -9.37 3.70
#